data_1BH9
# 
_entry.id   1BH9 
# 
_audit_conform.dict_name       mmcif_pdbx.dic 
_audit_conform.dict_version    5.385 
_audit_conform.dict_location   http://mmcif.pdb.org/dictionaries/ascii/mmcif_pdbx.dic 
# 
loop_
_database_2.database_id 
_database_2.database_code 
_database_2.pdbx_database_accession 
_database_2.pdbx_DOI 
PDB   1BH9         pdb_00001bh9 10.2210/pdb1bh9/pdb 
WWPDB D_1000171755 ?            ?                   
# 
loop_
_pdbx_audit_revision_history.ordinal 
_pdbx_audit_revision_history.data_content_type 
_pdbx_audit_revision_history.major_revision 
_pdbx_audit_revision_history.minor_revision 
_pdbx_audit_revision_history.revision_date 
1 'Structure model' 1 0 1999-06-22 
2 'Structure model' 1 1 2008-03-24 
3 'Structure model' 1 2 2011-07-13 
4 'Structure model' 1 3 2018-04-04 
5 'Structure model' 1 4 2018-04-11 
6 'Structure model' 1 5 2024-02-07 
# 
_pdbx_audit_revision_details.ordinal             1 
_pdbx_audit_revision_details.revision_ordinal    1 
_pdbx_audit_revision_details.data_content_type   'Structure model' 
_pdbx_audit_revision_details.provider            repository 
_pdbx_audit_revision_details.type                'Initial release' 
_pdbx_audit_revision_details.description         ? 
_pdbx_audit_revision_details.details             ? 
# 
loop_
_pdbx_audit_revision_group.ordinal 
_pdbx_audit_revision_group.revision_ordinal 
_pdbx_audit_revision_group.data_content_type 
_pdbx_audit_revision_group.group 
1 2 'Structure model' 'Version format compliance' 
2 3 'Structure model' 'Version format compliance' 
3 4 'Structure model' 'Data collection'           
4 5 'Structure model' 'Data collection'           
5 6 'Structure model' 'Data collection'           
6 6 'Structure model' 'Database references'       
7 6 'Structure model' 'Derived calculations'      
# 
loop_
_pdbx_audit_revision_category.ordinal 
_pdbx_audit_revision_category.revision_ordinal 
_pdbx_audit_revision_category.data_content_type 
_pdbx_audit_revision_category.category 
1 4 'Structure model' diffrn_source  
2 5 'Structure model' diffrn_source  
3 6 'Structure model' chem_comp_atom 
4 6 'Structure model' chem_comp_bond 
5 6 'Structure model' database_2     
6 6 'Structure model' struct_conn    
7 6 'Structure model' struct_site    
# 
loop_
_pdbx_audit_revision_item.ordinal 
_pdbx_audit_revision_item.revision_ordinal 
_pdbx_audit_revision_item.data_content_type 
_pdbx_audit_revision_item.item 
1  4 'Structure model' '_diffrn_source.type'                      
2  5 'Structure model' '_diffrn_source.pdbx_synchrotron_beamline' 
3  6 'Structure model' '_database_2.pdbx_DOI'                     
4  6 'Structure model' '_database_2.pdbx_database_accession'      
5  6 'Structure model' '_struct_conn.ptnr1_auth_comp_id'          
6  6 'Structure model' '_struct_conn.ptnr1_auth_seq_id'           
7  6 'Structure model' '_struct_conn.ptnr1_label_asym_id'         
8  6 'Structure model' '_struct_conn.ptnr1_label_atom_id'         
9  6 'Structure model' '_struct_conn.ptnr1_label_comp_id'         
10 6 'Structure model' '_struct_conn.ptnr1_label_seq_id'          
11 6 'Structure model' '_struct_conn.ptnr2_auth_comp_id'          
12 6 'Structure model' '_struct_conn.ptnr2_auth_seq_id'           
13 6 'Structure model' '_struct_conn.ptnr2_label_asym_id'         
14 6 'Structure model' '_struct_conn.ptnr2_label_atom_id'         
15 6 'Structure model' '_struct_conn.ptnr2_label_comp_id'         
16 6 'Structure model' '_struct_conn.ptnr2_label_seq_id'          
17 6 'Structure model' '_struct_site.pdbx_auth_asym_id'           
18 6 'Structure model' '_struct_site.pdbx_auth_comp_id'           
19 6 'Structure model' '_struct_site.pdbx_auth_seq_id'            
# 
_pdbx_database_status.status_code                     REL 
_pdbx_database_status.entry_id                        1BH9 
_pdbx_database_status.recvd_initial_deposition_date   1998-06-16 
_pdbx_database_status.deposit_site                    ? 
_pdbx_database_status.process_site                    BNL 
_pdbx_database_status.SG_entry                        . 
_pdbx_database_status.pdb_format_compatible           Y 
_pdbx_database_status.status_code_mr                  ? 
_pdbx_database_status.status_code_sf                  ? 
_pdbx_database_status.status_code_cs                  ? 
_pdbx_database_status.methods_development_category    ? 
_pdbx_database_status.status_code_nmr_data            ? 
# 
loop_
_audit_author.name 
_audit_author.pdbx_ordinal 
'Birck, C.'      1 
'Poch, O.'       2 
'Romier, C.'     3 
'Ruff, M.'       4 
'Mengus, G.'     5 
'Lavigne, A.-C.' 6 
'Davidson, I.'   7 
'Moras, D.'      8 
# 
_citation.id                        primary 
_citation.title                     
;Human TAF(II)28 and TAF(II)18 interact through a histone fold encoded by atypical evolutionary conserved motifs also found in the SPT3 family.
;
_citation.journal_abbrev            'Cell(Cambridge,Mass.)' 
_citation.journal_volume            94 
_citation.page_first                239 
_citation.page_last                 249 
_citation.year                      1998 
_citation.journal_id_ASTM           CELLB5 
_citation.country                   US 
_citation.journal_id_ISSN           0092-8674 
_citation.journal_id_CSD            0998 
_citation.book_publisher            ? 
_citation.pdbx_database_id_PubMed   9695952 
_citation.pdbx_database_id_DOI      '10.1016/S0092-8674(00)81423-3' 
# 
loop_
_citation_author.citation_id 
_citation_author.name 
_citation_author.ordinal 
_citation_author.identifier_ORCID 
primary 'Birck, C.'     1 ? 
primary 'Poch, O.'      2 ? 
primary 'Romier, C.'    3 ? 
primary 'Ruff, M.'      4 ? 
primary 'Mengus, G.'    5 ? 
primary 'Lavigne, A.C.' 6 ? 
primary 'Davidson, I.'  7 ? 
primary 'Moras, D.'     8 ? 
# 
loop_
_entity.id 
_entity.type 
_entity.src_method 
_entity.pdbx_description 
_entity.formula_weight 
_entity.pdbx_number_of_molecules 
_entity.pdbx_ec 
_entity.pdbx_mutation 
_entity.pdbx_fragment 
_entity.details 
1 polymer     man TAFII18                             5266.026  1  ? ? 'RESIDUES 31 - 75'   ? 
2 polymer     man TAFII28                             10121.784 1  ? ? 'RESIDUES 113 - 201' ? 
3 non-polymer syn 'PARA-MERCURY-BENZENESULFONIC ACID' 357.757   1  ? ? ?                    ? 
4 water       nat water                               18.015    64 ? ? ?                    ? 
# 
loop_
_entity_name_com.entity_id 
_entity_name_com.name 
1 'TRANSCRIPTION INITIATION FACTOR TFIID 18 KD SUBUNIT' 
2 'TRANSCRIPTION INITIATION FACTOR TFIID 28 KD SUBUNIT' 
# 
loop_
_entity_poly.entity_id 
_entity_poly.type 
_entity_poly.nstd_linkage 
_entity_poly.nstd_monomer 
_entity_poly.pdbx_seq_one_letter_code 
_entity_poly.pdbx_seq_one_letter_code_can 
_entity_poly.pdbx_strand_id 
_entity_poly.pdbx_target_identifier 
1 'polypeptide(L)' no no LFSKELRCMMYGFGDDQNPYTESVDILEDLVIEFITEMTHKAMSI                                                
LFSKELRCMMYGFGDDQNPYTESVDILEDLVIEFITEMTHKAMSI                                                A ? 
2 'polypeptide(L)' no no 
;FSEEQLNRYEMYRRSAFPKAAIKRLIQSITGTSVSQNVVIAMSGISKVFVGEVVEEALDVCEKWGEMPPLQPKHMREAVR
RLKSKGQIP
;
;FSEEQLNRYEMYRRSAFPKAAIKRLIQSITGTSVSQNVVIAMSGISKVFVGEVVEEALDVCEKWGEMPPLQPKHMREAVR
RLKSKGQIP
;
B ? 
# 
loop_
_pdbx_entity_nonpoly.entity_id 
_pdbx_entity_nonpoly.name 
_pdbx_entity_nonpoly.comp_id 
3 'PARA-MERCURY-BENZENESULFONIC ACID' PMB 
4 water                               HOH 
# 
loop_
_entity_poly_seq.entity_id 
_entity_poly_seq.num 
_entity_poly_seq.mon_id 
_entity_poly_seq.hetero 
1 1  LEU n 
1 2  PHE n 
1 3  SER n 
1 4  LYS n 
1 5  GLU n 
1 6  LEU n 
1 7  ARG n 
1 8  CYS n 
1 9  MET n 
1 10 MET n 
1 11 TYR n 
1 12 GLY n 
1 13 PHE n 
1 14 GLY n 
1 15 ASP n 
1 16 ASP n 
1 17 GLN n 
1 18 ASN n 
1 19 PRO n 
1 20 TYR n 
1 21 THR n 
1 22 GLU n 
1 23 SER n 
1 24 VAL n 
1 25 ASP n 
1 26 ILE n 
1 27 LEU n 
1 28 GLU n 
1 29 ASP n 
1 30 LEU n 
1 31 VAL n 
1 32 ILE n 
1 33 GLU n 
1 34 PHE n 
1 35 ILE n 
1 36 THR n 
1 37 GLU n 
1 38 MET n 
1 39 THR n 
1 40 HIS n 
1 41 LYS n 
1 42 ALA n 
1 43 MET n 
1 44 SER n 
1 45 ILE n 
2 1  PHE n 
2 2  SER n 
2 3  GLU n 
2 4  GLU n 
2 5  GLN n 
2 6  LEU n 
2 7  ASN n 
2 8  ARG n 
2 9  TYR n 
2 10 GLU n 
2 11 MET n 
2 12 TYR n 
2 13 ARG n 
2 14 ARG n 
2 15 SER n 
2 16 ALA n 
2 17 PHE n 
2 18 PRO n 
2 19 LYS n 
2 20 ALA n 
2 21 ALA n 
2 22 ILE n 
2 23 LYS n 
2 24 ARG n 
2 25 LEU n 
2 26 ILE n 
2 27 GLN n 
2 28 SER n 
2 29 ILE n 
2 30 THR n 
2 31 GLY n 
2 32 THR n 
2 33 SER n 
2 34 VAL n 
2 35 SER n 
2 36 GLN n 
2 37 ASN n 
2 38 VAL n 
2 39 VAL n 
2 40 ILE n 
2 41 ALA n 
2 42 MET n 
2 43 SER n 
2 44 GLY n 
2 45 ILE n 
2 46 SER n 
2 47 LYS n 
2 48 VAL n 
2 49 PHE n 
2 50 VAL n 
2 51 GLY n 
2 52 GLU n 
2 53 VAL n 
2 54 VAL n 
2 55 GLU n 
2 56 GLU n 
2 57 ALA n 
2 58 LEU n 
2 59 ASP n 
2 60 VAL n 
2 61 CYS n 
2 62 GLU n 
2 63 LYS n 
2 64 TRP n 
2 65 GLY n 
2 66 GLU n 
2 67 MET n 
2 68 PRO n 
2 69 PRO n 
2 70 LEU n 
2 71 GLN n 
2 72 PRO n 
2 73 LYS n 
2 74 HIS n 
2 75 MET n 
2 76 ARG n 
2 77 GLU n 
2 78 ALA n 
2 79 VAL n 
2 80 ARG n 
2 81 ARG n 
2 82 LEU n 
2 83 LYS n 
2 84 SER n 
2 85 LYS n 
2 86 GLY n 
2 87 GLN n 
2 88 ILE n 
2 89 PRO n 
# 
loop_
_entity_src_gen.entity_id 
_entity_src_gen.pdbx_src_id 
_entity_src_gen.pdbx_alt_source_flag 
_entity_src_gen.pdbx_seq_type 
_entity_src_gen.pdbx_beg_seq_num 
_entity_src_gen.pdbx_end_seq_num 
_entity_src_gen.gene_src_common_name 
_entity_src_gen.gene_src_genus 
_entity_src_gen.pdbx_gene_src_gene 
_entity_src_gen.gene_src_species 
_entity_src_gen.gene_src_strain 
_entity_src_gen.gene_src_tissue 
_entity_src_gen.gene_src_tissue_fraction 
_entity_src_gen.gene_src_details 
_entity_src_gen.pdbx_gene_src_fragment 
_entity_src_gen.pdbx_gene_src_scientific_name 
_entity_src_gen.pdbx_gene_src_ncbi_taxonomy_id 
_entity_src_gen.pdbx_gene_src_variant 
_entity_src_gen.pdbx_gene_src_cell_line 
_entity_src_gen.pdbx_gene_src_atcc 
_entity_src_gen.pdbx_gene_src_organ 
_entity_src_gen.pdbx_gene_src_organelle 
_entity_src_gen.pdbx_gene_src_cell 
_entity_src_gen.pdbx_gene_src_cellular_location 
_entity_src_gen.host_org_common_name 
_entity_src_gen.pdbx_host_org_scientific_name 
_entity_src_gen.pdbx_host_org_ncbi_taxonomy_id 
_entity_src_gen.host_org_genus 
_entity_src_gen.pdbx_host_org_gene 
_entity_src_gen.pdbx_host_org_organ 
_entity_src_gen.host_org_species 
_entity_src_gen.pdbx_host_org_tissue 
_entity_src_gen.pdbx_host_org_tissue_fraction 
_entity_src_gen.pdbx_host_org_strain 
_entity_src_gen.pdbx_host_org_variant 
_entity_src_gen.pdbx_host_org_cell_line 
_entity_src_gen.pdbx_host_org_atcc 
_entity_src_gen.pdbx_host_org_culture_collection 
_entity_src_gen.pdbx_host_org_cell 
_entity_src_gen.pdbx_host_org_organelle 
_entity_src_gen.pdbx_host_org_cellular_location 
_entity_src_gen.pdbx_host_org_vector_type 
_entity_src_gen.pdbx_host_org_vector 
_entity_src_gen.host_org_details 
_entity_src_gen.expression_system_id 
_entity_src_gen.plasmid_name 
_entity_src_gen.plasmid_details 
_entity_src_gen.pdbx_description 
1 1 sample ? ? ? human Homo ? ? ? ? ? ? ? 'Homo sapiens' 9606 ? ? ? ? ? HELA NUCLEUS ? 'Escherichia coli BL21(DE3)' 469008 
Escherichia ? ? 'Escherichia coli' ? ? 'BL21 (DE3)' ? ? ? ? ? ? ? ? ? ? ? PET15B ? ? 
2 1 sample ? ? ? human Homo ? ? ? ? ? ? ? 'Homo sapiens' 9606 ? ? ? ? ? HELA NUCLEUS ? 'Escherichia coli BL21(DE3)' 469008 
Escherichia ? ? 'Escherichia coli' ? ? 'BL21 (DE3)' ? ? ? ? ? ? ? ? ? ? ? PET15B ? ? 
# 
loop_
_chem_comp.id 
_chem_comp.type 
_chem_comp.mon_nstd_flag 
_chem_comp.name 
_chem_comp.pdbx_synonyms 
_chem_comp.formula 
_chem_comp.formula_weight 
ALA 'L-peptide linking' y ALANINE                             ? 'C3 H7 N O2'     89.093  
ARG 'L-peptide linking' y ARGININE                            ? 'C6 H15 N4 O2 1' 175.209 
ASN 'L-peptide linking' y ASPARAGINE                          ? 'C4 H8 N2 O3'    132.118 
ASP 'L-peptide linking' y 'ASPARTIC ACID'                     ? 'C4 H7 N O4'     133.103 
CYS 'L-peptide linking' y CYSTEINE                            ? 'C3 H7 N O2 S'   121.158 
GLN 'L-peptide linking' y GLUTAMINE                           ? 'C5 H10 N2 O3'   146.144 
GLU 'L-peptide linking' y 'GLUTAMIC ACID'                     ? 'C5 H9 N O4'     147.129 
GLY 'peptide linking'   y GLYCINE                             ? 'C2 H5 N O2'     75.067  
HIS 'L-peptide linking' y HISTIDINE                           ? 'C6 H10 N3 O2 1' 156.162 
HOH non-polymer         . WATER                               ? 'H2 O'           18.015  
ILE 'L-peptide linking' y ISOLEUCINE                          ? 'C6 H13 N O2'    131.173 
LEU 'L-peptide linking' y LEUCINE                             ? 'C6 H13 N O2'    131.173 
LYS 'L-peptide linking' y LYSINE                              ? 'C6 H15 N2 O2 1' 147.195 
MET 'L-peptide linking' y METHIONINE                          ? 'C5 H11 N O2 S'  149.211 
PHE 'L-peptide linking' y PHENYLALANINE                       ? 'C9 H11 N O2'    165.189 
PMB non-polymer         . 'PARA-MERCURY-BENZENESULFONIC ACID' ? 'C6 H5 Hg O3 S'  357.757 
PRO 'L-peptide linking' y PROLINE                             ? 'C5 H9 N O2'     115.130 
SER 'L-peptide linking' y SERINE                              ? 'C3 H7 N O3'     105.093 
THR 'L-peptide linking' y THREONINE                           ? 'C4 H9 N O3'     119.119 
TRP 'L-peptide linking' y TRYPTOPHAN                          ? 'C11 H12 N2 O2'  204.225 
TYR 'L-peptide linking' y TYROSINE                            ? 'C9 H11 N O3'    181.189 
VAL 'L-peptide linking' y VALINE                              ? 'C5 H11 N O2'    117.146 
# 
loop_
_pdbx_poly_seq_scheme.asym_id 
_pdbx_poly_seq_scheme.entity_id 
_pdbx_poly_seq_scheme.seq_id 
_pdbx_poly_seq_scheme.mon_id 
_pdbx_poly_seq_scheme.ndb_seq_num 
_pdbx_poly_seq_scheme.pdb_seq_num 
_pdbx_poly_seq_scheme.auth_seq_num 
_pdbx_poly_seq_scheme.pdb_mon_id 
_pdbx_poly_seq_scheme.auth_mon_id 
_pdbx_poly_seq_scheme.pdb_strand_id 
_pdbx_poly_seq_scheme.pdb_ins_code 
_pdbx_poly_seq_scheme.hetero 
A 1 1  LEU 1  31  31  LEU LEU A . n 
A 1 2  PHE 2  32  32  PHE PHE A . n 
A 1 3  SER 3  33  33  SER SER A . n 
A 1 4  LYS 4  34  34  LYS LYS A . n 
A 1 5  GLU 5  35  35  GLU GLU A . n 
A 1 6  LEU 6  36  36  LEU LEU A . n 
A 1 7  ARG 7  37  37  ARG ARG A . n 
A 1 8  CYS 8  38  38  CYS CYS A . n 
A 1 9  MET 9  39  39  MET MET A . n 
A 1 10 MET 10 40  40  MET MET A . n 
A 1 11 TYR 11 41  41  TYR TYR A . n 
A 1 12 GLY 12 42  42  GLY GLY A . n 
A 1 13 PHE 13 43  43  PHE PHE A . n 
A 1 14 GLY 14 44  44  GLY GLY A . n 
A 1 15 ASP 15 45  45  ASP ASP A . n 
A 1 16 ASP 16 46  46  ASP ASP A . n 
A 1 17 GLN 17 47  47  GLN GLN A . n 
A 1 18 ASN 18 48  48  ASN ASN A . n 
A 1 19 PRO 19 49  49  PRO PRO A . n 
A 1 20 TYR 20 50  50  TYR TYR A . n 
A 1 21 THR 21 51  51  THR THR A . n 
A 1 22 GLU 22 52  52  GLU GLU A . n 
A 1 23 SER 23 53  53  SER SER A . n 
A 1 24 VAL 24 54  54  VAL VAL A . n 
A 1 25 ASP 25 55  55  ASP ASP A . n 
A 1 26 ILE 26 56  56  ILE ILE A . n 
A 1 27 LEU 27 57  57  LEU LEU A . n 
A 1 28 GLU 28 58  58  GLU GLU A . n 
A 1 29 ASP 29 59  59  ASP ASP A . n 
A 1 30 LEU 30 60  60  LEU LEU A . n 
A 1 31 VAL 31 61  61  VAL VAL A . n 
A 1 32 ILE 32 62  62  ILE ILE A . n 
A 1 33 GLU 33 63  63  GLU GLU A . n 
A 1 34 PHE 34 64  64  PHE PHE A . n 
A 1 35 ILE 35 65  65  ILE ILE A . n 
A 1 36 THR 36 66  66  THR THR A . n 
A 1 37 GLU 37 67  67  GLU GLU A . n 
A 1 38 MET 38 68  68  MET MET A . n 
A 1 39 THR 39 69  69  THR THR A . n 
A 1 40 HIS 40 70  70  HIS HIS A . n 
A 1 41 LYS 41 71  71  LYS LYS A . n 
A 1 42 ALA 42 72  72  ALA ALA A . n 
A 1 43 MET 43 73  73  MET MET A . n 
A 1 44 SER 44 74  74  SER SER A . n 
A 1 45 ILE 45 75  75  ILE ILE A . n 
B 2 1  PHE 1  113 113 PHE PHE B . n 
B 2 2  SER 2  114 114 SER SER B . n 
B 2 3  GLU 3  115 115 GLU GLU B . n 
B 2 4  GLU 4  116 116 GLU GLU B . n 
B 2 5  GLN 5  117 117 GLN GLN B . n 
B 2 6  LEU 6  118 118 LEU LEU B . n 
B 2 7  ASN 7  119 119 ASN ASN B . n 
B 2 8  ARG 8  120 120 ARG ARG B . n 
B 2 9  TYR 9  121 121 TYR TYR B . n 
B 2 10 GLU 10 122 122 GLU GLU B . n 
B 2 11 MET 11 123 123 MET MET B . n 
B 2 12 TYR 12 124 124 TYR TYR B . n 
B 2 13 ARG 13 125 125 ARG ARG B . n 
B 2 14 ARG 14 126 126 ARG ARG B . n 
B 2 15 SER 15 127 127 SER SER B . n 
B 2 16 ALA 16 128 128 ALA ALA B . n 
B 2 17 PHE 17 129 129 PHE PHE B . n 
B 2 18 PRO 18 130 130 PRO PRO B . n 
B 2 19 LYS 19 131 131 LYS LYS B . n 
B 2 20 ALA 20 132 132 ALA ALA B . n 
B 2 21 ALA 21 133 133 ALA ALA B . n 
B 2 22 ILE 22 134 134 ILE ILE B . n 
B 2 23 LYS 23 135 135 LYS LYS B . n 
B 2 24 ARG 24 136 136 ARG ARG B . n 
B 2 25 LEU 25 137 137 LEU LEU B . n 
B 2 26 ILE 26 138 138 ILE ILE B . n 
B 2 27 GLN 27 139 139 GLN GLN B . n 
B 2 28 SER 28 140 140 SER SER B . n 
B 2 29 ILE 29 141 141 ILE ILE B . n 
B 2 30 THR 30 142 142 THR THR B . n 
B 2 31 GLY 31 143 143 GLY GLY B . n 
B 2 32 THR 32 144 144 THR THR B . n 
B 2 33 SER 33 145 145 SER SER B . n 
B 2 34 VAL 34 146 146 VAL VAL B . n 
B 2 35 SER 35 147 147 SER SER B . n 
B 2 36 GLN 36 148 148 GLN GLN B . n 
B 2 37 ASN 37 149 149 ASN ASN B . n 
B 2 38 VAL 38 150 150 VAL VAL B . n 
B 2 39 VAL 39 151 151 VAL VAL B . n 
B 2 40 ILE 40 152 152 ILE ILE B . n 
B 2 41 ALA 41 153 153 ALA ALA B . n 
B 2 42 MET 42 154 154 MET MET B . n 
B 2 43 SER 43 155 155 SER SER B . n 
B 2 44 GLY 44 156 156 GLY GLY B . n 
B 2 45 ILE 45 157 157 ILE ILE B . n 
B 2 46 SER 46 158 158 SER SER B . n 
B 2 47 LYS 47 159 159 LYS LYS B . n 
B 2 48 VAL 48 160 160 VAL VAL B . n 
B 2 49 PHE 49 161 161 PHE PHE B . n 
B 2 50 VAL 50 162 162 VAL VAL B . n 
B 2 51 GLY 51 163 163 GLY GLY B . n 
B 2 52 GLU 52 164 164 GLU GLU B . n 
B 2 53 VAL 53 165 165 VAL VAL B . n 
B 2 54 VAL 54 166 166 VAL VAL B . n 
B 2 55 GLU 55 167 167 GLU GLU B . n 
B 2 56 GLU 56 168 168 GLU GLU B . n 
B 2 57 ALA 57 169 169 ALA ALA B . n 
B 2 58 LEU 58 170 170 LEU LEU B . n 
B 2 59 ASP 59 171 171 ASP ASP B . n 
B 2 60 VAL 60 172 172 VAL VAL B . n 
B 2 61 CYS 61 173 173 CYS CYS B . n 
B 2 62 GLU 62 174 174 GLU GLU B . n 
B 2 63 LYS 63 175 175 LYS LYS B . n 
B 2 64 TRP 64 176 176 TRP TRP B . n 
B 2 65 GLY 65 177 177 GLY GLY B . n 
B 2 66 GLU 66 178 178 GLU GLU B . n 
B 2 67 MET 67 179 179 MET MET B . n 
B 2 68 PRO 68 180 180 PRO PRO B . n 
B 2 69 PRO 69 181 181 PRO PRO B . n 
B 2 70 LEU 70 182 182 LEU LEU B . n 
B 2 71 GLN 71 183 183 GLN GLN B . n 
B 2 72 PRO 72 184 184 PRO PRO B . n 
B 2 73 LYS 73 185 185 LYS LYS B . n 
B 2 74 HIS 74 186 186 HIS HIS B . n 
B 2 75 MET 75 187 187 MET MET B . n 
B 2 76 ARG 76 188 188 ARG ARG B . n 
B 2 77 GLU 77 189 189 GLU GLU B . n 
B 2 78 ALA 78 190 190 ALA ALA B . n 
B 2 79 VAL 79 191 191 VAL VAL B . n 
B 2 80 ARG 80 192 192 ARG ARG B . n 
B 2 81 ARG 81 193 193 ARG ARG B . n 
B 2 82 LEU 82 194 194 LEU LEU B . n 
B 2 83 LYS 83 195 195 LYS LYS B . n 
B 2 84 SER 84 196 196 SER SER B . n 
B 2 85 LYS 85 197 197 LYS LYS B . n 
B 2 86 GLY 86 198 198 GLY GLY B . n 
B 2 87 GLN 87 199 199 GLN GLN B . n 
B 2 88 ILE 88 200 200 ILE ILE B . n 
B 2 89 PRO 89 201 201 PRO PRO B . n 
# 
loop_
_pdbx_nonpoly_scheme.asym_id 
_pdbx_nonpoly_scheme.entity_id 
_pdbx_nonpoly_scheme.mon_id 
_pdbx_nonpoly_scheme.ndb_seq_num 
_pdbx_nonpoly_scheme.pdb_seq_num 
_pdbx_nonpoly_scheme.auth_seq_num 
_pdbx_nonpoly_scheme.pdb_mon_id 
_pdbx_nonpoly_scheme.auth_mon_id 
_pdbx_nonpoly_scheme.pdb_strand_id 
_pdbx_nonpoly_scheme.pdb_ins_code 
C 3 PMB 1  300 300 PMB PMB B . 
D 4 HOH 1  350 350 HOH HOH A . 
D 4 HOH 2  400 400 HOH HOH A . 
D 4 HOH 3  404 404 HOH HOH A . 
D 4 HOH 4  415 415 HOH HOH A . 
D 4 HOH 5  417 417 HOH HOH A . 
D 4 HOH 6  418 418 HOH HOH A . 
D 4 HOH 7  419 419 HOH HOH A . 
D 4 HOH 8  420 420 HOH HOH A . 
D 4 HOH 9  436 436 HOH HOH A . 
D 4 HOH 10 442 442 HOH HOH A . 
D 4 HOH 11 444 444 HOH HOH A . 
D 4 HOH 12 447 447 HOH HOH A . 
D 4 HOH 13 451 451 HOH HOH A . 
D 4 HOH 14 452 452 HOH HOH A . 
D 4 HOH 15 453 453 HOH HOH A . 
E 4 HOH 1  351 351 HOH HOH B . 
E 4 HOH 2  401 401 HOH HOH B . 
E 4 HOH 3  402 402 HOH HOH B . 
E 4 HOH 4  403 403 HOH HOH B . 
E 4 HOH 5  405 405 HOH HOH B . 
E 4 HOH 6  406 406 HOH HOH B . 
E 4 HOH 7  407 407 HOH HOH B . 
E 4 HOH 8  408 408 HOH HOH B . 
E 4 HOH 9  409 409 HOH HOH B . 
E 4 HOH 10 410 410 HOH HOH B . 
E 4 HOH 11 411 411 HOH HOH B . 
E 4 HOH 12 412 412 HOH HOH B . 
E 4 HOH 13 413 413 HOH HOH B . 
E 4 HOH 14 414 414 HOH HOH B . 
E 4 HOH 15 416 416 HOH HOH B . 
E 4 HOH 16 421 421 HOH HOH B . 
E 4 HOH 17 422 422 HOH HOH B . 
E 4 HOH 18 423 423 HOH HOH B . 
E 4 HOH 19 424 424 HOH HOH B . 
E 4 HOH 20 425 425 HOH HOH B . 
E 4 HOH 21 426 426 HOH HOH B . 
E 4 HOH 22 427 427 HOH HOH B . 
E 4 HOH 23 428 428 HOH HOH B . 
E 4 HOH 24 429 429 HOH HOH B . 
E 4 HOH 25 430 430 HOH HOH B . 
E 4 HOH 26 431 431 HOH HOH B . 
E 4 HOH 27 432 432 HOH HOH B . 
E 4 HOH 28 433 433 HOH HOH B . 
E 4 HOH 29 434 434 HOH HOH B . 
E 4 HOH 30 435 435 HOH HOH B . 
E 4 HOH 31 437 437 HOH HOH B . 
E 4 HOH 32 438 438 HOH HOH B . 
E 4 HOH 33 439 439 HOH HOH B . 
E 4 HOH 34 440 440 HOH HOH B . 
E 4 HOH 35 441 441 HOH HOH B . 
E 4 HOH 36 443 443 HOH HOH B . 
E 4 HOH 37 445 445 HOH HOH B . 
E 4 HOH 38 446 446 HOH HOH B . 
E 4 HOH 39 448 448 HOH HOH B . 
E 4 HOH 40 449 449 HOH HOH B . 
E 4 HOH 41 450 450 HOH HOH B . 
E 4 HOH 42 454 454 HOH HOH B . 
E 4 HOH 43 455 455 HOH HOH B . 
E 4 HOH 44 456 456 HOH HOH B . 
E 4 HOH 45 457 457 HOH HOH B . 
E 4 HOH 46 458 458 HOH HOH B . 
E 4 HOH 47 459 459 HOH HOH B . 
E 4 HOH 48 460 460 HOH HOH B . 
E 4 HOH 49 461 461 HOH HOH B . 
# 
loop_
_software.name 
_software.classification 
_software.version 
_software.citation_id 
_software.pdbx_ordinal 
SHARP  phasing          .   ? 1 
CNS    refinement       0.1 ? 2 
XDS    'data reduction' .   ? 3 
XSCALE 'data scaling'   .   ? 4 
# 
_cell.entry_id           1BH9 
_cell.length_a           45.800 
_cell.length_b           48.400 
_cell.length_c           70.100 
_cell.angle_alpha        90.00 
_cell.angle_beta         90.00 
_cell.angle_gamma        90.00 
_cell.Z_PDB              4 
_cell.pdbx_unique_axis   ? 
# 
_symmetry.entry_id                         1BH9 
_symmetry.space_group_name_H-M             'P 21 21 21' 
_symmetry.pdbx_full_space_group_name_H-M   ? 
_symmetry.cell_setting                     ? 
_symmetry.Int_Tables_number                19 
# 
_exptl.entry_id          1BH9 
_exptl.method            'X-RAY DIFFRACTION' 
_exptl.crystals_number   1 
# 
_exptl_crystal.id                    1 
_exptl_crystal.density_meas          ? 
_exptl_crystal.density_Matthews      2.5 
_exptl_crystal.density_percent_sol   51 
_exptl_crystal.description           ? 
# 
_exptl_crystal_grow.crystal_id      1 
_exptl_crystal_grow.method          ? 
_exptl_crystal_grow.temp            ? 
_exptl_crystal_grow.temp_details    ? 
_exptl_crystal_grow.pH              7.5 
_exptl_crystal_grow.pdbx_pH_range   ? 
_exptl_crystal_grow.pdbx_details    'pH 7.5' 
# 
_diffrn.id                     1 
_diffrn.ambient_temp           100 
_diffrn.ambient_temp_details   ? 
_diffrn.crystal_id             1 
# 
_diffrn_detector.diffrn_id              1 
_diffrn_detector.detector               CCD 
_diffrn_detector.type                   ? 
_diffrn_detector.pdbx_collection_date   1998-01 
_diffrn_detector.details                ? 
# 
_diffrn_radiation.diffrn_id                        1 
_diffrn_radiation.wavelength_id                    1 
_diffrn_radiation.pdbx_monochromatic_or_laue_m_l   M 
_diffrn_radiation.monochromator                    ? 
_diffrn_radiation.pdbx_diffrn_protocol             ? 
_diffrn_radiation.pdbx_scattering_type             x-ray 
# 
_diffrn_radiation_wavelength.id           1 
_diffrn_radiation_wavelength.wavelength   1.003 
_diffrn_radiation_wavelength.wt           1.0 
# 
_diffrn_source.diffrn_id                   1 
_diffrn_source.source                      SYNCHROTRON 
_diffrn_source.type                        'ESRF BEAMLINE BM02' 
_diffrn_source.pdbx_synchrotron_site       ESRF 
_diffrn_source.pdbx_synchrotron_beamline   BM02 
_diffrn_source.pdbx_wavelength             1.003 
_diffrn_source.pdbx_wavelength_list        ? 
# 
_reflns.entry_id                     1BH9 
_reflns.observed_criterion_sigma_I   0 
_reflns.observed_criterion_sigma_F   ? 
_reflns.d_resolution_low             20. 
_reflns.d_resolution_high            2.6 
_reflns.number_obs                   5119 
_reflns.number_all                   ? 
_reflns.percent_possible_obs         99.3 
_reflns.pdbx_Rmerge_I_obs            ? 
_reflns.pdbx_Rsym_value              0.0880000 
_reflns.pdbx_netI_over_sigmaI        26.8 
_reflns.B_iso_Wilson_estimate        50. 
_reflns.pdbx_redundancy              6.9 
_reflns.pdbx_diffrn_id               1 
_reflns.pdbx_ordinal                 1 
# 
_reflns_shell.d_res_high             2.6 
_reflns_shell.d_res_low              2.8 
_reflns_shell.percent_possible_all   99.7 
_reflns_shell.Rmerge_I_obs           ? 
_reflns_shell.pdbx_Rsym_value        0.1730000 
_reflns_shell.meanI_over_sigI_obs    15.3 
_reflns_shell.pdbx_redundancy        6.5 
_reflns_shell.pdbx_diffrn_id         ? 
_reflns_shell.pdbx_ordinal           1 
# 
_refine.entry_id                                 1BH9 
_refine.ls_number_reflns_obs                     4890 
_refine.ls_number_reflns_all                     ? 
_refine.pdbx_ls_sigma_I                          ? 
_refine.pdbx_ls_sigma_F                          2. 
_refine.pdbx_data_cutoff_high_absF               ? 
_refine.pdbx_data_cutoff_low_absF                ? 
_refine.pdbx_data_cutoff_high_rms_absF           ? 
_refine.ls_d_res_low                             8.0 
_refine.ls_d_res_high                            2.6 
_refine.ls_percent_reflns_obs                    99.6 
_refine.ls_R_factor_obs                          0.2050000 
_refine.ls_R_factor_all                          ? 
_refine.ls_R_factor_R_work                       0.2050000 
_refine.ls_R_factor_R_free                       0.2570000 
_refine.ls_R_factor_R_free_error                 ? 
_refine.ls_R_factor_R_free_error_details         ? 
_refine.ls_percent_reflns_R_free                 10. 
_refine.ls_number_reflns_R_free                  508 
_refine.ls_number_parameters                     ? 
_refine.ls_number_restraints                     ? 
_refine.occupancy_min                            ? 
_refine.occupancy_max                            ? 
_refine.B_iso_mean                               42.9 
_refine.aniso_B[1][1]                            ? 
_refine.aniso_B[2][2]                            ? 
_refine.aniso_B[3][3]                            ? 
_refine.aniso_B[1][2]                            ? 
_refine.aniso_B[1][3]                            ? 
_refine.aniso_B[2][3]                            ? 
_refine.solvent_model_details                    ? 
_refine.solvent_model_param_ksol                 ? 
_refine.solvent_model_param_bsol                 ? 
_refine.pdbx_ls_cross_valid_method               THROUGHOUT 
_refine.details                                  ? 
_refine.pdbx_starting_model                      ? 
_refine.pdbx_method_to_determine_struct          MIR 
_refine.pdbx_isotropic_thermal_model             RESTRAINED 
_refine.pdbx_stereochemistry_target_values       ? 
_refine.pdbx_stereochem_target_val_spec_case     ? 
_refine.pdbx_R_Free_selection_details            RANDOM 
_refine.pdbx_overall_ESU_R                       ? 
_refine.pdbx_overall_ESU_R_Free                  ? 
_refine.overall_SU_ML                            ? 
_refine.overall_SU_B                             ? 
_refine.pdbx_refine_id                           'X-RAY DIFFRACTION' 
_refine.pdbx_diffrn_id                           1 
_refine.pdbx_TLS_residual_ADP_flag               ? 
_refine.correlation_coeff_Fo_to_Fc               ? 
_refine.correlation_coeff_Fo_to_Fc_free          ? 
_refine.pdbx_solvent_vdw_probe_radii             ? 
_refine.pdbx_solvent_ion_probe_radii             ? 
_refine.pdbx_solvent_shrinkage_radii             ? 
_refine.pdbx_overall_phase_error                 ? 
_refine.overall_SU_R_Cruickshank_DPI             ? 
_refine.pdbx_overall_SU_R_free_Cruickshank_DPI   ? 
_refine.pdbx_overall_SU_R_Blow_DPI               ? 
_refine.pdbx_overall_SU_R_free_Blow_DPI          ? 
# 
_refine_hist.pdbx_refine_id                   'X-RAY DIFFRACTION' 
_refine_hist.cycle_id                         LAST 
_refine_hist.pdbx_number_atoms_protein        1074 
_refine_hist.pdbx_number_atoms_nucleic_acid   0 
_refine_hist.pdbx_number_atoms_ligand         11 
_refine_hist.number_atoms_solvent             28 
_refine_hist.number_atoms_total               1113 
_refine_hist.d_res_high                       2.6 
_refine_hist.d_res_low                        8.0 
# 
loop_
_refine_ls_restr.type 
_refine_ls_restr.dev_ideal 
_refine_ls_restr.dev_ideal_target 
_refine_ls_restr.weight 
_refine_ls_restr.number 
_refine_ls_restr.pdbx_refine_id 
_refine_ls_restr.pdbx_restraint_function 
c_bond_d                0.009 ?   ? ? 'X-RAY DIFFRACTION' ? 
c_bond_d_na             ?     ?   ? ? 'X-RAY DIFFRACTION' ? 
c_bond_d_prot           ?     ?   ? ? 'X-RAY DIFFRACTION' ? 
c_angle_d               ?     ?   ? ? 'X-RAY DIFFRACTION' ? 
c_angle_d_na            ?     ?   ? ? 'X-RAY DIFFRACTION' ? 
c_angle_d_prot          ?     ?   ? ? 'X-RAY DIFFRACTION' ? 
c_angle_deg             1.48  ?   ? ? 'X-RAY DIFFRACTION' ? 
c_angle_deg_na          ?     ?   ? ? 'X-RAY DIFFRACTION' ? 
c_angle_deg_prot        ?     ?   ? ? 'X-RAY DIFFRACTION' ? 
c_dihedral_angle_d      ?     ?   ? ? 'X-RAY DIFFRACTION' ? 
c_dihedral_angle_d_na   ?     ?   ? ? 'X-RAY DIFFRACTION' ? 
c_dihedral_angle_d_prot ?     ?   ? ? 'X-RAY DIFFRACTION' ? 
c_improper_angle_d      ?     ?   ? ? 'X-RAY DIFFRACTION' ? 
c_improper_angle_d_na   ?     ?   ? ? 'X-RAY DIFFRACTION' ? 
c_improper_angle_d_prot ?     ?   ? ? 'X-RAY DIFFRACTION' ? 
c_mcbond_it             1.12  1.5 ? ? 'X-RAY DIFFRACTION' ? 
c_mcangle_it            1.89  2.0 ? ? 'X-RAY DIFFRACTION' ? 
c_scbond_it             1.79  2.0 ? ? 'X-RAY DIFFRACTION' ? 
c_scangle_it            2.79  2.5 ? ? 'X-RAY DIFFRACTION' ? 
# 
_refine_ls_shell.pdbx_total_number_of_bins_used   10 
_refine_ls_shell.d_res_high                       2.6 
_refine_ls_shell.d_res_low                        2.8 
_refine_ls_shell.number_reflns_R_work             438 
_refine_ls_shell.R_factor_R_work                  0.2850000 
_refine_ls_shell.percent_reflns_obs               ? 
_refine_ls_shell.R_factor_R_free                  0.3580000 
_refine_ls_shell.R_factor_R_free_error            ? 
_refine_ls_shell.percent_reflns_R_free            10. 
_refine_ls_shell.number_reflns_R_free             45 
_refine_ls_shell.pdbx_refine_id                   'X-RAY DIFFRACTION' 
_refine_ls_shell.number_reflns_all                ? 
_refine_ls_shell.R_factor_all                     ? 
# 
loop_
_pdbx_xplor_file.serial_no 
_pdbx_xplor_file.param_file 
_pdbx_xplor_file.topol_file 
_pdbx_xplor_file.pdbx_refine_id 
1 PROTEIN_REP.PARAM PROTEIN.TOP 'X-RAY DIFFRACTION' 
2 WATER_REP.PARAM   WATER.TOP   'X-RAY DIFFRACTION' 
3 PMB.PAR           PMB.TOP     'X-RAY DIFFRACTION' 
# 
_struct.entry_id                  1BH9 
_struct.title                     'HTAFII18/HTAFII28 HETERODIMER CRYSTAL STRUCTURE WITH BOUND PCMBS' 
_struct.pdbx_model_details        ? 
_struct.pdbx_CASP_flag            ? 
_struct.pdbx_model_type_details   ? 
# 
_struct_keywords.entry_id        1BH9 
_struct_keywords.pdbx_keywords   'TRANSCRIPTION REGULATION COMPLEX' 
_struct_keywords.text            'HTAFII18, HISTONE FOLD, TATA BINDING PROTEIN, TRANSCRIPTION REGULATION COMPLEX' 
# 
loop_
_struct_asym.id 
_struct_asym.pdbx_blank_PDB_chainid_flag 
_struct_asym.pdbx_modified 
_struct_asym.entity_id 
_struct_asym.details 
A N N 1 ? 
B N N 2 ? 
C N N 3 ? 
D N N 4 ? 
E N N 4 ? 
# 
loop_
_struct_ref.id 
_struct_ref.db_name 
_struct_ref.db_code 
_struct_ref.entity_id 
_struct_ref.pdbx_db_accession 
_struct_ref.pdbx_align_begin 
_struct_ref.pdbx_seq_one_letter_code 
_struct_ref.pdbx_db_isoform 
1 UNP TAF13_HUMAN 1 Q15543 1 
;MADEEEDPTFEEENEEIGGGAEGGQGKRKRLFSKELRCMMYGFGDDQNPYTESVDILEDLVIEFITEMTHKAMSIGRQGR
VQVEDIVFLIRKDPRKFARVKDLLTMNEELKRARKAFDEANYGS
;
? 
2 UNP TAF11_HUMAN 2 Q15544 1 
;MDDAHESPSDKGGETGESDETAAVPGDPGATDTDGIPEETDGDADVDLKEAAAEEGELESQDVSDLTTVEREDSSLLNPA
AKKLKIDTKEKKEKKQKVDEDEIQKMQILVSSFSEEQLNRYEMYRRSAFPKAAIKRLIQSITGTSVSQNVVIAMSGISKV
FVGEVVEEALDVCEKWGEMPPLQPKHMREAVRRLKSKGQIPNSKHKKIIFF
;
? 
# 
loop_
_struct_ref_seq.align_id 
_struct_ref_seq.ref_id 
_struct_ref_seq.pdbx_PDB_id_code 
_struct_ref_seq.pdbx_strand_id 
_struct_ref_seq.seq_align_beg 
_struct_ref_seq.pdbx_seq_align_beg_ins_code 
_struct_ref_seq.seq_align_end 
_struct_ref_seq.pdbx_seq_align_end_ins_code 
_struct_ref_seq.pdbx_db_accession 
_struct_ref_seq.db_align_beg 
_struct_ref_seq.pdbx_db_align_beg_ins_code 
_struct_ref_seq.db_align_end 
_struct_ref_seq.pdbx_db_align_end_ins_code 
_struct_ref_seq.pdbx_auth_seq_align_beg 
_struct_ref_seq.pdbx_auth_seq_align_end 
1 1 1BH9 A 1 ? 45 ? Q15543 31  ? 75  ? 31  75  
2 2 1BH9 B 1 ? 89 ? Q15544 113 ? 201 ? 113 201 
# 
_pdbx_struct_assembly.id                   1 
_pdbx_struct_assembly.details              author_and_software_defined_assembly 
_pdbx_struct_assembly.method_details       PISA 
_pdbx_struct_assembly.oligomeric_details   dimeric 
_pdbx_struct_assembly.oligomeric_count     2 
# 
loop_
_pdbx_struct_assembly_prop.biol_id 
_pdbx_struct_assembly_prop.type 
_pdbx_struct_assembly_prop.value 
_pdbx_struct_assembly_prop.details 
1 'ABSA (A^2)' 3440 ? 
1 MORE         -40  ? 
1 'SSA (A^2)'  7960 ? 
# 
_pdbx_struct_assembly_gen.assembly_id       1 
_pdbx_struct_assembly_gen.oper_expression   1 
_pdbx_struct_assembly_gen.asym_id_list      A,B,C,D,E 
# 
_pdbx_struct_oper_list.id                   1 
_pdbx_struct_oper_list.type                 'identity operation' 
_pdbx_struct_oper_list.name                 1_555 
_pdbx_struct_oper_list.symmetry_operation   x,y,z 
_pdbx_struct_oper_list.matrix[1][1]         1.0000000000 
_pdbx_struct_oper_list.matrix[1][2]         0.0000000000 
_pdbx_struct_oper_list.matrix[1][3]         0.0000000000 
_pdbx_struct_oper_list.vector[1]            0.0000000000 
_pdbx_struct_oper_list.matrix[2][1]         0.0000000000 
_pdbx_struct_oper_list.matrix[2][2]         1.0000000000 
_pdbx_struct_oper_list.matrix[2][3]         0.0000000000 
_pdbx_struct_oper_list.vector[2]            0.0000000000 
_pdbx_struct_oper_list.matrix[3][1]         0.0000000000 
_pdbx_struct_oper_list.matrix[3][2]         0.0000000000 
_pdbx_struct_oper_list.matrix[3][3]         1.0000000000 
_pdbx_struct_oper_list.vector[3]            0.0000000000 
# 
_struct_biol.id   1 
# 
loop_
_struct_conf.conf_type_id 
_struct_conf.id 
_struct_conf.pdbx_PDB_helix_id 
_struct_conf.beg_label_comp_id 
_struct_conf.beg_label_asym_id 
_struct_conf.beg_label_seq_id 
_struct_conf.pdbx_beg_PDB_ins_code 
_struct_conf.end_label_comp_id 
_struct_conf.end_label_asym_id 
_struct_conf.end_label_seq_id 
_struct_conf.pdbx_end_PDB_ins_code 
_struct_conf.beg_auth_comp_id 
_struct_conf.beg_auth_asym_id 
_struct_conf.beg_auth_seq_id 
_struct_conf.end_auth_comp_id 
_struct_conf.end_auth_asym_id 
_struct_conf.end_auth_seq_id 
_struct_conf.pdbx_PDB_helix_class 
_struct_conf.details 
_struct_conf.pdbx_PDB_helix_length 
HELX_P HELX_P1 1 SER A 3  ? GLY A 12 ? SER A 33  GLY A 42  1 ? 10 
HELX_P HELX_P2 2 THR A 21 ? MET A 43 ? THR A 51  MET A 73  1 ? 23 
HELX_P HELX_P3 3 GLU B 3  ? ARG B 14 ? GLU B 115 ARG B 126 1 ? 12 
HELX_P HELX_P4 4 LYS B 19 ? THR B 30 ? LYS B 131 THR B 142 1 ? 12 
HELX_P HELX_P5 5 GLN B 36 ? LYS B 63 ? GLN B 148 LYS B 175 1 ? 28 
HELX_P HELX_P6 6 PRO B 72 ? SER B 84 ? PRO B 184 SER B 196 1 ? 13 
# 
_struct_conf_type.id          HELX_P 
_struct_conf_type.criteria    ? 
_struct_conf_type.reference   ? 
# 
loop_
_struct_conn.id 
_struct_conn.conn_type_id 
_struct_conn.pdbx_leaving_atom_flag 
_struct_conn.pdbx_PDB_id 
_struct_conn.ptnr1_label_asym_id 
_struct_conn.ptnr1_label_comp_id 
_struct_conn.ptnr1_label_seq_id 
_struct_conn.ptnr1_label_atom_id 
_struct_conn.pdbx_ptnr1_label_alt_id 
_struct_conn.pdbx_ptnr1_PDB_ins_code 
_struct_conn.pdbx_ptnr1_standard_comp_id 
_struct_conn.ptnr1_symmetry 
_struct_conn.ptnr2_label_asym_id 
_struct_conn.ptnr2_label_comp_id 
_struct_conn.ptnr2_label_seq_id 
_struct_conn.ptnr2_label_atom_id 
_struct_conn.pdbx_ptnr2_label_alt_id 
_struct_conn.pdbx_ptnr2_PDB_ins_code 
_struct_conn.ptnr1_auth_asym_id 
_struct_conn.ptnr1_auth_comp_id 
_struct_conn.ptnr1_auth_seq_id 
_struct_conn.ptnr2_auth_asym_id 
_struct_conn.ptnr2_auth_comp_id 
_struct_conn.ptnr2_auth_seq_id 
_struct_conn.ptnr2_symmetry 
_struct_conn.pdbx_ptnr3_label_atom_id 
_struct_conn.pdbx_ptnr3_label_seq_id 
_struct_conn.pdbx_ptnr3_label_comp_id 
_struct_conn.pdbx_ptnr3_label_asym_id 
_struct_conn.pdbx_ptnr3_label_alt_id 
_struct_conn.pdbx_ptnr3_PDB_ins_code 
_struct_conn.details 
_struct_conn.pdbx_dist_value 
_struct_conn.pdbx_value_order 
_struct_conn.pdbx_role 
metalc1 metalc ? ? B CYS 61 SG ? ? ? 1_555 C PMB . HG ? ? B CYS 173 B PMB 300 1_555 ? ? ? ? ? ? ? 2.661 ? ? 
metalc2 metalc ? ? B GLU 66 O  ? ? ? 1_555 C PMB . HG ? ? B GLU 178 B PMB 300 1_555 ? ? ? ? ? ? ? 3.086 ? ? 
# 
_struct_conn_type.id          metalc 
_struct_conn_type.criteria    ? 
_struct_conn_type.reference   ? 
# 
loop_
_pdbx_struct_conn_angle.id 
_pdbx_struct_conn_angle.ptnr1_label_atom_id 
_pdbx_struct_conn_angle.ptnr1_label_alt_id 
_pdbx_struct_conn_angle.ptnr1_label_asym_id 
_pdbx_struct_conn_angle.ptnr1_label_comp_id 
_pdbx_struct_conn_angle.ptnr1_label_seq_id 
_pdbx_struct_conn_angle.ptnr1_auth_atom_id 
_pdbx_struct_conn_angle.ptnr1_auth_asym_id 
_pdbx_struct_conn_angle.ptnr1_auth_comp_id 
_pdbx_struct_conn_angle.ptnr1_auth_seq_id 
_pdbx_struct_conn_angle.ptnr1_PDB_ins_code 
_pdbx_struct_conn_angle.ptnr1_symmetry 
_pdbx_struct_conn_angle.ptnr2_label_atom_id 
_pdbx_struct_conn_angle.ptnr2_label_alt_id 
_pdbx_struct_conn_angle.ptnr2_label_asym_id 
_pdbx_struct_conn_angle.ptnr2_label_comp_id 
_pdbx_struct_conn_angle.ptnr2_label_seq_id 
_pdbx_struct_conn_angle.ptnr2_auth_atom_id 
_pdbx_struct_conn_angle.ptnr2_auth_asym_id 
_pdbx_struct_conn_angle.ptnr2_auth_comp_id 
_pdbx_struct_conn_angle.ptnr2_auth_seq_id 
_pdbx_struct_conn_angle.ptnr2_PDB_ins_code 
_pdbx_struct_conn_angle.ptnr2_symmetry 
_pdbx_struct_conn_angle.ptnr3_label_atom_id 
_pdbx_struct_conn_angle.ptnr3_label_alt_id 
_pdbx_struct_conn_angle.ptnr3_label_asym_id 
_pdbx_struct_conn_angle.ptnr3_label_comp_id 
_pdbx_struct_conn_angle.ptnr3_label_seq_id 
_pdbx_struct_conn_angle.ptnr3_auth_atom_id 
_pdbx_struct_conn_angle.ptnr3_auth_asym_id 
_pdbx_struct_conn_angle.ptnr3_auth_comp_id 
_pdbx_struct_conn_angle.ptnr3_auth_seq_id 
_pdbx_struct_conn_angle.ptnr3_PDB_ins_code 
_pdbx_struct_conn_angle.ptnr3_symmetry 
_pdbx_struct_conn_angle.value 
_pdbx_struct_conn_angle.value_esd 
1 SG ? B CYS 61 ? B CYS 173 ? 1_555 HG ? C PMB . ? B PMB 300 ? 1_555 C4 ? C PMB .  ? B PMB 300 ? 1_555 177.3 ? 
2 SG ? B CYS 61 ? B CYS 173 ? 1_555 HG ? C PMB . ? B PMB 300 ? 1_555 O  ? B GLU 66 ? B GLU 178 ? 1_555 87.3  ? 
3 C4 ? C PMB .  ? B PMB 300 ? 1_555 HG ? C PMB . ? B PMB 300 ? 1_555 O  ? B GLU 66 ? B GLU 178 ? 1_555 92.9  ? 
# 
_struct_mon_prot_cis.pdbx_id                1 
_struct_mon_prot_cis.label_comp_id          PRO 
_struct_mon_prot_cis.label_seq_id           68 
_struct_mon_prot_cis.label_asym_id          B 
_struct_mon_prot_cis.label_alt_id           . 
_struct_mon_prot_cis.pdbx_PDB_ins_code      ? 
_struct_mon_prot_cis.auth_comp_id           PRO 
_struct_mon_prot_cis.auth_seq_id            180 
_struct_mon_prot_cis.auth_asym_id           B 
_struct_mon_prot_cis.pdbx_label_comp_id_2   PRO 
_struct_mon_prot_cis.pdbx_label_seq_id_2    69 
_struct_mon_prot_cis.pdbx_label_asym_id_2   B 
_struct_mon_prot_cis.pdbx_PDB_ins_code_2    ? 
_struct_mon_prot_cis.pdbx_auth_comp_id_2    PRO 
_struct_mon_prot_cis.pdbx_auth_seq_id_2     181 
_struct_mon_prot_cis.pdbx_auth_asym_id_2    B 
_struct_mon_prot_cis.pdbx_PDB_model_num     1 
_struct_mon_prot_cis.pdbx_omega_angle       -0.42 
# 
loop_
_struct_site.id 
_struct_site.pdbx_evidence_code 
_struct_site.pdbx_auth_asym_id 
_struct_site.pdbx_auth_comp_id 
_struct_site.pdbx_auth_seq_id 
_struct_site.pdbx_auth_ins_code 
_struct_site.pdbx_num_residues 
_struct_site.details 
MRY Unknown  ? ?   ?   ? 1 'BINDING SITE OF MERCURY FROM PCMBS.' 
AC1 Software B PMB 300 ? 8 'BINDING SITE FOR RESIDUE PMB B 300'  
# 
loop_
_struct_site_gen.id 
_struct_site_gen.site_id 
_struct_site_gen.pdbx_num_res 
_struct_site_gen.label_comp_id 
_struct_site_gen.label_asym_id 
_struct_site_gen.label_seq_id 
_struct_site_gen.pdbx_auth_ins_code 
_struct_site_gen.auth_comp_id 
_struct_site_gen.auth_asym_id 
_struct_site_gen.auth_seq_id 
_struct_site_gen.label_atom_id 
_struct_site_gen.label_alt_id 
_struct_site_gen.symmetry 
_struct_site_gen.details 
1 MRY 1 CYS B 61 ? CYS B 173 . ? 1_555 ? 
2 AC1 8 ALA B 20 ? ALA B 132 . ? 2_654 ? 
3 AC1 8 ALA B 21 ? ALA B 133 . ? 2_654 ? 
4 AC1 8 ARG B 24 ? ARG B 136 . ? 2_654 ? 
5 AC1 8 LEU B 58 ? LEU B 170 . ? 1_555 ? 
6 AC1 8 CYS B 61 ? CYS B 173 . ? 1_555 ? 
7 AC1 8 GLU B 62 ? GLU B 174 . ? 1_555 ? 
8 AC1 8 GLU B 66 ? GLU B 178 . ? 1_555 ? 
9 AC1 8 MET B 67 ? MET B 179 . ? 1_555 ? 
# 
loop_
_pdbx_validate_torsion.id 
_pdbx_validate_torsion.PDB_model_num 
_pdbx_validate_torsion.auth_comp_id 
_pdbx_validate_torsion.auth_asym_id 
_pdbx_validate_torsion.auth_seq_id 
_pdbx_validate_torsion.PDB_ins_code 
_pdbx_validate_torsion.label_alt_id 
_pdbx_validate_torsion.phi 
_pdbx_validate_torsion.psi 
1 1 PHE A 32  ? ? -161.49 66.81  
2 1 ALA B 128 ? ? -176.30 143.36 
3 1 SER B 140 ? ? -73.68  21.67  
# 
loop_
_chem_comp_atom.comp_id 
_chem_comp_atom.atom_id 
_chem_comp_atom.type_symbol 
_chem_comp_atom.pdbx_aromatic_flag 
_chem_comp_atom.pdbx_stereo_config 
_chem_comp_atom.pdbx_ordinal 
ALA N    N  N N 1   
ALA CA   C  N S 2   
ALA C    C  N N 3   
ALA O    O  N N 4   
ALA CB   C  N N 5   
ALA OXT  O  N N 6   
ALA H    H  N N 7   
ALA H2   H  N N 8   
ALA HA   H  N N 9   
ALA HB1  H  N N 10  
ALA HB2  H  N N 11  
ALA HB3  H  N N 12  
ALA HXT  H  N N 13  
ARG N    N  N N 14  
ARG CA   C  N S 15  
ARG C    C  N N 16  
ARG O    O  N N 17  
ARG CB   C  N N 18  
ARG CG   C  N N 19  
ARG CD   C  N N 20  
ARG NE   N  N N 21  
ARG CZ   C  N N 22  
ARG NH1  N  N N 23  
ARG NH2  N  N N 24  
ARG OXT  O  N N 25  
ARG H    H  N N 26  
ARG H2   H  N N 27  
ARG HA   H  N N 28  
ARG HB2  H  N N 29  
ARG HB3  H  N N 30  
ARG HG2  H  N N 31  
ARG HG3  H  N N 32  
ARG HD2  H  N N 33  
ARG HD3  H  N N 34  
ARG HE   H  N N 35  
ARG HH11 H  N N 36  
ARG HH12 H  N N 37  
ARG HH21 H  N N 38  
ARG HH22 H  N N 39  
ARG HXT  H  N N 40  
ASN N    N  N N 41  
ASN CA   C  N S 42  
ASN C    C  N N 43  
ASN O    O  N N 44  
ASN CB   C  N N 45  
ASN CG   C  N N 46  
ASN OD1  O  N N 47  
ASN ND2  N  N N 48  
ASN OXT  O  N N 49  
ASN H    H  N N 50  
ASN H2   H  N N 51  
ASN HA   H  N N 52  
ASN HB2  H  N N 53  
ASN HB3  H  N N 54  
ASN HD21 H  N N 55  
ASN HD22 H  N N 56  
ASN HXT  H  N N 57  
ASP N    N  N N 58  
ASP CA   C  N S 59  
ASP C    C  N N 60  
ASP O    O  N N 61  
ASP CB   C  N N 62  
ASP CG   C  N N 63  
ASP OD1  O  N N 64  
ASP OD2  O  N N 65  
ASP OXT  O  N N 66  
ASP H    H  N N 67  
ASP H2   H  N N 68  
ASP HA   H  N N 69  
ASP HB2  H  N N 70  
ASP HB3  H  N N 71  
ASP HD2  H  N N 72  
ASP HXT  H  N N 73  
CYS N    N  N N 74  
CYS CA   C  N R 75  
CYS C    C  N N 76  
CYS O    O  N N 77  
CYS CB   C  N N 78  
CYS SG   S  N N 79  
CYS OXT  O  N N 80  
CYS H    H  N N 81  
CYS H2   H  N N 82  
CYS HA   H  N N 83  
CYS HB2  H  N N 84  
CYS HB3  H  N N 85  
CYS HG   H  N N 86  
CYS HXT  H  N N 87  
GLN N    N  N N 88  
GLN CA   C  N S 89  
GLN C    C  N N 90  
GLN O    O  N N 91  
GLN CB   C  N N 92  
GLN CG   C  N N 93  
GLN CD   C  N N 94  
GLN OE1  O  N N 95  
GLN NE2  N  N N 96  
GLN OXT  O  N N 97  
GLN H    H  N N 98  
GLN H2   H  N N 99  
GLN HA   H  N N 100 
GLN HB2  H  N N 101 
GLN HB3  H  N N 102 
GLN HG2  H  N N 103 
GLN HG3  H  N N 104 
GLN HE21 H  N N 105 
GLN HE22 H  N N 106 
GLN HXT  H  N N 107 
GLU N    N  N N 108 
GLU CA   C  N S 109 
GLU C    C  N N 110 
GLU O    O  N N 111 
GLU CB   C  N N 112 
GLU CG   C  N N 113 
GLU CD   C  N N 114 
GLU OE1  O  N N 115 
GLU OE2  O  N N 116 
GLU OXT  O  N N 117 
GLU H    H  N N 118 
GLU H2   H  N N 119 
GLU HA   H  N N 120 
GLU HB2  H  N N 121 
GLU HB3  H  N N 122 
GLU HG2  H  N N 123 
GLU HG3  H  N N 124 
GLU HE2  H  N N 125 
GLU HXT  H  N N 126 
GLY N    N  N N 127 
GLY CA   C  N N 128 
GLY C    C  N N 129 
GLY O    O  N N 130 
GLY OXT  O  N N 131 
GLY H    H  N N 132 
GLY H2   H  N N 133 
GLY HA2  H  N N 134 
GLY HA3  H  N N 135 
GLY HXT  H  N N 136 
HIS N    N  N N 137 
HIS CA   C  N S 138 
HIS C    C  N N 139 
HIS O    O  N N 140 
HIS CB   C  N N 141 
HIS CG   C  Y N 142 
HIS ND1  N  Y N 143 
HIS CD2  C  Y N 144 
HIS CE1  C  Y N 145 
HIS NE2  N  Y N 146 
HIS OXT  O  N N 147 
HIS H    H  N N 148 
HIS H2   H  N N 149 
HIS HA   H  N N 150 
HIS HB2  H  N N 151 
HIS HB3  H  N N 152 
HIS HD1  H  N N 153 
HIS HD2  H  N N 154 
HIS HE1  H  N N 155 
HIS HE2  H  N N 156 
HIS HXT  H  N N 157 
HOH O    O  N N 158 
HOH H1   H  N N 159 
HOH H2   H  N N 160 
ILE N    N  N N 161 
ILE CA   C  N S 162 
ILE C    C  N N 163 
ILE O    O  N N 164 
ILE CB   C  N S 165 
ILE CG1  C  N N 166 
ILE CG2  C  N N 167 
ILE CD1  C  N N 168 
ILE OXT  O  N N 169 
ILE H    H  N N 170 
ILE H2   H  N N 171 
ILE HA   H  N N 172 
ILE HB   H  N N 173 
ILE HG12 H  N N 174 
ILE HG13 H  N N 175 
ILE HG21 H  N N 176 
ILE HG22 H  N N 177 
ILE HG23 H  N N 178 
ILE HD11 H  N N 179 
ILE HD12 H  N N 180 
ILE HD13 H  N N 181 
ILE HXT  H  N N 182 
LEU N    N  N N 183 
LEU CA   C  N S 184 
LEU C    C  N N 185 
LEU O    O  N N 186 
LEU CB   C  N N 187 
LEU CG   C  N N 188 
LEU CD1  C  N N 189 
LEU CD2  C  N N 190 
LEU OXT  O  N N 191 
LEU H    H  N N 192 
LEU H2   H  N N 193 
LEU HA   H  N N 194 
LEU HB2  H  N N 195 
LEU HB3  H  N N 196 
LEU HG   H  N N 197 
LEU HD11 H  N N 198 
LEU HD12 H  N N 199 
LEU HD13 H  N N 200 
LEU HD21 H  N N 201 
LEU HD22 H  N N 202 
LEU HD23 H  N N 203 
LEU HXT  H  N N 204 
LYS N    N  N N 205 
LYS CA   C  N S 206 
LYS C    C  N N 207 
LYS O    O  N N 208 
LYS CB   C  N N 209 
LYS CG   C  N N 210 
LYS CD   C  N N 211 
LYS CE   C  N N 212 
LYS NZ   N  N N 213 
LYS OXT  O  N N 214 
LYS H    H  N N 215 
LYS H2   H  N N 216 
LYS HA   H  N N 217 
LYS HB2  H  N N 218 
LYS HB3  H  N N 219 
LYS HG2  H  N N 220 
LYS HG3  H  N N 221 
LYS HD2  H  N N 222 
LYS HD3  H  N N 223 
LYS HE2  H  N N 224 
LYS HE3  H  N N 225 
LYS HZ1  H  N N 226 
LYS HZ2  H  N N 227 
LYS HZ3  H  N N 228 
LYS HXT  H  N N 229 
MET N    N  N N 230 
MET CA   C  N S 231 
MET C    C  N N 232 
MET O    O  N N 233 
MET CB   C  N N 234 
MET CG   C  N N 235 
MET SD   S  N N 236 
MET CE   C  N N 237 
MET OXT  O  N N 238 
MET H    H  N N 239 
MET H2   H  N N 240 
MET HA   H  N N 241 
MET HB2  H  N N 242 
MET HB3  H  N N 243 
MET HG2  H  N N 244 
MET HG3  H  N N 245 
MET HE1  H  N N 246 
MET HE2  H  N N 247 
MET HE3  H  N N 248 
MET HXT  H  N N 249 
PHE N    N  N N 250 
PHE CA   C  N S 251 
PHE C    C  N N 252 
PHE O    O  N N 253 
PHE CB   C  N N 254 
PHE CG   C  Y N 255 
PHE CD1  C  Y N 256 
PHE CD2  C  Y N 257 
PHE CE1  C  Y N 258 
PHE CE2  C  Y N 259 
PHE CZ   C  Y N 260 
PHE OXT  O  N N 261 
PHE H    H  N N 262 
PHE H2   H  N N 263 
PHE HA   H  N N 264 
PHE HB2  H  N N 265 
PHE HB3  H  N N 266 
PHE HD1  H  N N 267 
PHE HD2  H  N N 268 
PHE HE1  H  N N 269 
PHE HE2  H  N N 270 
PHE HZ   H  N N 271 
PHE HXT  H  N N 272 
PMB C1   C  Y N 273 
PMB C2   C  Y N 274 
PMB C3   C  Y N 275 
PMB C4   C  Y N 276 
PMB C5   C  Y N 277 
PMB C6   C  Y N 278 
PMB S1   S  N N 279 
PMB O1   O  N N 280 
PMB O2   O  N N 281 
PMB O3   O  N N 282 
PMB HG   HG N N 283 
PMB H2   H  N N 284 
PMB H3   H  N N 285 
PMB H5   H  N N 286 
PMB H6   H  N N 287 
PMB HO3  H  N N 288 
PRO N    N  N N 289 
PRO CA   C  N S 290 
PRO C    C  N N 291 
PRO O    O  N N 292 
PRO CB   C  N N 293 
PRO CG   C  N N 294 
PRO CD   C  N N 295 
PRO OXT  O  N N 296 
PRO H    H  N N 297 
PRO HA   H  N N 298 
PRO HB2  H  N N 299 
PRO HB3  H  N N 300 
PRO HG2  H  N N 301 
PRO HG3  H  N N 302 
PRO HD2  H  N N 303 
PRO HD3  H  N N 304 
PRO HXT  H  N N 305 
SER N    N  N N 306 
SER CA   C  N S 307 
SER C    C  N N 308 
SER O    O  N N 309 
SER CB   C  N N 310 
SER OG   O  N N 311 
SER OXT  O  N N 312 
SER H    H  N N 313 
SER H2   H  N N 314 
SER HA   H  N N 315 
SER HB2  H  N N 316 
SER HB3  H  N N 317 
SER HG   H  N N 318 
SER HXT  H  N N 319 
THR N    N  N N 320 
THR CA   C  N S 321 
THR C    C  N N 322 
THR O    O  N N 323 
THR CB   C  N R 324 
THR OG1  O  N N 325 
THR CG2  C  N N 326 
THR OXT  O  N N 327 
THR H    H  N N 328 
THR H2   H  N N 329 
THR HA   H  N N 330 
THR HB   H  N N 331 
THR HG1  H  N N 332 
THR HG21 H  N N 333 
THR HG22 H  N N 334 
THR HG23 H  N N 335 
THR HXT  H  N N 336 
TRP N    N  N N 337 
TRP CA   C  N S 338 
TRP C    C  N N 339 
TRP O    O  N N 340 
TRP CB   C  N N 341 
TRP CG   C  Y N 342 
TRP CD1  C  Y N 343 
TRP CD2  C  Y N 344 
TRP NE1  N  Y N 345 
TRP CE2  C  Y N 346 
TRP CE3  C  Y N 347 
TRP CZ2  C  Y N 348 
TRP CZ3  C  Y N 349 
TRP CH2  C  Y N 350 
TRP OXT  O  N N 351 
TRP H    H  N N 352 
TRP H2   H  N N 353 
TRP HA   H  N N 354 
TRP HB2  H  N N 355 
TRP HB3  H  N N 356 
TRP HD1  H  N N 357 
TRP HE1  H  N N 358 
TRP HE3  H  N N 359 
TRP HZ2  H  N N 360 
TRP HZ3  H  N N 361 
TRP HH2  H  N N 362 
TRP HXT  H  N N 363 
TYR N    N  N N 364 
TYR CA   C  N S 365 
TYR C    C  N N 366 
TYR O    O  N N 367 
TYR CB   C  N N 368 
TYR CG   C  Y N 369 
TYR CD1  C  Y N 370 
TYR CD2  C  Y N 371 
TYR CE1  C  Y N 372 
TYR CE2  C  Y N 373 
TYR CZ   C  Y N 374 
TYR OH   O  N N 375 
TYR OXT  O  N N 376 
TYR H    H  N N 377 
TYR H2   H  N N 378 
TYR HA   H  N N 379 
TYR HB2  H  N N 380 
TYR HB3  H  N N 381 
TYR HD1  H  N N 382 
TYR HD2  H  N N 383 
TYR HE1  H  N N 384 
TYR HE2  H  N N 385 
TYR HH   H  N N 386 
TYR HXT  H  N N 387 
VAL N    N  N N 388 
VAL CA   C  N S 389 
VAL C    C  N N 390 
VAL O    O  N N 391 
VAL CB   C  N N 392 
VAL CG1  C  N N 393 
VAL CG2  C  N N 394 
VAL OXT  O  N N 395 
VAL H    H  N N 396 
VAL H2   H  N N 397 
VAL HA   H  N N 398 
VAL HB   H  N N 399 
VAL HG11 H  N N 400 
VAL HG12 H  N N 401 
VAL HG13 H  N N 402 
VAL HG21 H  N N 403 
VAL HG22 H  N N 404 
VAL HG23 H  N N 405 
VAL HXT  H  N N 406 
# 
loop_
_chem_comp_bond.comp_id 
_chem_comp_bond.atom_id_1 
_chem_comp_bond.atom_id_2 
_chem_comp_bond.value_order 
_chem_comp_bond.pdbx_aromatic_flag 
_chem_comp_bond.pdbx_stereo_config 
_chem_comp_bond.pdbx_ordinal 
ALA N   CA   sing N N 1   
ALA N   H    sing N N 2   
ALA N   H2   sing N N 3   
ALA CA  C    sing N N 4   
ALA CA  CB   sing N N 5   
ALA CA  HA   sing N N 6   
ALA C   O    doub N N 7   
ALA C   OXT  sing N N 8   
ALA CB  HB1  sing N N 9   
ALA CB  HB2  sing N N 10  
ALA CB  HB3  sing N N 11  
ALA OXT HXT  sing N N 12  
ARG N   CA   sing N N 13  
ARG N   H    sing N N 14  
ARG N   H2   sing N N 15  
ARG CA  C    sing N N 16  
ARG CA  CB   sing N N 17  
ARG CA  HA   sing N N 18  
ARG C   O    doub N N 19  
ARG C   OXT  sing N N 20  
ARG CB  CG   sing N N 21  
ARG CB  HB2  sing N N 22  
ARG CB  HB3  sing N N 23  
ARG CG  CD   sing N N 24  
ARG CG  HG2  sing N N 25  
ARG CG  HG3  sing N N 26  
ARG CD  NE   sing N N 27  
ARG CD  HD2  sing N N 28  
ARG CD  HD3  sing N N 29  
ARG NE  CZ   sing N N 30  
ARG NE  HE   sing N N 31  
ARG CZ  NH1  sing N N 32  
ARG CZ  NH2  doub N N 33  
ARG NH1 HH11 sing N N 34  
ARG NH1 HH12 sing N N 35  
ARG NH2 HH21 sing N N 36  
ARG NH2 HH22 sing N N 37  
ARG OXT HXT  sing N N 38  
ASN N   CA   sing N N 39  
ASN N   H    sing N N 40  
ASN N   H2   sing N N 41  
ASN CA  C    sing N N 42  
ASN CA  CB   sing N N 43  
ASN CA  HA   sing N N 44  
ASN C   O    doub N N 45  
ASN C   OXT  sing N N 46  
ASN CB  CG   sing N N 47  
ASN CB  HB2  sing N N 48  
ASN CB  HB3  sing N N 49  
ASN CG  OD1  doub N N 50  
ASN CG  ND2  sing N N 51  
ASN ND2 HD21 sing N N 52  
ASN ND2 HD22 sing N N 53  
ASN OXT HXT  sing N N 54  
ASP N   CA   sing N N 55  
ASP N   H    sing N N 56  
ASP N   H2   sing N N 57  
ASP CA  C    sing N N 58  
ASP CA  CB   sing N N 59  
ASP CA  HA   sing N N 60  
ASP C   O    doub N N 61  
ASP C   OXT  sing N N 62  
ASP CB  CG   sing N N 63  
ASP CB  HB2  sing N N 64  
ASP CB  HB3  sing N N 65  
ASP CG  OD1  doub N N 66  
ASP CG  OD2  sing N N 67  
ASP OD2 HD2  sing N N 68  
ASP OXT HXT  sing N N 69  
CYS N   CA   sing N N 70  
CYS N   H    sing N N 71  
CYS N   H2   sing N N 72  
CYS CA  C    sing N N 73  
CYS CA  CB   sing N N 74  
CYS CA  HA   sing N N 75  
CYS C   O    doub N N 76  
CYS C   OXT  sing N N 77  
CYS CB  SG   sing N N 78  
CYS CB  HB2  sing N N 79  
CYS CB  HB3  sing N N 80  
CYS SG  HG   sing N N 81  
CYS OXT HXT  sing N N 82  
GLN N   CA   sing N N 83  
GLN N   H    sing N N 84  
GLN N   H2   sing N N 85  
GLN CA  C    sing N N 86  
GLN CA  CB   sing N N 87  
GLN CA  HA   sing N N 88  
GLN C   O    doub N N 89  
GLN C   OXT  sing N N 90  
GLN CB  CG   sing N N 91  
GLN CB  HB2  sing N N 92  
GLN CB  HB3  sing N N 93  
GLN CG  CD   sing N N 94  
GLN CG  HG2  sing N N 95  
GLN CG  HG3  sing N N 96  
GLN CD  OE1  doub N N 97  
GLN CD  NE2  sing N N 98  
GLN NE2 HE21 sing N N 99  
GLN NE2 HE22 sing N N 100 
GLN OXT HXT  sing N N 101 
GLU N   CA   sing N N 102 
GLU N   H    sing N N 103 
GLU N   H2   sing N N 104 
GLU CA  C    sing N N 105 
GLU CA  CB   sing N N 106 
GLU CA  HA   sing N N 107 
GLU C   O    doub N N 108 
GLU C   OXT  sing N N 109 
GLU CB  CG   sing N N 110 
GLU CB  HB2  sing N N 111 
GLU CB  HB3  sing N N 112 
GLU CG  CD   sing N N 113 
GLU CG  HG2  sing N N 114 
GLU CG  HG3  sing N N 115 
GLU CD  OE1  doub N N 116 
GLU CD  OE2  sing N N 117 
GLU OE2 HE2  sing N N 118 
GLU OXT HXT  sing N N 119 
GLY N   CA   sing N N 120 
GLY N   H    sing N N 121 
GLY N   H2   sing N N 122 
GLY CA  C    sing N N 123 
GLY CA  HA2  sing N N 124 
GLY CA  HA3  sing N N 125 
GLY C   O    doub N N 126 
GLY C   OXT  sing N N 127 
GLY OXT HXT  sing N N 128 
HIS N   CA   sing N N 129 
HIS N   H    sing N N 130 
HIS N   H2   sing N N 131 
HIS CA  C    sing N N 132 
HIS CA  CB   sing N N 133 
HIS CA  HA   sing N N 134 
HIS C   O    doub N N 135 
HIS C   OXT  sing N N 136 
HIS CB  CG   sing N N 137 
HIS CB  HB2  sing N N 138 
HIS CB  HB3  sing N N 139 
HIS CG  ND1  sing Y N 140 
HIS CG  CD2  doub Y N 141 
HIS ND1 CE1  doub Y N 142 
HIS ND1 HD1  sing N N 143 
HIS CD2 NE2  sing Y N 144 
HIS CD2 HD2  sing N N 145 
HIS CE1 NE2  sing Y N 146 
HIS CE1 HE1  sing N N 147 
HIS NE2 HE2  sing N N 148 
HIS OXT HXT  sing N N 149 
HOH O   H1   sing N N 150 
HOH O   H2   sing N N 151 
ILE N   CA   sing N N 152 
ILE N   H    sing N N 153 
ILE N   H2   sing N N 154 
ILE CA  C    sing N N 155 
ILE CA  CB   sing N N 156 
ILE CA  HA   sing N N 157 
ILE C   O    doub N N 158 
ILE C   OXT  sing N N 159 
ILE CB  CG1  sing N N 160 
ILE CB  CG2  sing N N 161 
ILE CB  HB   sing N N 162 
ILE CG1 CD1  sing N N 163 
ILE CG1 HG12 sing N N 164 
ILE CG1 HG13 sing N N 165 
ILE CG2 HG21 sing N N 166 
ILE CG2 HG22 sing N N 167 
ILE CG2 HG23 sing N N 168 
ILE CD1 HD11 sing N N 169 
ILE CD1 HD12 sing N N 170 
ILE CD1 HD13 sing N N 171 
ILE OXT HXT  sing N N 172 
LEU N   CA   sing N N 173 
LEU N   H    sing N N 174 
LEU N   H2   sing N N 175 
LEU CA  C    sing N N 176 
LEU CA  CB   sing N N 177 
LEU CA  HA   sing N N 178 
LEU C   O    doub N N 179 
LEU C   OXT  sing N N 180 
LEU CB  CG   sing N N 181 
LEU CB  HB2  sing N N 182 
LEU CB  HB3  sing N N 183 
LEU CG  CD1  sing N N 184 
LEU CG  CD2  sing N N 185 
LEU CG  HG   sing N N 186 
LEU CD1 HD11 sing N N 187 
LEU CD1 HD12 sing N N 188 
LEU CD1 HD13 sing N N 189 
LEU CD2 HD21 sing N N 190 
LEU CD2 HD22 sing N N 191 
LEU CD2 HD23 sing N N 192 
LEU OXT HXT  sing N N 193 
LYS N   CA   sing N N 194 
LYS N   H    sing N N 195 
LYS N   H2   sing N N 196 
LYS CA  C    sing N N 197 
LYS CA  CB   sing N N 198 
LYS CA  HA   sing N N 199 
LYS C   O    doub N N 200 
LYS C   OXT  sing N N 201 
LYS CB  CG   sing N N 202 
LYS CB  HB2  sing N N 203 
LYS CB  HB3  sing N N 204 
LYS CG  CD   sing N N 205 
LYS CG  HG2  sing N N 206 
LYS CG  HG3  sing N N 207 
LYS CD  CE   sing N N 208 
LYS CD  HD2  sing N N 209 
LYS CD  HD3  sing N N 210 
LYS CE  NZ   sing N N 211 
LYS CE  HE2  sing N N 212 
LYS CE  HE3  sing N N 213 
LYS NZ  HZ1  sing N N 214 
LYS NZ  HZ2  sing N N 215 
LYS NZ  HZ3  sing N N 216 
LYS OXT HXT  sing N N 217 
MET N   CA   sing N N 218 
MET N   H    sing N N 219 
MET N   H2   sing N N 220 
MET CA  C    sing N N 221 
MET CA  CB   sing N N 222 
MET CA  HA   sing N N 223 
MET C   O    doub N N 224 
MET C   OXT  sing N N 225 
MET CB  CG   sing N N 226 
MET CB  HB2  sing N N 227 
MET CB  HB3  sing N N 228 
MET CG  SD   sing N N 229 
MET CG  HG2  sing N N 230 
MET CG  HG3  sing N N 231 
MET SD  CE   sing N N 232 
MET CE  HE1  sing N N 233 
MET CE  HE2  sing N N 234 
MET CE  HE3  sing N N 235 
MET OXT HXT  sing N N 236 
PHE N   CA   sing N N 237 
PHE N   H    sing N N 238 
PHE N   H2   sing N N 239 
PHE CA  C    sing N N 240 
PHE CA  CB   sing N N 241 
PHE CA  HA   sing N N 242 
PHE C   O    doub N N 243 
PHE C   OXT  sing N N 244 
PHE CB  CG   sing N N 245 
PHE CB  HB2  sing N N 246 
PHE CB  HB3  sing N N 247 
PHE CG  CD1  doub Y N 248 
PHE CG  CD2  sing Y N 249 
PHE CD1 CE1  sing Y N 250 
PHE CD1 HD1  sing N N 251 
PHE CD2 CE2  doub Y N 252 
PHE CD2 HD2  sing N N 253 
PHE CE1 CZ   doub Y N 254 
PHE CE1 HE1  sing N N 255 
PHE CE2 CZ   sing Y N 256 
PHE CE2 HE2  sing N N 257 
PHE CZ  HZ   sing N N 258 
PHE OXT HXT  sing N N 259 
PMB C1  C2   doub Y N 260 
PMB C1  C6   sing Y N 261 
PMB C1  S1   sing N N 262 
PMB C2  C3   sing Y N 263 
PMB C2  H2   sing N N 264 
PMB C3  C4   doub Y N 265 
PMB C3  H3   sing N N 266 
PMB C4  C5   sing Y N 267 
PMB C4  HG   sing N N 268 
PMB C5  C6   doub Y N 269 
PMB C5  H5   sing N N 270 
PMB C6  H6   sing N N 271 
PMB S1  O1   doub N N 272 
PMB S1  O2   doub N N 273 
PMB S1  O3   sing N N 274 
PMB O3  HO3  sing N N 275 
PRO N   CA   sing N N 276 
PRO N   CD   sing N N 277 
PRO N   H    sing N N 278 
PRO CA  C    sing N N 279 
PRO CA  CB   sing N N 280 
PRO CA  HA   sing N N 281 
PRO C   O    doub N N 282 
PRO C   OXT  sing N N 283 
PRO CB  CG   sing N N 284 
PRO CB  HB2  sing N N 285 
PRO CB  HB3  sing N N 286 
PRO CG  CD   sing N N 287 
PRO CG  HG2  sing N N 288 
PRO CG  HG3  sing N N 289 
PRO CD  HD2  sing N N 290 
PRO CD  HD3  sing N N 291 
PRO OXT HXT  sing N N 292 
SER N   CA   sing N N 293 
SER N   H    sing N N 294 
SER N   H2   sing N N 295 
SER CA  C    sing N N 296 
SER CA  CB   sing N N 297 
SER CA  HA   sing N N 298 
SER C   O    doub N N 299 
SER C   OXT  sing N N 300 
SER CB  OG   sing N N 301 
SER CB  HB2  sing N N 302 
SER CB  HB3  sing N N 303 
SER OG  HG   sing N N 304 
SER OXT HXT  sing N N 305 
THR N   CA   sing N N 306 
THR N   H    sing N N 307 
THR N   H2   sing N N 308 
THR CA  C    sing N N 309 
THR CA  CB   sing N N 310 
THR CA  HA   sing N N 311 
THR C   O    doub N N 312 
THR C   OXT  sing N N 313 
THR CB  OG1  sing N N 314 
THR CB  CG2  sing N N 315 
THR CB  HB   sing N N 316 
THR OG1 HG1  sing N N 317 
THR CG2 HG21 sing N N 318 
THR CG2 HG22 sing N N 319 
THR CG2 HG23 sing N N 320 
THR OXT HXT  sing N N 321 
TRP N   CA   sing N N 322 
TRP N   H    sing N N 323 
TRP N   H2   sing N N 324 
TRP CA  C    sing N N 325 
TRP CA  CB   sing N N 326 
TRP CA  HA   sing N N 327 
TRP C   O    doub N N 328 
TRP C   OXT  sing N N 329 
TRP CB  CG   sing N N 330 
TRP CB  HB2  sing N N 331 
TRP CB  HB3  sing N N 332 
TRP CG  CD1  doub Y N 333 
TRP CG  CD2  sing Y N 334 
TRP CD1 NE1  sing Y N 335 
TRP CD1 HD1  sing N N 336 
TRP CD2 CE2  doub Y N 337 
TRP CD2 CE3  sing Y N 338 
TRP NE1 CE2  sing Y N 339 
TRP NE1 HE1  sing N N 340 
TRP CE2 CZ2  sing Y N 341 
TRP CE3 CZ3  doub Y N 342 
TRP CE3 HE3  sing N N 343 
TRP CZ2 CH2  doub Y N 344 
TRP CZ2 HZ2  sing N N 345 
TRP CZ3 CH2  sing Y N 346 
TRP CZ3 HZ3  sing N N 347 
TRP CH2 HH2  sing N N 348 
TRP OXT HXT  sing N N 349 
TYR N   CA   sing N N 350 
TYR N   H    sing N N 351 
TYR N   H2   sing N N 352 
TYR CA  C    sing N N 353 
TYR CA  CB   sing N N 354 
TYR CA  HA   sing N N 355 
TYR C   O    doub N N 356 
TYR C   OXT  sing N N 357 
TYR CB  CG   sing N N 358 
TYR CB  HB2  sing N N 359 
TYR CB  HB3  sing N N 360 
TYR CG  CD1  doub Y N 361 
TYR CG  CD2  sing Y N 362 
TYR CD1 CE1  sing Y N 363 
TYR CD1 HD1  sing N N 364 
TYR CD2 CE2  doub Y N 365 
TYR CD2 HD2  sing N N 366 
TYR CE1 CZ   doub Y N 367 
TYR CE1 HE1  sing N N 368 
TYR CE2 CZ   sing Y N 369 
TYR CE2 HE2  sing N N 370 
TYR CZ  OH   sing N N 371 
TYR OH  HH   sing N N 372 
TYR OXT HXT  sing N N 373 
VAL N   CA   sing N N 374 
VAL N   H    sing N N 375 
VAL N   H2   sing N N 376 
VAL CA  C    sing N N 377 
VAL CA  CB   sing N N 378 
VAL CA  HA   sing N N 379 
VAL C   O    doub N N 380 
VAL C   OXT  sing N N 381 
VAL CB  CG1  sing N N 382 
VAL CB  CG2  sing N N 383 
VAL CB  HB   sing N N 384 
VAL CG1 HG11 sing N N 385 
VAL CG1 HG12 sing N N 386 
VAL CG1 HG13 sing N N 387 
VAL CG2 HG21 sing N N 388 
VAL CG2 HG22 sing N N 389 
VAL CG2 HG23 sing N N 390 
VAL OXT HXT  sing N N 391 
# 
_atom_sites.entry_id                    1BH9 
_atom_sites.fract_transf_matrix[1][1]   0.01068930 
_atom_sites.fract_transf_matrix[1][2]   -0.01752597 
_atom_sites.fract_transf_matrix[1][3]   0.00743659 
_atom_sites.fract_transf_matrix[2][1]   -0.00398373 
_atom_sites.fract_transf_matrix[2][2]   -0.00992960 
_atom_sites.fract_transf_matrix[2][3]   -0.01767512 
_atom_sites.fract_transf_matrix[3][1]   0.01213064 
_atom_sites.fract_transf_matrix[3][2]   0.00503765 
_atom_sites.fract_transf_matrix[3][3]   -0.00556416 
_atom_sites.fract_transf_vector[1]      0.697087 
_atom_sites.fract_transf_vector[2]      0.095213 
_atom_sites.fract_transf_vector[3]      0.297958 
# 
loop_
_atom_type.symbol 
C  
HG 
N  
O  
S  
# 
loop_
_atom_site.group_PDB 
_atom_site.id 
_atom_site.type_symbol 
_atom_site.label_atom_id 
_atom_site.label_alt_id 
_atom_site.label_comp_id 
_atom_site.label_asym_id 
_atom_site.label_entity_id 
_atom_site.label_seq_id 
_atom_site.pdbx_PDB_ins_code 
_atom_site.Cartn_x 
_atom_site.Cartn_y 
_atom_site.Cartn_z 
_atom_site.occupancy 
_atom_site.B_iso_or_equiv 
_atom_site.pdbx_formal_charge 
_atom_site.auth_seq_id 
_atom_site.auth_comp_id 
_atom_site.auth_asym_id 
_atom_site.auth_atom_id 
_atom_site.pdbx_PDB_model_num 
ATOM   1    N  N   . LEU A 1 1  ? 12.199  4.252   2.300   1.00 55.66 ? 31  LEU A N   1 
ATOM   2    C  CA  . LEU A 1 1  ? 11.409  5.225   1.464   1.00 55.99 ? 31  LEU A CA  1 
ATOM   3    C  C   . LEU A 1 1  ? 10.117  5.671   2.114   1.00 56.22 ? 31  LEU A C   1 
ATOM   4    O  O   . LEU A 1 1  ? 9.821   6.860   2.112   1.00 58.40 ? 31  LEU A O   1 
ATOM   5    C  CB  . LEU A 1 1  ? 11.112  4.570   0.142   1.00 55.30 ? 31  LEU A CB  1 
ATOM   6    C  CG  . LEU A 1 1  ? 11.275  5.493   -1.054  1.00 55.17 ? 31  LEU A CG  1 
ATOM   7    C  CD1 . LEU A 1 1  ? 12.756  5.804   -1.178  1.00 53.45 ? 31  LEU A CD1 1 
ATOM   8    C  CD2 . LEU A 1 1  ? 10.729  4.822   -2.315  1.00 55.58 ? 31  LEU A CD2 1 
ATOM   9    N  N   . PHE A 1 2  ? 9.302   4.732   2.621   1.00 55.41 ? 32  PHE A N   1 
ATOM   10   C  CA  . PHE A 1 2  ? 8.060   5.056   3.319   1.00 53.33 ? 32  PHE A CA  1 
ATOM   11   C  C   . PHE A 1 2  ? 7.498   3.909   4.208   1.00 51.53 ? 32  PHE A C   1 
ATOM   12   O  O   . PHE A 1 2  ? 6.403   3.359   4.008   1.00 52.06 ? 32  PHE A O   1 
ATOM   13   C  CB  . PHE A 1 2  ? 6.981   5.538   2.346   1.00 52.41 ? 32  PHE A CB  1 
ATOM   14   C  CG  . PHE A 1 2  ? 7.132   5.012   0.953   1.00 50.31 ? 32  PHE A CG  1 
ATOM   15   C  CD1 . PHE A 1 2  ? 7.115   3.653   0.724   1.00 48.78 ? 32  PHE A CD1 1 
ATOM   16   C  CD2 . PHE A 1 2  ? 7.169   5.899   -0.125  1.00 50.61 ? 32  PHE A CD2 1 
ATOM   17   C  CE1 . PHE A 1 2  ? 7.120   3.168   -0.561  1.00 50.82 ? 32  PHE A CE1 1 
ATOM   18   C  CE2 . PHE A 1 2  ? 7.172   5.421   -1.422  1.00 51.43 ? 32  PHE A CE2 1 
ATOM   19   C  CZ  . PHE A 1 2  ? 7.150   4.046   -1.634  1.00 51.18 ? 32  PHE A CZ  1 
ATOM   20   N  N   . SER A 1 3  ? 8.264   3.629   5.248   1.00 50.26 ? 33  SER A N   1 
ATOM   21   C  CA  . SER A 1 3  ? 7.951   2.562   6.181   1.00 49.34 ? 33  SER A CA  1 
ATOM   22   C  C   . SER A 1 3  ? 7.012   2.938   7.291   1.00 48.47 ? 33  SER A C   1 
ATOM   23   O  O   . SER A 1 3  ? 6.191   2.138   7.724   1.00 47.02 ? 33  SER A O   1 
ATOM   24   C  CB  . SER A 1 3  ? 9.258   2.032   6.776   1.00 49.70 ? 33  SER A CB  1 
ATOM   25   O  OG  . SER A 1 3  ? 9.005   1.281   7.946   1.00 50.93 ? 33  SER A OG  1 
ATOM   26   N  N   . LYS A 1 4  ? 7.124   4.156   7.779   1.00 48.30 ? 34  LYS A N   1 
ATOM   27   C  CA  . LYS A 1 4  ? 6.221   4.495   8.848   1.00 49.15 ? 34  LYS A CA  1 
ATOM   28   C  C   . LYS A 1 4  ? 4.843   4.740   8.268   1.00 48.36 ? 34  LYS A C   1 
ATOM   29   O  O   . LYS A 1 4  ? 3.864   4.152   8.720   1.00 49.92 ? 34  LYS A O   1 
ATOM   30   C  CB  . LYS A 1 4  ? 6.714   5.711   9.625   1.00 51.14 ? 34  LYS A CB  1 
ATOM   31   C  CG  . LYS A 1 4  ? 5.918   5.891   10.913  1.00 54.33 ? 34  LYS A CG  1 
ATOM   32   C  CD  . LYS A 1 4  ? 6.647   6.768   11.924  1.00 56.15 ? 34  LYS A CD  1 
ATOM   33   C  CE  . LYS A 1 4  ? 6.009   6.655   13.305  1.00 56.56 ? 34  LYS A CE  1 
ATOM   34   N  NZ  . LYS A 1 4  ? 6.867   7.208   14.391  1.00 57.26 ? 34  LYS A NZ  1 
ATOM   35   N  N   . GLU A 1 5  ? 4.750   5.569   7.233   1.00 46.93 ? 35  GLU A N   1 
ATOM   36   C  CA  . GLU A 1 5  ? 3.444   5.853   6.654   1.00 45.88 ? 35  GLU A CA  1 
ATOM   37   C  C   . GLU A 1 5  ? 2.772   4.570   6.237   1.00 43.74 ? 35  GLU A C   1 
ATOM   38   O  O   . GLU A 1 5  ? 1.558   4.423   6.336   1.00 42.69 ? 35  GLU A O   1 
ATOM   39   C  CB  . GLU A 1 5  ? 3.558   6.790   5.450   1.00 48.71 ? 35  GLU A CB  1 
ATOM   40   C  CG  . GLU A 1 5  ? 4.151   8.145   5.780   1.00 52.20 ? 35  GLU A CG  1 
ATOM   41   C  CD  . GLU A 1 5  ? 5.670   8.162   5.682   1.00 55.48 ? 35  GLU A CD  1 
ATOM   42   O  OE1 . GLU A 1 5  ? 6.334   7.189   6.118   1.00 55.25 ? 35  GLU A OE1 1 
ATOM   43   O  OE2 . GLU A 1 5  ? 6.202   9.176   5.178   1.00 58.41 ? 35  GLU A OE2 1 
ATOM   44   N  N   . LEU A 1 6  ? 3.576   3.628   5.785   1.00 41.07 ? 36  LEU A N   1 
ATOM   45   C  CA  . LEU A 1 6  ? 3.049   2.357   5.363   1.00 40.37 ? 36  LEU A CA  1 
ATOM   46   C  C   . LEU A 1 6  ? 2.542   1.548   6.580   1.00 40.80 ? 36  LEU A C   1 
ATOM   47   O  O   . LEU A 1 6  ? 1.550   0.816   6.493   1.00 39.65 ? 36  LEU A O   1 
ATOM   48   C  CB  . LEU A 1 6  ? 4.142   1.620   4.588   1.00 37.65 ? 36  LEU A CB  1 
ATOM   49   C  CG  . LEU A 1 6  ? 3.703   0.635   3.519   1.00 37.54 ? 36  LEU A CG  1 
ATOM   50   C  CD1 . LEU A 1 6  ? 2.720   1.278   2.582   1.00 36.34 ? 36  LEU A CD1 1 
ATOM   51   C  CD2 . LEU A 1 6  ? 4.919   0.175   2.762   1.00 39.13 ? 36  LEU A CD2 1 
ATOM   52   N  N   . ARG A 1 7  ? 3.196   1.708   7.728   1.00 41.64 ? 37  ARG A N   1 
ATOM   53   C  CA  . ARG A 1 7  ? 2.787   0.980   8.923   1.00 43.17 ? 37  ARG A CA  1 
ATOM   54   C  C   . ARG A 1 7  ? 1.445   1.490   9.476   1.00 42.78 ? 37  ARG A C   1 
ATOM   55   O  O   . ARG A 1 7  ? 0.579   0.687   9.862   1.00 42.47 ? 37  ARG A O   1 
ATOM   56   C  CB  . ARG A 1 7  ? 3.911   1.023   9.975   1.00 43.80 ? 37  ARG A CB  1 
ATOM   57   C  CG  . ARG A 1 7  ? 5.221   0.414   9.439   1.00 47.30 ? 37  ARG A CG  1 
ATOM   58   C  CD  . ARG A 1 7  ? 6.420   0.328   10.417  1.00 48.69 ? 37  ARG A CD  1 
ATOM   59   N  NE  . ARG A 1 7  ? 6.172   -0.593  11.520  1.00 50.36 ? 37  ARG A NE  1 
ATOM   60   C  CZ  . ARG A 1 7  ? 5.415   -0.303  12.574  1.00 51.71 ? 37  ARG A CZ  1 
ATOM   61   N  NH1 . ARG A 1 7  ? 4.838   0.888   12.667  1.00 52.57 ? 37  ARG A NH1 1 
ATOM   62   N  NH2 . ARG A 1 7  ? 5.210   -1.211  13.526  1.00 51.87 ? 37  ARG A NH2 1 
ATOM   63   N  N   . CYS A 1 8  ? 1.265   2.812   9.498   1.00 41.63 ? 38  CYS A N   1 
ATOM   64   C  CA  . CYS A 1 8  ? 0.010   3.410   9.963   1.00 41.22 ? 38  CYS A CA  1 
ATOM   65   C  C   . CYS A 1 8  ? -1.087  3.054   8.972   1.00 39.45 ? 38  CYS A C   1 
ATOM   66   O  O   . CYS A 1 8  ? -2.228  2.824   9.337   1.00 39.49 ? 38  CYS A O   1 
ATOM   67   C  CB  . CYS A 1 8  ? 0.121   4.948   10.052  1.00 43.14 ? 38  CYS A CB  1 
ATOM   68   S  SG  . CYS A 1 8  ? 0.793   5.693   11.614  1.00 49.57 ? 38  CYS A SG  1 
ATOM   69   N  N   . MET A 1 9  ? -0.704  3.009   7.703   1.00 38.55 ? 39  MET A N   1 
ATOM   70   C  CA  . MET A 1 9  ? -1.590  2.712   6.579   1.00 36.10 ? 39  MET A CA  1 
ATOM   71   C  C   . MET A 1 9  ? -2.130  1.286   6.661   1.00 34.70 ? 39  MET A C   1 
ATOM   72   O  O   . MET A 1 9  ? -3.319  1.039   6.458   1.00 31.68 ? 39  MET A O   1 
ATOM   73   C  CB  . MET A 1 9  ? -0.786  2.948   5.298   1.00 35.93 ? 39  MET A CB  1 
ATOM   74   C  CG  . MET A 1 9  ? -1.533  2.961   4.002   1.00 34.26 ? 39  MET A CG  1 
ATOM   75   S  SD  . MET A 1 9  ? -0.411  3.652   2.754   1.00 36.96 ? 39  MET A SD  1 
ATOM   76   C  CE  . MET A 1 9  ? -0.405  5.328   3.157   1.00 35.18 ? 39  MET A CE  1 
ATOM   77   N  N   . MET A 1 10 ? -1.240  0.350   6.970   1.00 34.28 ? 40  MET A N   1 
ATOM   78   C  CA  . MET A 1 10 ? -1.627  -1.036  7.111   1.00 33.87 ? 40  MET A CA  1 
ATOM   79   C  C   . MET A 1 10 ? -2.524  -1.166  8.351   1.00 35.68 ? 40  MET A C   1 
ATOM   80   O  O   . MET A 1 10 ? -3.470  -1.961  8.355   1.00 36.59 ? 40  MET A O   1 
ATOM   81   C  CB  . MET A 1 10 ? -0.386  -1.921  7.264   1.00 32.41 ? 40  MET A CB  1 
ATOM   82   C  CG  . MET A 1 10 ? 0.575   -1.902  6.095   1.00 30.45 ? 40  MET A CG  1 
ATOM   83   S  SD  . MET A 1 10 ? 2.079   -2.841  6.411   1.00 30.61 ? 40  MET A SD  1 
ATOM   84   C  CE  . MET A 1 10 ? 1.414   -4.417  6.692   1.00 31.21 ? 40  MET A CE  1 
ATOM   85   N  N   . TYR A 1 11 ? -2.227  -0.393  9.401   1.00 36.31 ? 41  TYR A N   1 
ATOM   86   C  CA  . TYR A 1 11 ? -3.033  -0.436  10.626  1.00 36.19 ? 41  TYR A CA  1 
ATOM   87   C  C   . TYR A 1 11 ? -4.395  0.172   10.325  1.00 34.80 ? 41  TYR A C   1 
ATOM   88   O  O   . TYR A 1 11 ? -5.433  -0.385  10.685  1.00 35.28 ? 41  TYR A O   1 
ATOM   89   C  CB  . TYR A 1 11 ? -2.338  0.319   11.785  1.00 37.00 ? 41  TYR A CB  1 
ATOM   90   C  CG  . TYR A 1 11 ? -3.189  0.473   13.037  1.00 38.68 ? 41  TYR A CG  1 
ATOM   91   C  CD1 . TYR A 1 11 ? -3.811  -0.626  13.628  1.00 39.24 ? 41  TYR A CD1 1 
ATOM   92   C  CD2 . TYR A 1 11 ? -3.391  1.726   13.623  1.00 40.88 ? 41  TYR A CD2 1 
ATOM   93   C  CE1 . TYR A 1 11 ? -4.617  -0.487  14.756  1.00 38.58 ? 41  TYR A CE1 1 
ATOM   94   C  CE2 . TYR A 1 11 ? -4.201  1.877   14.759  1.00 40.37 ? 41  TYR A CE2 1 
ATOM   95   C  CZ  . TYR A 1 11 ? -4.803  0.765   15.317  1.00 41.11 ? 41  TYR A CZ  1 
ATOM   96   O  OH  . TYR A 1 11 ? -5.597  0.900   16.438  1.00 42.48 ? 41  TYR A OH  1 
ATOM   97   N  N   . GLY A 1 12 ? -4.387  1.307   9.643   1.00 33.04 ? 42  GLY A N   1 
ATOM   98   C  CA  . GLY A 1 12 ? -5.635  1.945   9.294   1.00 31.59 ? 42  GLY A CA  1 
ATOM   99   C  C   . GLY A 1 12 ? -6.518  1.059   8.436   1.00 31.68 ? 42  GLY A C   1 
ATOM   100  O  O   . GLY A 1 12 ? -7.724  1.265   8.377   1.00 32.29 ? 42  GLY A O   1 
ATOM   101  N  N   . PHE A 1 13 ? -5.925  0.077   7.764   1.00 30.26 ? 43  PHE A N   1 
ATOM   102  C  CA  . PHE A 1 13 ? -6.699  -0.819  6.917   1.00 28.37 ? 43  PHE A CA  1 
ATOM   103  C  C   . PHE A 1 13 ? -7.101  -2.122  7.567   1.00 29.85 ? 43  PHE A C   1 
ATOM   104  O  O   . PHE A 1 13 ? -7.755  -2.940  6.936   1.00 29.99 ? 43  PHE A O   1 
ATOM   105  C  CB  . PHE A 1 13 ? -5.967  -1.110  5.604   1.00 26.20 ? 43  PHE A CB  1 
ATOM   106  C  CG  . PHE A 1 13 ? -6.119  -0.031  4.575   1.00 24.52 ? 43  PHE A CG  1 
ATOM   107  C  CD1 . PHE A 1 13 ? -7.387  0.409   4.199   1.00 21.67 ? 43  PHE A CD1 1 
ATOM   108  C  CD2 . PHE A 1 13 ? -5.004  0.560   3.991   1.00 21.59 ? 43  PHE A CD2 1 
ATOM   109  C  CE1 . PHE A 1 13 ? -7.540  1.408   3.268   1.00 19.95 ? 43  PHE A CE1 1 
ATOM   110  C  CE2 . PHE A 1 13 ? -5.153  1.566   3.054   1.00 20.39 ? 43  PHE A CE2 1 
ATOM   111  C  CZ  . PHE A 1 13 ? -6.425  1.992   2.694   1.00 19.83 ? 43  PHE A CZ  1 
ATOM   112  N  N   . GLY A 1 14 ? -6.705  -2.340  8.816   1.00 31.49 ? 44  GLY A N   1 
ATOM   113  C  CA  . GLY A 1 14 ? -7.113  -3.566  9.476   1.00 33.12 ? 44  GLY A CA  1 
ATOM   114  C  C   . GLY A 1 14 ? -6.064  -4.524  9.987   1.00 34.30 ? 44  GLY A C   1 
ATOM   115  O  O   . GLY A 1 14 ? -6.403  -5.564  10.537  1.00 35.95 ? 44  GLY A O   1 
ATOM   116  N  N   . ASP A 1 15 ? -4.796  -4.196  9.815   1.00 36.48 ? 45  ASP A N   1 
ATOM   117  C  CA  . ASP A 1 15 ? -3.741  -5.075  10.299  1.00 38.93 ? 45  ASP A CA  1 
ATOM   118  C  C   . ASP A 1 15 ? -3.453  -4.766  11.772  1.00 40.99 ? 45  ASP A C   1 
ATOM   119  O  O   . ASP A 1 15 ? -3.936  -3.767  12.307  1.00 40.17 ? 45  ASP A O   1 
ATOM   120  C  CB  . ASP A 1 15 ? -2.493  -4.891  9.429   1.00 39.12 ? 45  ASP A CB  1 
ATOM   121  C  CG  . ASP A 1 15 ? -1.411  -5.906  9.729   1.00 39.23 ? 45  ASP A CG  1 
ATOM   122  O  OD1 . ASP A 1 15 ? -1.759  -7.030  10.145  1.00 38.55 ? 45  ASP A OD1 1 
ATOM   123  O  OD2 . ASP A 1 15 ? -0.220  -5.586  9.511   1.00 38.57 ? 45  ASP A OD2 1 
ATOM   124  N  N   . ASP A 1 16 ? -2.695  -5.635  12.432  1.00 42.64 ? 46  ASP A N   1 
ATOM   125  C  CA  . ASP A 1 16 ? -2.362  -5.429  13.838  1.00 45.14 ? 46  ASP A CA  1 
ATOM   126  C  C   . ASP A 1 16 ? -1.794  -4.037  14.045  1.00 46.50 ? 46  ASP A C   1 
ATOM   127  O  O   . ASP A 1 16 ? -1.098  -3.497  13.171  1.00 46.81 ? 46  ASP A O   1 
ATOM   128  C  CB  . ASP A 1 16 ? -1.322  -6.451  14.308  1.00 47.19 ? 46  ASP A CB  1 
ATOM   129  C  CG  . ASP A 1 16 ? -0.836  -6.187  15.746  1.00 48.75 ? 46  ASP A CG  1 
ATOM   130  O  OD1 . ASP A 1 16 ? -1.556  -6.499  16.723  1.00 49.57 ? 46  ASP A OD1 1 
ATOM   131  O  OD2 . ASP A 1 16 ? 0.279   -5.645  15.895  1.00 50.62 ? 46  ASP A OD2 1 
ATOM   132  N  N   . GLN A 1 17 ? -2.073  -3.472  15.218  1.00 47.46 ? 47  GLN A N   1 
ATOM   133  C  CA  . GLN A 1 17 ? -1.598  -2.135  15.578  1.00 47.63 ? 47  GLN A CA  1 
ATOM   134  C  C   . GLN A 1 17 ? -0.091  -1.996  15.345  1.00 46.43 ? 47  GLN A C   1 
ATOM   135  O  O   . GLN A 1 17 ? 0.427   -0.902  15.127  1.00 44.94 ? 47  GLN A O   1 
ATOM   136  C  CB  . GLN A 1 17 ? -1.893  -1.858  17.045  1.00 49.77 ? 47  GLN A CB  1 
ATOM   137  C  CG  . GLN A 1 17 ? -1.527  -0.454  17.452  1.00 53.98 ? 47  GLN A CG  1 
ATOM   138  C  CD  . GLN A 1 17 ? -1.197  -0.335  18.930  1.00 55.97 ? 47  GLN A CD  1 
ATOM   139  O  OE1 . GLN A 1 17 ? -2.019  -0.647  19.804  1.00 55.33 ? 47  GLN A OE1 1 
ATOM   140  N  NE2 . GLN A 1 17 ? 0.025   0.118   19.218  1.00 57.99 ? 47  GLN A NE2 1 
ATOM   141  N  N   . ASN A 1 18 ? 0.614   -3.114  15.417  1.00 45.91 ? 48  ASN A N   1 
ATOM   142  C  CA  . ASN A 1 18 ? 2.040   -3.105  15.196  1.00 46.19 ? 48  ASN A CA  1 
ATOM   143  C  C   . ASN A 1 18 ? 2.396   -4.273  14.287  1.00 44.96 ? 48  ASN A C   1 
ATOM   144  O  O   . ASN A 1 18 ? 2.668   -5.385  14.752  1.00 43.55 ? 48  ASN A O   1 
ATOM   145  C  CB  . ASN A 1 18 ? 2.779   -3.224  16.528  1.00 49.78 ? 48  ASN A CB  1 
ATOM   146  C  CG  . ASN A 1 18 ? 4.243   -2.809  16.417  1.00 52.75 ? 48  ASN A CG  1 
ATOM   147  O  OD1 . ASN A 1 18 ? 5.023   -3.414  15.678  1.00 52.31 ? 48  ASN A OD1 1 
ATOM   148  N  ND2 . ASN A 1 18 ? 4.617   -1.756  17.157  1.00 55.41 ? 48  ASN A ND2 1 
ATOM   149  N  N   . PRO A 1 19 ? 2.349   -4.043  12.965  1.00 44.33 ? 49  PRO A N   1 
ATOM   150  C  CA  . PRO A 1 19 ? 2.667   -5.061  11.957  1.00 43.85 ? 49  PRO A CA  1 
ATOM   151  C  C   . PRO A 1 19 ? 4.102   -5.564  12.029  1.00 42.22 ? 49  PRO A C   1 
ATOM   152  O  O   . PRO A 1 19 ? 4.913   -5.024  12.769  1.00 39.77 ? 49  PRO A O   1 
ATOM   153  C  CB  . PRO A 1 19 ? 2.354   -4.340  10.641  1.00 43.71 ? 49  PRO A CB  1 
ATOM   154  C  CG  . PRO A 1 19 ? 2.652   -2.906  10.983  1.00 45.36 ? 49  PRO A CG  1 
ATOM   155  C  CD  . PRO A 1 19 ? 1.910   -2.808  12.300  1.00 44.17 ? 49  PRO A CD  1 
ATOM   156  N  N   . TYR A 1 20 ? 4.382   -6.620  11.265  1.00 42.04 ? 50  TYR A N   1 
ATOM   157  C  CA  . TYR A 1 20 ? 5.703   -7.232  11.195  1.00 42.09 ? 50  TYR A CA  1 
ATOM   158  C  C   . TYR A 1 20 ? 6.534   -6.513  10.145  1.00 41.90 ? 50  TYR A C   1 
ATOM   159  O  O   . TYR A 1 20 ? 6.034   -6.188  9.076   1.00 41.32 ? 50  TYR A O   1 
ATOM   160  C  CB  . TYR A 1 20 ? 5.599   -8.709  10.811  1.00 42.46 ? 50  TYR A CB  1 
ATOM   161  C  CG  . TYR A 1 20 ? 5.052   -9.646  11.875  1.00 43.59 ? 50  TYR A CG  1 
ATOM   162  C  CD1 . TYR A 1 20 ? 5.668   -9.767  13.126  1.00 44.40 ? 50  TYR A CD1 1 
ATOM   163  C  CD2 . TYR A 1 20 ? 3.971   -10.485 11.598  1.00 43.93 ? 50  TYR A CD2 1 
ATOM   164  C  CE1 . TYR A 1 20 ? 5.219   -10.710 14.070  1.00 43.47 ? 50  TYR A CE1 1 
ATOM   165  C  CE2 . TYR A 1 20 ? 3.520   -11.420 12.525  1.00 43.83 ? 50  TYR A CE2 1 
ATOM   166  C  CZ  . TYR A 1 20 ? 4.147   -11.537 13.759  1.00 43.13 ? 50  TYR A CZ  1 
ATOM   167  O  OH  . TYR A 1 20 ? 3.703   -12.500 14.650  1.00 43.34 ? 50  TYR A OH  1 
ATOM   168  N  N   . THR A 1 21 ? 7.809   -6.289  10.452  1.00 42.60 ? 51  THR A N   1 
ATOM   169  C  CA  . THR A 1 21 ? 8.732   -5.590  9.561   1.00 41.72 ? 51  THR A CA  1 
ATOM   170  C  C   . THR A 1 21 ? 8.909   -6.257  8.211   1.00 41.34 ? 51  THR A C   1 
ATOM   171  O  O   . THR A 1 21 ? 8.960   -5.575  7.184   1.00 41.14 ? 51  THR A O   1 
ATOM   172  C  CB  . THR A 1 21 ? 10.132  -5.443  10.196  1.00 41.17 ? 51  THR A CB  1 
ATOM   173  O  OG1 . THR A 1 21 ? 10.033  -4.677  11.398  1.00 41.52 ? 51  THR A OG1 1 
ATOM   174  C  CG2 . THR A 1 21 ? 11.090  -4.748  9.237   1.00 40.52 ? 51  THR A CG2 1 
ATOM   175  N  N   . GLU A 1 22 ? 9.016   -7.579  8.204   1.00 41.53 ? 52  GLU A N   1 
ATOM   176  C  CA  . GLU A 1 22 ? 9.197   -8.288  6.944   1.00 43.19 ? 52  GLU A CA  1 
ATOM   177  C  C   . GLU A 1 22 ? 8.004   -8.053  6.019   1.00 41.77 ? 52  GLU A C   1 
ATOM   178  O  O   . GLU A 1 22 ? 8.155   -8.094  4.804   1.00 42.83 ? 52  GLU A O   1 
ATOM   179  C  CB  . GLU A 1 22 ? 9.388   -9.796  7.175   1.00 46.49 ? 52  GLU A CB  1 
ATOM   180  C  CG  . GLU A 1 22 ? 10.337  -10.137 8.321   1.00 50.77 ? 52  GLU A CG  1 
ATOM   181  C  CD  . GLU A 1 22 ? 9.667   -9.958  9.691   1.00 55.02 ? 52  GLU A CD  1 
ATOM   182  O  OE1 . GLU A 1 22 ? 8.765   -10.774 10.005  1.00 56.09 ? 52  GLU A OE1 1 
ATOM   183  O  OE2 . GLU A 1 22 ? 10.016  -9.005  10.439  1.00 54.77 ? 52  GLU A OE2 1 
ATOM   184  N  N   . SER A 1 23 ? 6.829   -7.797  6.600   1.00 40.40 ? 53  SER A N   1 
ATOM   185  C  CA  . SER A 1 23 ? 5.600   -7.548  5.834   1.00 38.79 ? 53  SER A CA  1 
ATOM   186  C  C   . SER A 1 23 ? 5.537   -6.121  5.294   1.00 38.10 ? 53  SER A C   1 
ATOM   187  O  O   . SER A 1 23 ? 5.050   -5.885  4.186   1.00 36.03 ? 53  SER A O   1 
ATOM   188  C  CB  . SER A 1 23 ? 4.358   -7.778  6.703   1.00 40.04 ? 53  SER A CB  1 
ATOM   189  O  OG  . SER A 1 23 ? 4.175   -9.137  7.039   1.00 42.79 ? 53  SER A OG  1 
ATOM   190  N  N   . VAL A 1 24 ? 6.010   -5.181  6.106   1.00 36.89 ? 54  VAL A N   1 
ATOM   191  C  CA  . VAL A 1 24 ? 6.039   -3.775  5.742   1.00 36.52 ? 54  VAL A CA  1 
ATOM   192  C  C   . VAL A 1 24 ? 6.924   -3.568  4.525   1.00 37.69 ? 54  VAL A C   1 
ATOM   193  O  O   . VAL A 1 24 ? 6.613   -2.753  3.667   1.00 39.13 ? 54  VAL A O   1 
ATOM   194  C  CB  . VAL A 1 24 ? 6.601   -2.909  6.885   1.00 34.79 ? 54  VAL A CB  1 
ATOM   195  C  CG1 . VAL A 1 24 ? 6.603   -1.451  6.479   1.00 32.69 ? 54  VAL A CG1 1 
ATOM   196  C  CG2 . VAL A 1 24 ? 5.789   -3.110  8.135   1.00 33.82 ? 54  VAL A CG2 1 
ATOM   197  N  N   . ASP A 1 25 ? 8.027   -4.308  4.446   1.00 38.72 ? 55  ASP A N   1 
ATOM   198  C  CA  . ASP A 1 25 ? 8.945   -4.155  3.329   1.00 39.29 ? 55  ASP A CA  1 
ATOM   199  C  C   . ASP A 1 25 ? 8.460   -4.819  2.063   1.00 38.90 ? 55  ASP A C   1 
ATOM   200  O  O   . ASP A 1 25 ? 8.647   -4.282  0.972   1.00 39.11 ? 55  ASP A O   1 
ATOM   201  C  CB  . ASP A 1 25 ? 10.328  -4.667  3.699   1.00 42.55 ? 55  ASP A CB  1 
ATOM   202  C  CG  . ASP A 1 25 ? 10.865  -4.003  4.950   1.00 46.94 ? 55  ASP A CG  1 
ATOM   203  O  OD1 . ASP A 1 25 ? 10.626  -2.779  5.112   1.00 47.56 ? 55  ASP A OD1 1 
ATOM   204  O  OD2 . ASP A 1 25 ? 11.536  -4.697  5.760   1.00 48.79 ? 55  ASP A OD2 1 
ATOM   205  N  N   . ILE A 1 26 ? 7.858   -5.994  2.191   1.00 37.55 ? 56  ILE A N   1 
ATOM   206  C  CA  . ILE A 1 26 ? 7.316   -6.657  1.016   1.00 36.46 ? 56  ILE A CA  1 
ATOM   207  C  C   . ILE A 1 26 ? 6.312   -5.676  0.401   1.00 36.01 ? 56  ILE A C   1 
ATOM   208  O  O   . ILE A 1 26 ? 6.293   -5.457  -0.814  1.00 34.36 ? 56  ILE A O   1 
ATOM   209  C  CB  . ILE A 1 26 ? 6.615   -7.988  1.399   1.00 36.83 ? 56  ILE A CB  1 
ATOM   210  C  CG1 . ILE A 1 26 ? 7.674   -9.061  1.664   1.00 38.81 ? 56  ILE A CG1 1 
ATOM   211  C  CG2 . ILE A 1 26 ? 5.646   -8.416  0.326   1.00 35.67 ? 56  ILE A CG2 1 
ATOM   212  C  CD1 . ILE A 1 26 ? 7.109   -10.435 2.007   1.00 39.97 ? 56  ILE A CD1 1 
ATOM   213  N  N   . LEU A 1 27 ? 5.509   -5.059  1.262   1.00 35.85 ? 57  LEU A N   1 
ATOM   214  C  CA  . LEU A 1 27 ? 4.514   -4.102  0.814   1.00 37.98 ? 57  LEU A CA  1 
ATOM   215  C  C   . LEU A 1 27 ? 5.194   -2.941  0.087   1.00 39.34 ? 57  LEU A C   1 
ATOM   216  O  O   . LEU A 1 27 ? 4.727   -2.500  -0.968  1.00 39.89 ? 57  LEU A O   1 
ATOM   217  C  CB  . LEU A 1 27 ? 3.713   -3.547  1.998   1.00 37.77 ? 57  LEU A CB  1 
ATOM   218  C  CG  . LEU A 1 27 ? 2.207   -3.465  1.766   1.00 37.57 ? 57  LEU A CG  1 
ATOM   219  C  CD1 . LEU A 1 27 ? 1.569   -2.590  2.810   1.00 37.90 ? 57  LEU A CD1 1 
ATOM   220  C  CD2 . LEU A 1 27 ? 1.935   -2.897  0.396   1.00 39.96 ? 57  LEU A CD2 1 
ATOM   221  N  N   . GLU A 1 28 ? 6.298   -2.451  0.644   1.00 40.05 ? 58  GLU A N   1 
ATOM   222  C  CA  . GLU A 1 28 ? 7.001   -1.342  0.028   1.00 41.25 ? 58  GLU A CA  1 
ATOM   223  C  C   . GLU A 1 28 ? 7.377   -1.699  -1.394  1.00 40.86 ? 58  GLU A C   1 
ATOM   224  O  O   . GLU A 1 28 ? 7.071   -0.963  -2.327  1.00 40.80 ? 58  GLU A O   1 
ATOM   225  C  CB  . GLU A 1 28 ? 8.262   -0.980  0.816   1.00 43.95 ? 58  GLU A CB  1 
ATOM   226  C  CG  . GLU A 1 28 ? 8.873   0.352   0.366   1.00 47.45 ? 58  GLU A CG  1 
ATOM   227  C  CD  . GLU A 1 28 ? 10.021  0.822   1.249   1.00 50.01 ? 58  GLU A CD  1 
ATOM   228  O  OE1 . GLU A 1 28 ? 9.940   0.613   2.483   1.00 51.72 ? 58  GLU A OE1 1 
ATOM   229  O  OE2 . GLU A 1 28 ? 10.983  1.428   0.716   1.00 50.28 ? 58  GLU A OE2 1 
ATOM   230  N  N   . ASP A 1 29 ? 8.038   -2.838  -1.559  1.00 39.80 ? 59  ASP A N   1 
ATOM   231  C  CA  . ASP A 1 29 ? 8.441   -3.274  -2.875  1.00 39.97 ? 59  ASP A CA  1 
ATOM   232  C  C   . ASP A 1 29 ? 7.265   -3.332  -3.842  1.00 39.01 ? 59  ASP A C   1 
ATOM   233  O  O   . ASP A 1 29 ? 7.397   -2.933  -5.008  1.00 38.87 ? 59  ASP A O   1 
ATOM   234  C  CB  . ASP A 1 29 ? 9.142   -4.623  -2.780  1.00 43.58 ? 59  ASP A CB  1 
ATOM   235  C  CG  . ASP A 1 29 ? 10.505  -4.521  -2.108  1.00 48.28 ? 59  ASP A CG  1 
ATOM   236  O  OD1 . ASP A 1 29 ? 10.594  -4.073  -0.933  1.00 50.61 ? 59  ASP A OD1 1 
ATOM   237  O  OD2 . ASP A 1 29 ? 11.499  -4.887  -2.767  1.00 50.77 ? 59  ASP A OD2 1 
ATOM   238  N  N   . LEU A 1 30 ? 6.114   -3.807  -3.357  1.00 36.51 ? 60  LEU A N   1 
ATOM   239  C  CA  . LEU A 1 30 ? 4.904   -3.894  -4.180  1.00 34.00 ? 60  LEU A CA  1 
ATOM   240  C  C   . LEU A 1 30 ? 4.388   -2.506  -4.537  1.00 32.82 ? 60  LEU A C   1 
ATOM   241  O  O   . LEU A 1 30 ? 3.927   -2.290  -5.656  1.00 32.95 ? 60  LEU A O   1 
ATOM   242  C  CB  . LEU A 1 30 ? 3.812   -4.673  -3.450  1.00 34.72 ? 60  LEU A CB  1 
ATOM   243  C  CG  . LEU A 1 30 ? 4.075   -6.150  -3.143  1.00 37.07 ? 60  LEU A CG  1 
ATOM   244  C  CD1 . LEU A 1 30 ? 3.078   -6.637  -2.068  1.00 36.02 ? 60  LEU A CD1 1 
ATOM   245  C  CD2 . LEU A 1 30 ? 3.991   -6.974  -4.431  1.00 32.78 ? 60  LEU A CD2 1 
ATOM   246  N  N   . VAL A 1 31 ? 4.449   -1.564  -3.594  1.00 30.35 ? 61  VAL A N   1 
ATOM   247  C  CA  . VAL A 1 31 ? 4.000   -0.211  -3.897  1.00 28.43 ? 61  VAL A CA  1 
ATOM   248  C  C   . VAL A 1 31 ? 4.921   0.361   -4.973  1.00 28.42 ? 61  VAL A C   1 
ATOM   249  O  O   . VAL A 1 31 ? 4.462   0.917   -5.962  1.00 28.67 ? 61  VAL A O   1 
ATOM   250  C  CB  . VAL A 1 31 ? 4.022   0.707   -2.653  1.00 28.11 ? 61  VAL A CB  1 
ATOM   251  C  CG1 . VAL A 1 31 ? 3.671   2.124   -3.050  1.00 25.88 ? 61  VAL A CG1 1 
ATOM   252  C  CG2 . VAL A 1 31 ? 3.028   0.217   -1.629  1.00 27.55 ? 61  VAL A CG2 1 
ATOM   253  N  N   . ILE A 1 32 ? 6.223   0.208   -4.785  1.00 28.98 ? 62  ILE A N   1 
ATOM   254  C  CA  . ILE A 1 32 ? 7.177   0.699   -5.765  1.00 30.91 ? 62  ILE A CA  1 
ATOM   255  C  C   . ILE A 1 32 ? 6.922   0.051   -7.124  1.00 31.44 ? 62  ILE A C   1 
ATOM   256  O  O   . ILE A 1 32 ? 6.860   0.743   -8.121  1.00 32.46 ? 62  ILE A O   1 
ATOM   257  C  CB  . ILE A 1 32 ? 8.641   0.433   -5.311  1.00 31.17 ? 62  ILE A CB  1 
ATOM   258  C  CG1 . ILE A 1 32 ? 8.929   1.231   -4.040  1.00 30.61 ? 62  ILE A CG1 1 
ATOM   259  C  CG2 . ILE A 1 32 ? 9.629   0.813   -6.417  1.00 29.32 ? 62  ILE A CG2 1 
ATOM   260  C  CD1 . ILE A 1 32 ? 10.258  0.912   -3.420  1.00 31.64 ? 62  ILE A CD1 1 
ATOM   261  N  N   . GLU A 1 33 ? 6.766   -1.268  -7.164  1.00 32.97 ? 63  GLU A N   1 
ATOM   262  C  CA  . GLU A 1 33 ? 6.500   -1.957  -8.425  1.00 34.83 ? 63  GLU A CA  1 
ATOM   263  C  C   . GLU A 1 33 ? 5.241   -1.336  -9.037  1.00 35.54 ? 63  GLU A C   1 
ATOM   264  O  O   . GLU A 1 33 ? 5.182   -1.082  -10.245 1.00 34.14 ? 63  GLU A O   1 
ATOM   265  C  CB  . GLU A 1 33 ? 6.299   -3.473  -8.193  1.00 37.73 ? 63  GLU A CB  1 
ATOM   266  C  CG  . GLU A 1 33 ? 6.052   -4.298  -9.478  1.00 42.95 ? 63  GLU A CG  1 
ATOM   267  C  CD  . GLU A 1 33 ? 5.810   -5.816  -9.238  1.00 47.11 ? 63  GLU A CD  1 
ATOM   268  O  OE1 . GLU A 1 33 ? 4.830   -6.186  -8.549  1.00 48.25 ? 63  GLU A OE1 1 
ATOM   269  O  OE2 . GLU A 1 33 ? 6.597   -6.647  -9.756  1.00 48.69 ? 63  GLU A OE2 1 
ATOM   270  N  N   . PHE A 1 34 ? 4.256   -1.063  -8.179  1.00 35.20 ? 64  PHE A N   1 
ATOM   271  C  CA  . PHE A 1 34 ? 2.976   -0.486  -8.597  1.00 35.08 ? 64  PHE A CA  1 
ATOM   272  C  C   . PHE A 1 34 ? 3.066   0.903   -9.224  1.00 35.29 ? 64  PHE A C   1 
ATOM   273  O  O   . PHE A 1 34 ? 2.506   1.150   -10.295 1.00 35.34 ? 64  PHE A O   1 
ATOM   274  C  CB  . PHE A 1 34 ? 2.002   -0.436  -7.413  1.00 33.67 ? 64  PHE A CB  1 
ATOM   275  C  CG  . PHE A 1 34 ? 0.667   0.171   -7.753  1.00 31.62 ? 64  PHE A CG  1 
ATOM   276  C  CD1 . PHE A 1 34 ? -0.203  -0.473  -8.620  1.00 31.50 ? 64  PHE A CD1 1 
ATOM   277  C  CD2 . PHE A 1 34 ? 0.298   1.400   -7.225  1.00 32.14 ? 64  PHE A CD2 1 
ATOM   278  C  CE1 . PHE A 1 34 ? -1.422  0.095   -8.959  1.00 33.68 ? 64  PHE A CE1 1 
ATOM   279  C  CE2 . PHE A 1 34 ? -0.920  1.981   -7.555  1.00 34.56 ? 64  PHE A CE2 1 
ATOM   280  C  CZ  . PHE A 1 34 ? -1.785  1.330   -8.424  1.00 34.20 ? 64  PHE A CZ  1 
ATOM   281  N  N   . ILE A 1 35 ? 3.748   1.819   -8.552  1.00 35.28 ? 65  ILE A N   1 
ATOM   282  C  CA  . ILE A 1 35 ? 3.869   3.162   -9.088  1.00 36.06 ? 65  ILE A CA  1 
ATOM   283  C  C   . ILE A 1 35 ? 4.581   3.126   -10.441 1.00 37.50 ? 65  ILE A C   1 
ATOM   284  O  O   . ILE A 1 35 ? 4.146   3.780   -11.386 1.00 38.50 ? 65  ILE A O   1 
ATOM   285  C  CB  . ILE A 1 35 ? 4.634   4.090   -8.120  1.00 34.21 ? 65  ILE A CB  1 
ATOM   286  C  CG1 . ILE A 1 35 ? 3.889   4.197   -6.784  1.00 32.59 ? 65  ILE A CG1 1 
ATOM   287  C  CG2 . ILE A 1 35 ? 4.787   5.460   -8.748  1.00 33.94 ? 65  ILE A CG2 1 
ATOM   288  C  CD1 . ILE A 1 35 ? 4.560   5.105   -5.790  1.00 31.77 ? 65  ILE A CD1 1 
ATOM   289  N  N   . THR A 1 36 ? 5.665   2.352   -10.521 1.00 37.93 ? 66  THR A N   1 
ATOM   290  C  CA  . THR A 1 36 ? 6.449   2.195   -11.744 1.00 39.26 ? 66  THR A CA  1 
ATOM   291  C  C   . THR A 1 36 ? 5.575   1.736   -12.912 1.00 40.39 ? 66  THR A C   1 
ATOM   292  O  O   . THR A 1 36 ? 5.719   2.203   -14.035 1.00 41.15 ? 66  THR A O   1 
ATOM   293  C  CB  . THR A 1 36 ? 7.580   1.155   -11.559 1.00 39.27 ? 66  THR A CB  1 
ATOM   294  O  OG1 . THR A 1 36 ? 8.529   1.632   -10.597 1.00 39.13 ? 66  THR A OG1 1 
ATOM   295  C  CG2 . THR A 1 36 ? 8.291   0.904   -12.882 1.00 39.31 ? 66  THR A CG2 1 
ATOM   296  N  N   . GLU A 1 37 ? 4.670   0.810   -12.639 1.00 42.44 ? 67  GLU A N   1 
ATOM   297  C  CA  . GLU A 1 37 ? 3.772   0.304   -13.665 1.00 44.69 ? 67  GLU A CA  1 
ATOM   298  C  C   . GLU A 1 37 ? 2.818   1.400   -14.135 1.00 43.59 ? 67  GLU A C   1 
ATOM   299  O  O   . GLU A 1 37 ? 2.664   1.619   -15.334 1.00 43.35 ? 67  GLU A O   1 
ATOM   300  C  CB  . GLU A 1 37 ? 2.966   -0.876  -13.111 1.00 48.22 ? 67  GLU A CB  1 
ATOM   301  C  CG  . GLU A 1 37 ? 1.930   -1.463  -14.055 1.00 53.48 ? 67  GLU A CG  1 
ATOM   302  C  CD  . GLU A 1 37 ? 2.527   -2.355  -15.130 1.00 56.07 ? 67  GLU A CD  1 
ATOM   303  O  OE1 . GLU A 1 37 ? 3.772   -2.557  -15.129 1.00 56.83 ? 67  GLU A OE1 1 
ATOM   304  O  OE2 . GLU A 1 37 ? 1.732   -2.860  -15.967 1.00 57.70 ? 67  GLU A OE2 1 
ATOM   305  N  N   . MET A 1 38 ? 2.168   2.080   -13.192 1.00 42.78 ? 68  MET A N   1 
ATOM   306  C  CA  . MET A 1 38 ? 1.230   3.146   -13.551 1.00 42.54 ? 68  MET A CA  1 
ATOM   307  C  C   . MET A 1 38 ? 1.975   4.165   -14.394 1.00 43.02 ? 68  MET A C   1 
ATOM   308  O  O   . MET A 1 38 ? 1.570   4.478   -15.518 1.00 41.95 ? 68  MET A O   1 
ATOM   309  C  CB  . MET A 1 38 ? 0.650   3.812   -12.300 1.00 41.24 ? 68  MET A CB  1 
ATOM   310  C  CG  . MET A 1 38 ? -0.142  2.856   -11.406 1.00 40.63 ? 68  MET A CG  1 
ATOM   311  S  SD  . MET A 1 38 ? -1.580  2.143   -12.238 1.00 38.98 ? 68  MET A SD  1 
ATOM   312  C  CE  . MET A 1 38 ? -2.592  3.595   -12.429 1.00 39.20 ? 68  MET A CE  1 
ATOM   313  N  N   . THR A 1 39 ? 3.082   4.663   -13.857 1.00 44.16 ? 69  THR A N   1 
ATOM   314  C  CA  . THR A 1 39 ? 3.889   5.627   -14.581 1.00 45.55 ? 69  THR A CA  1 
ATOM   315  C  C   . THR A 1 39 ? 4.089   5.201   -16.025 1.00 46.03 ? 69  THR A C   1 
ATOM   316  O  O   . THR A 1 39 ? 3.652   5.891   -16.930 1.00 46.37 ? 69  THR A O   1 
ATOM   317  C  CB  . THR A 1 39 ? 5.254   5.795   -13.945 1.00 45.92 ? 69  THR A CB  1 
ATOM   318  O  OG1 . THR A 1 39 ? 5.091   6.321   -12.629 1.00 46.97 ? 69  THR A OG1 1 
ATOM   319  C  CG2 . THR A 1 39 ? 6.094   6.753   -14.757 1.00 47.34 ? 69  THR A CG2 1 
ATOM   320  N  N   . HIS A 1 40 ? 4.742   4.061   -16.236 1.00 47.57 ? 70  HIS A N   1 
ATOM   321  C  CA  . HIS A 1 40 ? 4.985   3.567   -17.582 1.00 49.57 ? 70  HIS A CA  1 
ATOM   322  C  C   . HIS A 1 40 ? 3.709   3.462   -18.415 1.00 51.44 ? 70  HIS A C   1 
ATOM   323  O  O   . HIS A 1 40 ? 3.725   3.729   -19.622 1.00 52.08 ? 70  HIS A O   1 
ATOM   324  C  CB  . HIS A 1 40 ? 5.676   2.202   -17.544 1.00 50.76 ? 70  HIS A CB  1 
ATOM   325  C  CG  . HIS A 1 40 ? 7.122   2.252   -17.136 1.00 53.54 ? 70  HIS A CG  1 
ATOM   326  N  ND1 . HIS A 1 40 ? 8.044   3.075   -17.753 1.00 54.22 ? 70  HIS A ND1 1 
ATOM   327  C  CD2 . HIS A 1 40 ? 7.814   1.546   -16.208 1.00 53.89 ? 70  HIS A CD2 1 
ATOM   328  C  CE1 . HIS A 1 40 ? 9.239   2.872   -17.221 1.00 54.12 ? 70  HIS A CE1 1 
ATOM   329  N  NE2 . HIS A 1 40 ? 9.127   1.951   -16.283 1.00 53.80 ? 70  HIS A NE2 1 
ATOM   330  N  N   . LYS A 1 41 ? 2.597   3.082   -17.795 1.00 52.69 ? 71  LYS A N   1 
ATOM   331  C  CA  . LYS A 1 41 ? 1.357   2.965   -18.557 1.00 53.09 ? 71  LYS A CA  1 
ATOM   332  C  C   . LYS A 1 41 ? 0.748   4.334   -18.822 1.00 53.76 ? 71  LYS A C   1 
ATOM   333  O  O   . LYS A 1 41 ? 0.091   4.543   -19.843 1.00 54.14 ? 71  LYS A O   1 
ATOM   334  C  CB  . LYS A 1 41 ? 0.344   2.102   -17.824 1.00 53.74 ? 71  LYS A CB  1 
ATOM   335  C  CG  . LYS A 1 41 ? -0.241  0.987   -18.674 1.00 54.95 ? 71  LYS A CG  1 
ATOM   336  C  CD  . LYS A 1 41 ? 0.604   -0.280  -18.641 1.00 57.33 ? 71  LYS A CD  1 
ATOM   337  C  CE  . LYS A 1 41 ? -0.145  -1.449  -19.304 1.00 58.41 ? 71  LYS A CE  1 
ATOM   338  N  NZ  . LYS A 1 41 ? 0.527   -2.770  -19.066 1.00 59.66 ? 71  LYS A NZ  1 
ATOM   339  N  N   . ALA A 1 42 ? 0.955   5.273   -17.903 1.00 54.91 ? 72  ALA A N   1 
ATOM   340  C  CA  . ALA A 1 42 ? 0.419   6.621   -18.089 1.00 56.35 ? 72  ALA A CA  1 
ATOM   341  C  C   . ALA A 1 42 ? 1.219   7.340   -19.179 1.00 57.33 ? 72  ALA A C   1 
ATOM   342  O  O   . ALA A 1 42 ? 0.652   8.143   -19.932 1.00 57.78 ? 72  ALA A O   1 
ATOM   343  C  CB  . ALA A 1 42 ? 0.478   7.409   -16.782 1.00 56.04 ? 72  ALA A CB  1 
ATOM   344  N  N   . MET A 1 43 ? 2.525   7.050   -19.256 1.00 57.73 ? 73  MET A N   1 
ATOM   345  C  CA  . MET A 1 43 ? 3.422   7.647   -20.260 1.00 58.30 ? 73  MET A CA  1 
ATOM   346  C  C   . MET A 1 43 ? 2.916   7.360   -21.664 1.00 59.28 ? 73  MET A C   1 
ATOM   347  O  O   . MET A 1 43 ? 3.089   8.172   -22.567 1.00 59.97 ? 73  MET A O   1 
ATOM   348  C  CB  . MET A 1 43 ? 4.838   7.074   -20.153 1.00 57.72 ? 73  MET A CB  1 
ATOM   349  C  CG  . MET A 1 43 ? 5.733   7.671   -19.075 1.00 58.49 ? 73  MET A CG  1 
ATOM   350  S  SD  . MET A 1 43 ? 7.166   6.587   -18.851 1.00 59.83 ? 73  MET A SD  1 
ATOM   351  C  CE  . MET A 1 43 ? 8.324   7.667   -18.070 1.00 58.35 ? 73  MET A CE  1 
ATOM   352  N  N   . SER A 1 44 ? 2.298   6.196   -21.836 1.00 59.66 ? 74  SER A N   1 
ATOM   353  C  CA  . SER A 1 44 ? 1.777   5.775   -23.127 1.00 60.51 ? 74  SER A CA  1 
ATOM   354  C  C   . SER A 1 44 ? 0.435   6.419   -23.469 1.00 61.62 ? 74  SER A C   1 
ATOM   355  O  O   . SER A 1 44 ? 0.271   7.007   -24.539 1.00 61.88 ? 74  SER A O   1 
ATOM   356  C  CB  . SER A 1 44 ? 1.650   4.262   -23.131 1.00 59.77 ? 74  SER A CB  1 
ATOM   357  O  OG  . SER A 1 44 ? 2.912   3.709   -22.799 1.00 60.35 ? 74  SER A OG  1 
ATOM   358  N  N   . ILE A 1 45 ? -0.529  6.294   -22.563 1.00 63.12 ? 75  ILE A N   1 
ATOM   359  C  CA  . ILE A 1 45 ? -1.851  6.875   -22.775 1.00 63.80 ? 75  ILE A CA  1 
ATOM   360  C  C   . ILE A 1 45 ? -1.732  8.400   -22.679 1.00 64.77 ? 75  ILE A C   1 
ATOM   361  O  O   . ILE A 1 45 ? -1.689  9.057   -23.752 1.00 65.24 ? 75  ILE A O   1 
ATOM   362  C  CB  . ILE A 1 45 ? -2.843  6.361   -21.700 1.00 63.44 ? 75  ILE A CB  1 
ATOM   363  C  CG1 . ILE A 1 45 ? -4.204  7.020   -21.881 1.00 63.03 ? 75  ILE A CG1 1 
ATOM   364  C  CG2 . ILE A 1 45 ? -2.311  6.659   -20.293 1.00 63.25 ? 75  ILE A CG2 1 
ATOM   365  C  CD1 . ILE A 1 45 ? -5.249  6.516   -20.876 1.00 62.35 ? 75  ILE A CD1 1 
ATOM   366  O  OXT . ILE A 1 45 ? -1.642  8.919   -21.541 1.00 64.70 ? 75  ILE A OXT 1 
ATOM   367  N  N   . PHE B 2 1  ? -17.543 3.320   21.471  1.00 57.28 ? 113 PHE B N   1 
ATOM   368  C  CA  . PHE B 2 1  ? -16.452 2.623   20.739  1.00 56.17 ? 113 PHE B CA  1 
ATOM   369  C  C   . PHE B 2 1  ? -15.154 2.535   21.535  1.00 55.03 ? 113 PHE B C   1 
ATOM   370  O  O   . PHE B 2 1  ? -15.040 3.114   22.610  1.00 55.32 ? 113 PHE B O   1 
ATOM   371  C  CB  . PHE B 2 1  ? -16.225 3.326   19.398  1.00 58.05 ? 113 PHE B CB  1 
ATOM   372  C  CG  . PHE B 2 1  ? -16.140 4.834   19.487  1.00 57.18 ? 113 PHE B CG  1 
ATOM   373  C  CD1 . PHE B 2 1  ? -17.302 5.602   19.558  1.00 57.94 ? 113 PHE B CD1 1 
ATOM   374  C  CD2 . PHE B 2 1  ? -14.910 5.485   19.429  1.00 56.88 ? 113 PHE B CD2 1 
ATOM   375  C  CE1 . PHE B 2 1  ? -17.240 7.001   19.560  1.00 57.69 ? 113 PHE B CE1 1 
ATOM   376  C  CE2 . PHE B 2 1  ? -14.833 6.880   19.429  1.00 56.52 ? 113 PHE B CE2 1 
ATOM   377  C  CZ  . PHE B 2 1  ? -15.998 7.639   19.494  1.00 56.95 ? 113 PHE B CZ  1 
ATOM   378  N  N   . SER B 2 2  ? -14.174 1.813   21.010  1.00 53.54 ? 114 SER B N   1 
ATOM   379  C  CA  . SER B 2 2  ? -12.912 1.665   21.710  1.00 52.61 ? 114 SER B CA  1 
ATOM   380  C  C   . SER B 2 2  ? -11.877 2.691   21.281  1.00 52.35 ? 114 SER B C   1 
ATOM   381  O  O   . SER B 2 2  ? -11.973 3.285   20.206  1.00 52.69 ? 114 SER B O   1 
ATOM   382  C  CB  . SER B 2 2  ? -12.333 0.277   21.458  1.00 54.04 ? 114 SER B CB  1 
ATOM   383  O  OG  . SER B 2 2  ? -11.995 0.108   20.086  1.00 55.16 ? 114 SER B OG  1 
ATOM   384  N  N   . GLU B 2 3  ? -10.881 2.890   22.133  1.00 51.33 ? 115 GLU B N   1 
ATOM   385  C  CA  . GLU B 2 3  ? -9.792  3.799   21.846  1.00 50.92 ? 115 GLU B CA  1 
ATOM   386  C  C   . GLU B 2 3  ? -9.203  3.333   20.524  1.00 49.92 ? 115 GLU B C   1 
ATOM   387  O  O   . GLU B 2 3  ? -8.821  4.140   19.680  1.00 48.97 ? 115 GLU B O   1 
ATOM   388  C  CB  . GLU B 2 3  ? -8.727  3.688   22.941  1.00 52.86 ? 115 GLU B CB  1 
ATOM   389  C  CG  . GLU B 2 3  ? -7.480  4.545   22.737  1.00 56.53 ? 115 GLU B CG  1 
ATOM   390  C  CD  . GLU B 2 3  ? -6.357  4.197   23.729  1.00 59.46 ? 115 GLU B CD  1 
ATOM   391  O  OE1 . GLU B 2 3  ? -6.655  4.058   24.929  1.00 61.13 ? 115 GLU B OE1 1 
ATOM   392  O  OE2 . GLU B 2 3  ? -5.173  4.076   23.322  1.00 60.32 ? 115 GLU B OE2 1 
ATOM   393  N  N   . GLU B 2 4  ? -9.152  2.015   20.352  1.00 50.74 ? 116 GLU B N   1 
ATOM   394  C  CA  . GLU B 2 4  ? -8.583  1.412   19.142  1.00 51.82 ? 116 GLU B CA  1 
ATOM   395  C  C   . GLU B 2 4  ? -9.335  1.676   17.847  1.00 51.15 ? 116 GLU B C   1 
ATOM   396  O  O   . GLU B 2 4  ? -8.716  1.889   16.805  1.00 50.30 ? 116 GLU B O   1 
ATOM   397  C  CB  . GLU B 2 4  ? -8.439  -0.102  19.272  1.00 53.34 ? 116 GLU B CB  1 
ATOM   398  C  CG  . GLU B 2 4  ? -7.849  -0.689  18.000  1.00 56.25 ? 116 GLU B CG  1 
ATOM   399  C  CD  . GLU B 2 4  ? -8.066  -2.168  17.884  1.00 58.11 ? 116 GLU B CD  1 
ATOM   400  O  OE1 . GLU B 2 4  ? -9.234  -2.594  18.020  1.00 60.41 ? 116 GLU B OE1 1 
ATOM   401  O  OE2 . GLU B 2 4  ? -7.080  -2.897  17.638  1.00 59.49 ? 116 GLU B OE2 1 
ATOM   402  N  N   . GLN B 2 5  ? -10.661 1.617   17.890  1.00 50.34 ? 117 GLN B N   1 
ATOM   403  C  CA  . GLN B 2 5  ? -11.418 1.885   16.683  1.00 49.95 ? 117 GLN B CA  1 
ATOM   404  C  C   . GLN B 2 5  ? -11.043 3.297   16.276  1.00 48.91 ? 117 GLN B C   1 
ATOM   405  O  O   . GLN B 2 5  ? -10.656 3.543   15.129  1.00 48.75 ? 117 GLN B O   1 
ATOM   406  C  CB  . GLN B 2 5  ? -12.922 1.799   16.934  1.00 51.76 ? 117 GLN B CB  1 
ATOM   407  C  CG  . GLN B 2 5  ? -13.400 0.444   17.442  1.00 55.01 ? 117 GLN B CG  1 
ATOM   408  C  CD  . GLN B 2 5  ? -14.914 0.325   17.448  1.00 56.38 ? 117 GLN B CD  1 
ATOM   409  O  OE1 . GLN B 2 5  ? -15.534 0.130   16.397  1.00 57.61 ? 117 GLN B OE1 1 
ATOM   410  N  NE2 . GLN B 2 5  ? -15.521 0.471   18.629  1.00 56.16 ? 117 GLN B NE2 1 
ATOM   411  N  N   . LEU B 2 6  ? -11.147 4.211   17.243  1.00 47.68 ? 118 LEU B N   1 
ATOM   412  C  CA  . LEU B 2 6  ? -10.823 5.616   17.049  1.00 45.64 ? 118 LEU B CA  1 
ATOM   413  C  C   . LEU B 2 6  ? -9.417  5.783   16.504  1.00 45.39 ? 118 LEU B C   1 
ATOM   414  O  O   . LEU B 2 6  ? -9.217  6.485   15.512  1.00 44.39 ? 118 LEU B O   1 
ATOM   415  C  CB  . LEU B 2 6  ? -10.932 6.375   18.367  1.00 44.77 ? 118 LEU B CB  1 
ATOM   416  C  CG  . LEU B 2 6  ? -10.586 7.854   18.251  1.00 42.25 ? 118 LEU B CG  1 
ATOM   417  C  CD1 . LEU B 2 6  ? -11.590 8.515   17.355  1.00 42.19 ? 118 LEU B CD1 1 
ATOM   418  C  CD2 . LEU B 2 6  ? -10.616 8.503   19.598  1.00 43.72 ? 118 LEU B CD2 1 
ATOM   419  N  N   . ASN B 2 7  ? -8.438  5.147   17.142  1.00 45.61 ? 119 ASN B N   1 
ATOM   420  C  CA  . ASN B 2 7  ? -7.074  5.278   16.653  1.00 47.01 ? 119 ASN B CA  1 
ATOM   421  C  C   . ASN B 2 7  ? -6.820  4.564   15.348  1.00 46.79 ? 119 ASN B C   1 
ATOM   422  O  O   . ASN B 2 7  ? -5.952  4.976   14.588  1.00 48.02 ? 119 ASN B O   1 
ATOM   423  C  CB  . ASN B 2 7  ? -6.048  4.834   17.693  1.00 49.09 ? 119 ASN B CB  1 
ATOM   424  C  CG  . ASN B 2 7  ? -5.931  5.824   18.847  1.00 52.37 ? 119 ASN B CG  1 
ATOM   425  O  OD1 . ASN B 2 7  ? -5.796  7.042   18.631  1.00 52.85 ? 119 ASN B OD1 1 
ATOM   426  N  ND2 . ASN B 2 7  ? -5.970  5.310   20.077  1.00 53.65 ? 119 ASN B ND2 1 
ATOM   427  N  N   . ARG B 2 8  ? -7.571  3.507   15.065  1.00 45.68 ? 120 ARG B N   1 
ATOM   428  C  CA  . ARG B 2 8  ? -7.367  2.823   13.811  1.00 44.61 ? 120 ARG B CA  1 
ATOM   429  C  C   . ARG B 2 8  ? -7.903  3.768   12.730  1.00 44.35 ? 120 ARG B C   1 
ATOM   430  O  O   . ARG B 2 8  ? -7.301  3.906   11.662  1.00 44.87 ? 120 ARG B O   1 
ATOM   431  C  CB  . ARG B 2 8  ? -8.101  1.471   13.785  1.00 44.75 ? 120 ARG B CB  1 
ATOM   432  C  CG  . ARG B 2 8  ? -7.711  0.556   12.610  1.00 45.51 ? 120 ARG B CG  1 
ATOM   433  C  CD  . ARG B 2 8  ? -8.564  -0.724  12.513  1.00 46.63 ? 120 ARG B CD  1 
ATOM   434  N  NE  . ARG B 2 8  ? -8.332  -1.714  13.576  1.00 47.58 ? 120 ARG B NE  1 
ATOM   435  C  CZ  . ARG B 2 8  ? -7.285  -2.538  13.642  1.00 47.45 ? 120 ARG B CZ  1 
ATOM   436  N  NH1 . ARG B 2 8  ? -6.342  -2.508  12.714  1.00 48.09 ? 120 ARG B NH1 1 
ATOM   437  N  NH2 . ARG B 2 8  ? -7.185  -3.413  14.635  1.00 46.34 ? 120 ARG B NH2 1 
ATOM   438  N  N   . TYR B 2 9  ? -9.003  4.463   13.012  1.00 43.29 ? 121 TYR B N   1 
ATOM   439  C  CA  . TYR B 2 9  ? -9.577  5.363   12.001  1.00 42.93 ? 121 TYR B CA  1 
ATOM   440  C  C   . TYR B 2 9  ? -8.717  6.579   11.720  1.00 43.06 ? 121 TYR B C   1 
ATOM   441  O  O   . TYR B 2 9  ? -8.578  6.987   10.564  1.00 43.42 ? 121 TYR B O   1 
ATOM   442  C  CB  . TYR B 2 9  ? -10.968 5.855   12.390  1.00 41.58 ? 121 TYR B CB  1 
ATOM   443  C  CG  . TYR B 2 9  ? -11.582 6.717   11.317  1.00 40.57 ? 121 TYR B CG  1 
ATOM   444  C  CD1 . TYR B 2 9  ? -12.057 6.159   10.131  1.00 41.29 ? 121 TYR B CD1 1 
ATOM   445  C  CD2 . TYR B 2 9  ? -11.645 8.101   11.463  1.00 40.36 ? 121 TYR B CD2 1 
ATOM   446  C  CE1 . TYR B 2 9  ? -12.578 6.959   9.110   1.00 40.47 ? 121 TYR B CE1 1 
ATOM   447  C  CE2 . TYR B 2 9  ? -12.161 8.912   10.457  1.00 40.83 ? 121 TYR B CE2 1 
ATOM   448  C  CZ  . TYR B 2 9  ? -12.632 8.337   9.284   1.00 41.67 ? 121 TYR B CZ  1 
ATOM   449  O  OH  . TYR B 2 9  ? -13.187 9.142   8.313   1.00 41.53 ? 121 TYR B OH  1 
ATOM   450  N  N   . GLU B 2 10 ? -8.159  7.167   12.777  1.00 43.22 ? 122 GLU B N   1 
ATOM   451  C  CA  . GLU B 2 10 ? -7.299  8.336   12.634  1.00 43.93 ? 122 GLU B CA  1 
ATOM   452  C  C   . GLU B 2 10 ? -6.179  8.002   11.651  1.00 43.57 ? 122 GLU B C   1 
ATOM   453  O  O   . GLU B 2 10 ? -5.950  8.718   10.671  1.00 43.56 ? 122 GLU B O   1 
ATOM   454  C  CB  . GLU B 2 10 ? -6.711  8.745   14.002  1.00 44.06 ? 122 GLU B CB  1 
ATOM   455  C  CG  . GLU B 2 10 ? -5.760  9.946   13.948  1.00 44.51 ? 122 GLU B CG  1 
ATOM   456  C  CD  . GLU B 2 10 ? -6.441  11.250  13.543  1.00 45.25 ? 122 GLU B CD  1 
ATOM   457  O  OE1 . GLU B 2 10 ? -7.563  11.218  12.990  1.00 47.14 ? 122 GLU B OE1 1 
ATOM   458  O  OE2 . GLU B 2 10 ? -5.837  12.318  13.759  1.00 46.23 ? 122 GLU B OE2 1 
ATOM   459  N  N   . MET B 2 11 ? -5.492  6.897   11.930  1.00 44.33 ? 123 MET B N   1 
ATOM   460  C  CA  . MET B 2 11 ? -4.398  6.408   11.101  1.00 44.55 ? 123 MET B CA  1 
ATOM   461  C  C   . MET B 2 11 ? -4.859  6.273   9.664   1.00 44.00 ? 123 MET B C   1 
ATOM   462  O  O   . MET B 2 11 ? -4.199  6.759   8.741   1.00 43.79 ? 123 MET B O   1 
ATOM   463  C  CB  . MET B 2 11 ? -3.918  5.057   11.629  1.00 46.69 ? 123 MET B CB  1 
ATOM   464  C  CG  . MET B 2 11 ? -3.235  5.159   12.985  1.00 49.69 ? 123 MET B CG  1 
ATOM   465  S  SD  . MET B 2 11 ? -1.710  6.155   12.909  1.00 51.56 ? 123 MET B SD  1 
ATOM   466  C  CE  . MET B 2 11 ? -1.366  6.292   14.702  1.00 52.74 ? 123 MET B CE  1 
ATOM   467  N  N   . TYR B 2 12 ? -5.995  5.607   9.474   1.00 43.35 ? 124 TYR B N   1 
ATOM   468  C  CA  . TYR B 2 12 ? -6.541  5.450   8.141   1.00 42.76 ? 124 TYR B CA  1 
ATOM   469  C  C   . TYR B 2 12 ? -6.755  6.815   7.513   1.00 42.33 ? 124 TYR B C   1 
ATOM   470  O  O   . TYR B 2 12 ? -6.330  7.070   6.385   1.00 41.24 ? 124 TYR B O   1 
ATOM   471  C  CB  . TYR B 2 12 ? -7.882  4.736   8.172   1.00 44.28 ? 124 TYR B CB  1 
ATOM   472  C  CG  . TYR B 2 12 ? -8.619  4.897   6.869   1.00 47.67 ? 124 TYR B CG  1 
ATOM   473  C  CD1 . TYR B 2 12 ? -8.136  4.314   5.693   1.00 49.72 ? 124 TYR B CD1 1 
ATOM   474  C  CD2 . TYR B 2 12 ? -9.748  5.709   6.792   1.00 48.21 ? 124 TYR B CD2 1 
ATOM   475  C  CE1 . TYR B 2 12 ? -8.759  4.541   4.464   1.00 51.50 ? 124 TYR B CE1 1 
ATOM   476  C  CE2 . TYR B 2 12 ? -10.382 5.949   5.584   1.00 50.57 ? 124 TYR B CE2 1 
ATOM   477  C  CZ  . TYR B 2 12 ? -9.889  5.367   4.412   1.00 53.29 ? 124 TYR B CZ  1 
ATOM   478  O  OH  . TYR B 2 12 ? -10.528 5.618   3.200   1.00 52.98 ? 124 TYR B OH  1 
ATOM   479  N  N   . ARG B 2 13 ? -7.412  7.694   8.265   1.00 43.03 ? 125 ARG B N   1 
ATOM   480  C  CA  . ARG B 2 13 ? -7.722  9.029   7.779   1.00 43.70 ? 125 ARG B CA  1 
ATOM   481  C  C   . ARG B 2 13 ? -6.499  9.802   7.310   1.00 43.44 ? 125 ARG B C   1 
ATOM   482  O  O   . ARG B 2 13 ? -6.516  10.370  6.219   1.00 43.97 ? 125 ARG B O   1 
ATOM   483  C  CB  . ARG B 2 13 ? -8.440  9.845   8.847   1.00 45.56 ? 125 ARG B CB  1 
ATOM   484  C  CG  . ARG B 2 13 ? -9.469  10.827  8.276   1.00 46.91 ? 125 ARG B CG  1 
ATOM   485  C  CD  . ARG B 2 13 ? -9.283  12.239  8.806   1.00 47.89 ? 125 ARG B CD  1 
ATOM   486  N  NE  . ARG B 2 13 ? -9.079  12.295  10.251  1.00 48.95 ? 125 ARG B NE  1 
ATOM   487  C  CZ  . ARG B 2 13 ? -8.675  13.389  10.889  1.00 48.87 ? 125 ARG B CZ  1 
ATOM   488  N  NH1 . ARG B 2 13 ? -8.446  14.502  10.204  1.00 48.29 ? 125 ARG B NH1 1 
ATOM   489  N  NH2 . ARG B 2 13 ? -8.463  13.362  12.196  1.00 49.27 ? 125 ARG B NH2 1 
ATOM   490  N  N   . ARG B 2 14 ? -5.431  9.827   8.101   1.00 42.37 ? 126 ARG B N   1 
ATOM   491  C  CA  . ARG B 2 14 ? -4.269  10.580  7.656   1.00 43.27 ? 126 ARG B CA  1 
ATOM   492  C  C   . ARG B 2 14 ? -3.030  9.873   7.124   1.00 41.87 ? 126 ARG B C   1 
ATOM   493  O  O   . ARG B 2 14 ? -2.069  10.536  6.724   1.00 42.27 ? 126 ARG B O   1 
ATOM   494  C  CB  . ARG B 2 14 ? -3.852  11.589  8.721   1.00 45.45 ? 126 ARG B CB  1 
ATOM   495  C  CG  . ARG B 2 14 ? -3.766  11.077  10.116  1.00 48.72 ? 126 ARG B CG  1 
ATOM   496  C  CD  . ARG B 2 14 ? -3.441  12.287  10.959  1.00 52.67 ? 126 ARG B CD  1 
ATOM   497  N  NE  . ARG B 2 14 ? -4.356  13.385  10.610  1.00 54.87 ? 126 ARG B NE  1 
ATOM   498  C  CZ  . ARG B 2 14 ? -4.158  14.664  10.916  1.00 55.78 ? 126 ARG B CZ  1 
ATOM   499  N  NH1 . ARG B 2 14 ? -3.058  15.018  11.569  1.00 57.51 ? 126 ARG B NH1 1 
ATOM   500  N  NH2 . ARG B 2 14 ? -5.060  15.582  10.571  1.00 56.14 ? 126 ARG B NH2 1 
ATOM   501  N  N   . SER B 2 15 ? -3.024  8.549   7.103   1.00 39.38 ? 127 SER B N   1 
ATOM   502  C  CA  . SER B 2 15 ? -1.863  7.867   6.563   1.00 37.57 ? 127 SER B CA  1 
ATOM   503  C  C   . SER B 2 15 ? -1.665  8.394   5.140   1.00 37.00 ? 127 SER B C   1 
ATOM   504  O  O   . SER B 2 15 ? -2.630  8.677   4.424   1.00 35.98 ? 127 SER B O   1 
ATOM   505  C  CB  . SER B 2 15 ? -2.097  6.363   6.530   1.00 36.71 ? 127 SER B CB  1 
ATOM   506  O  OG  . SER B 2 15 ? -3.218  6.062   5.731   1.00 35.61 ? 127 SER B OG  1 
ATOM   507  N  N   . ALA B 2 16 ? -0.415  8.529   4.730   1.00 36.92 ? 128 ALA B N   1 
ATOM   508  C  CA  . ALA B 2 16 ? -0.131  9.034   3.404   1.00 37.38 ? 128 ALA B CA  1 
ATOM   509  C  C   . ALA B 2 16 ? 1.353   9.009   3.144   1.00 37.84 ? 128 ALA B C   1 
ATOM   510  O  O   . ALA B 2 16 ? 2.154   9.276   4.036   1.00 38.99 ? 128 ALA B O   1 
ATOM   511  C  CB  . ALA B 2 16 ? -0.653  10.446  3.261   1.00 35.85 ? 128 ALA B CB  1 
ATOM   512  N  N   . PHE B 2 17 ? 1.704   8.702   1.905   1.00 37.99 ? 129 PHE B N   1 
ATOM   513  C  CA  . PHE B 2 17 ? 3.084   8.640   1.488   1.00 39.18 ? 129 PHE B CA  1 
ATOM   514  C  C   . PHE B 2 17 ? 3.722   10.022  1.405   1.00 40.33 ? 129 PHE B C   1 
ATOM   515  O  O   . PHE B 2 17 ? 3.065   11.001  1.075   1.00 40.21 ? 129 PHE B O   1 
ATOM   516  C  CB  . PHE B 2 17 ? 3.200   7.988   0.108   1.00 36.78 ? 129 PHE B CB  1 
ATOM   517  C  CG  . PHE B 2 17 ? 2.644   6.604   0.030   1.00 35.41 ? 129 PHE B CG  1 
ATOM   518  C  CD1 . PHE B 2 17 ? 3.331   5.535   0.580   1.00 35.90 ? 129 PHE B CD1 1 
ATOM   519  C  CD2 . PHE B 2 17 ? 1.466   6.356   -0.656  1.00 35.62 ? 129 PHE B CD2 1 
ATOM   520  C  CE1 . PHE B 2 17 ? 2.864   4.249   0.449   1.00 34.80 ? 129 PHE B CE1 1 
ATOM   521  C  CE2 . PHE B 2 17 ? 0.989   5.063   -0.795  1.00 36.77 ? 129 PHE B CE2 1 
ATOM   522  C  CZ  . PHE B 2 17 ? 1.692   4.009   -0.245  1.00 36.63 ? 129 PHE B CZ  1 
ATOM   523  N  N   . PRO B 2 18 ? 5.026   10.110  1.691   1.00 42.04 ? 130 PRO B N   1 
ATOM   524  C  CA  . PRO B 2 18 ? 5.719   11.396  1.621   1.00 42.34 ? 130 PRO B CA  1 
ATOM   525  C  C   . PRO B 2 18 ? 5.757   11.783  0.142   1.00 42.73 ? 130 PRO B C   1 
ATOM   526  O  O   . PRO B 2 18 ? 6.080   10.945  -0.703  1.00 43.40 ? 130 PRO B O   1 
ATOM   527  C  CB  . PRO B 2 18 ? 7.124   11.051  2.113   1.00 43.03 ? 130 PRO B CB  1 
ATOM   528  C  CG  . PRO B 2 18 ? 6.921   9.817   2.930   1.00 42.71 ? 130 PRO B CG  1 
ATOM   529  C  CD  . PRO B 2 18 ? 5.977   9.049   2.061   1.00 42.45 ? 130 PRO B CD  1 
ATOM   530  N  N   . LYS B 2 19 ? 5.448   13.039  -0.172  1.00 42.73 ? 131 LYS B N   1 
ATOM   531  C  CA  . LYS B 2 19 ? 5.467   13.502  -1.558  1.00 41.79 ? 131 LYS B CA  1 
ATOM   532  C  C   . LYS B 2 19 ? 6.862   13.419  -2.168  1.00 40.52 ? 131 LYS B C   1 
ATOM   533  O  O   . LYS B 2 19 ? 7.019   13.004  -3.312  1.00 40.31 ? 131 LYS B O   1 
ATOM   534  C  CB  . LYS B 2 19 ? 4.956   14.943  -1.636  1.00 44.22 ? 131 LYS B CB  1 
ATOM   535  C  CG  . LYS B 2 19 ? 3.556   15.128  -1.056  1.00 47.66 ? 131 LYS B CG  1 
ATOM   536  C  CD  . LYS B 2 19 ? 3.066   16.566  -1.174  1.00 50.10 ? 131 LYS B CD  1 
ATOM   537  C  CE  . LYS B 2 19 ? 1.714   16.740  -0.484  1.00 52.18 ? 131 LYS B CE  1 
ATOM   538  N  NZ  . LYS B 2 19 ? 1.209   18.162  -0.544  1.00 53.98 ? 131 LYS B NZ  1 
ATOM   539  N  N   . ALA B 2 20 ? 7.873   13.808  -1.396  1.00 39.21 ? 132 ALA B N   1 
ATOM   540  C  CA  . ALA B 2 20 ? 9.253   13.787  -1.870  1.00 37.69 ? 132 ALA B CA  1 
ATOM   541  C  C   . ALA B 2 20 ? 9.671   12.484  -2.561  1.00 37.69 ? 132 ALA B C   1 
ATOM   542  O  O   . ALA B 2 20 ? 10.211  12.513  -3.669  1.00 36.96 ? 132 ALA B O   1 
ATOM   543  C  CB  . ALA B 2 20 ? 10.177  14.070  -0.737  1.00 37.14 ? 132 ALA B CB  1 
ATOM   544  N  N   . ALA B 2 21 ? 9.430   11.349  -1.911  1.00 37.09 ? 133 ALA B N   1 
ATOM   545  C  CA  . ALA B 2 21 ? 9.803   10.057  -2.479  1.00 36.78 ? 133 ALA B CA  1 
ATOM   546  C  C   . ALA B 2 21 ? 8.960   9.677   -3.697  1.00 37.96 ? 133 ALA B C   1 
ATOM   547  O  O   . ALA B 2 21 ? 9.479   9.130   -4.672  1.00 37.38 ? 133 ALA B O   1 
ATOM   548  C  CB  . ALA B 2 21 ? 9.710   8.974   -1.416  1.00 35.77 ? 133 ALA B CB  1 
ATOM   549  N  N   . ILE B 2 22 ? 7.663   9.966   -3.639  1.00 38.52 ? 134 ILE B N   1 
ATOM   550  C  CA  . ILE B 2 22 ? 6.765   9.662   -4.744  1.00 39.81 ? 134 ILE B CA  1 
ATOM   551  C  C   . ILE B 2 22 ? 7.287   10.390  -5.979  1.00 39.78 ? 134 ILE B C   1 
ATOM   552  O  O   . ILE B 2 22 ? 7.477   9.798   -7.038  1.00 39.75 ? 134 ILE B O   1 
ATOM   553  C  CB  . ILE B 2 22 ? 5.334   10.155  -4.456  1.00 40.00 ? 134 ILE B CB  1 
ATOM   554  C  CG1 . ILE B 2 22 ? 4.795   9.496   -3.188  1.00 39.31 ? 134 ILE B CG1 1 
ATOM   555  C  CG2 . ILE B 2 22 ? 4.448   9.878   -5.646  1.00 40.16 ? 134 ILE B CG2 1 
ATOM   556  C  CD1 . ILE B 2 22 ? 4.759   7.994   -3.244  1.00 39.65 ? 134 ILE B CD1 1 
ATOM   557  N  N   . LYS B 2 23 ? 7.531   11.683  -5.810  1.00 40.22 ? 135 LYS B N   1 
ATOM   558  C  CA  . LYS B 2 23 ? 8.037   12.532  -6.876  1.00 41.03 ? 135 LYS B CA  1 
ATOM   559  C  C   . LYS B 2 23 ? 9.419   12.068  -7.392  1.00 41.74 ? 135 LYS B C   1 
ATOM   560  O  O   . LYS B 2 23 ? 9.590   11.930  -8.601  1.00 43.10 ? 135 LYS B O   1 
ATOM   561  C  CB  . LYS B 2 23 ? 8.074   13.982  -6.377  1.00 40.69 ? 135 LYS B CB  1 
ATOM   562  C  CG  . LYS B 2 23 ? 8.156   15.070  -7.433  1.00 41.38 ? 135 LYS B CG  1 
ATOM   563  C  CD  . LYS B 2 23 ? 8.080   16.438  -6.744  1.00 44.71 ? 135 LYS B CD  1 
ATOM   564  C  CE  . LYS B 2 23 ? 8.303   17.637  -7.683  1.00 46.07 ? 135 LYS B CE  1 
ATOM   565  N  NZ  . LYS B 2 23 ? 7.221   17.868  -8.679  1.00 49.13 ? 135 LYS B NZ  1 
ATOM   566  N  N   . ARG B 2 24 ? 10.399  11.811  -6.521  1.00 41.66 ? 136 ARG B N   1 
ATOM   567  C  CA  . ARG B 2 24 ? 11.700  11.365  -7.028  1.00 43.68 ? 136 ARG B CA  1 
ATOM   568  C  C   . ARG B 2 24 ? 11.602  10.020  -7.736  1.00 44.25 ? 136 ARG B C   1 
ATOM   569  O  O   . ARG B 2 24 ? 12.359  9.742   -8.662  1.00 44.59 ? 136 ARG B O   1 
ATOM   570  C  CB  . ARG B 2 24 ? 12.763  11.258  -5.924  1.00 44.83 ? 136 ARG B CB  1 
ATOM   571  C  CG  . ARG B 2 24 ? 14.099  10.644  -6.402  1.00 45.29 ? 136 ARG B CG  1 
ATOM   572  C  CD  . ARG B 2 24 ? 15.170  10.689  -5.306  1.00 49.52 ? 136 ARG B CD  1 
ATOM   573  N  NE  . ARG B 2 24 ? 16.466  10.076  -5.660  1.00 50.83 ? 136 ARG B NE  1 
ATOM   574  C  CZ  . ARG B 2 24 ? 17.153  10.314  -6.783  1.00 51.45 ? 136 ARG B CZ  1 
ATOM   575  N  NH1 . ARG B 2 24 ? 16.684  11.149  -7.698  1.00 53.58 ? 136 ARG B NH1 1 
ATOM   576  N  NH2 . ARG B 2 24 ? 18.329  9.736   -6.990  1.00 52.16 ? 136 ARG B NH2 1 
ATOM   577  N  N   . LEU B 2 25 ? 10.669  9.185   -7.298  1.00 45.00 ? 137 LEU B N   1 
ATOM   578  C  CA  . LEU B 2 25 ? 10.475  7.869   -7.899  1.00 44.29 ? 137 LEU B CA  1 
ATOM   579  C  C   . LEU B 2 25 ? 9.924   8.035   -9.318  1.00 44.85 ? 137 LEU B C   1 
ATOM   580  O  O   . LEU B 2 25 ? 10.374  7.381   -10.263 1.00 44.88 ? 137 LEU B O   1 
ATOM   581  C  CB  . LEU B 2 25 ? 9.481   7.069   -7.053  1.00 44.61 ? 137 LEU B CB  1 
ATOM   582  C  CG  . LEU B 2 25 ? 9.138   5.622   -7.409  1.00 44.64 ? 137 LEU B CG  1 
ATOM   583  C  CD1 . LEU B 2 25 ? 10.317  4.727   -7.086  1.00 45.53 ? 137 LEU B CD1 1 
ATOM   584  C  CD2 . LEU B 2 25 ? 7.930   5.175   -6.609  1.00 44.18 ? 137 LEU B CD2 1 
ATOM   585  N  N   . ILE B 2 26 ? 8.946   8.916   -9.462  1.00 44.73 ? 138 ILE B N   1 
ATOM   586  C  CA  . ILE B 2 26 ? 8.329   9.136   -10.758 1.00 46.28 ? 138 ILE B CA  1 
ATOM   587  C  C   . ILE B 2 26 ? 9.245   9.874   -11.737 1.00 48.74 ? 138 ILE B C   1 
ATOM   588  O  O   . ILE B 2 26 ? 9.413   9.452   -12.889 1.00 48.44 ? 138 ILE B O   1 
ATOM   589  C  CB  . ILE B 2 26 ? 7.009   9.930   -10.604 1.00 44.38 ? 138 ILE B CB  1 
ATOM   590  C  CG1 . ILE B 2 26 ? 5.983   9.078   -9.854  1.00 41.24 ? 138 ILE B CG1 1 
ATOM   591  C  CG2 . ILE B 2 26 ? 6.506   10.380  -11.978 1.00 42.32 ? 138 ILE B CG2 1 
ATOM   592  C  CD1 . ILE B 2 26 ? 4.721   9.807   -9.488  1.00 41.25 ? 138 ILE B CD1 1 
ATOM   593  N  N   . GLN B 2 27 ? 9.820   10.986  -11.281 1.00 50.91 ? 139 GLN B N   1 
ATOM   594  C  CA  . GLN B 2 27 ? 10.690  11.774  -12.135 1.00 51.86 ? 139 GLN B CA  1 
ATOM   595  C  C   . GLN B 2 27 ? 11.878  10.949  -12.576 1.00 51.98 ? 139 GLN B C   1 
ATOM   596  O  O   . GLN B 2 27 ? 12.309  11.035  -13.727 1.00 53.66 ? 139 GLN B O   1 
ATOM   597  C  CB  . GLN B 2 27 ? 11.108  13.081  -11.431 1.00 52.44 ? 139 GLN B CB  1 
ATOM   598  C  CG  . GLN B 2 27 ? 10.066  14.212  -11.624 1.00 53.05 ? 139 GLN B CG  1 
ATOM   599  C  CD  . GLN B 2 27 ? 10.313  15.462  -10.769 1.00 54.03 ? 139 GLN B CD  1 
ATOM   600  O  OE1 . GLN B 2 27 ? 11.429  15.986  -10.706 1.00 55.37 ? 139 GLN B OE1 1 
ATOM   601  N  NE2 . GLN B 2 27 ? 9.254   15.957  -10.126 1.00 52.60 ? 139 GLN B NE2 1 
ATOM   602  N  N   . SER B 2 28 ? 12.374  10.104  -11.686 1.00 51.99 ? 140 SER B N   1 
ATOM   603  C  CA  . SER B 2 28 ? 13.504  9.263   -12.026 1.00 52.49 ? 140 SER B CA  1 
ATOM   604  C  C   . SER B 2 28 ? 13.069  8.135   -12.971 1.00 53.86 ? 140 SER B C   1 
ATOM   605  O  O   . SER B 2 28 ? 13.731  7.102   -13.055 1.00 55.79 ? 140 SER B O   1 
ATOM   606  C  CB  . SER B 2 28 ? 14.109  8.656   -10.766 1.00 51.64 ? 140 SER B CB  1 
ATOM   607  O  OG  . SER B 2 28 ? 13.250  7.665   -10.249 1.00 51.60 ? 140 SER B OG  1 
ATOM   608  N  N   . ILE B 2 29 ? 11.953  8.319   -13.666 1.00 55.10 ? 141 ILE B N   1 
ATOM   609  C  CA  . ILE B 2 29 ? 11.464  7.312   -14.611 1.00 56.28 ? 141 ILE B CA  1 
ATOM   610  C  C   . ILE B 2 29 ? 10.998  7.979   -15.907 1.00 58.00 ? 141 ILE B C   1 
ATOM   611  O  O   . ILE B 2 29 ? 11.033  7.378   -16.993 1.00 58.99 ? 141 ILE B O   1 
ATOM   612  C  CB  . ILE B 2 29 ? 10.320  6.484   -14.010 1.00 55.50 ? 141 ILE B CB  1 
ATOM   613  C  CG1 . ILE B 2 29 ? 10.888  5.527   -12.956 1.00 55.31 ? 141 ILE B CG1 1 
ATOM   614  C  CG2 . ILE B 2 29 ? 9.584   5.725   -15.108 1.00 54.81 ? 141 ILE B CG2 1 
ATOM   615  C  CD1 . ILE B 2 29 ? 9.826   4.722   -12.210 1.00 55.01 ? 141 ILE B CD1 1 
ATOM   616  N  N   . THR B 2 30 ? 10.578  9.234   -15.783 1.00 58.86 ? 142 THR B N   1 
ATOM   617  C  CA  . THR B 2 30 ? 10.139  10.021  -16.923 1.00 59.01 ? 142 THR B CA  1 
ATOM   618  C  C   . THR B 2 30 ? 11.296  10.920  -17.359 1.00 59.52 ? 142 THR B C   1 
ATOM   619  O  O   . THR B 2 30 ? 11.277  11.493  -18.452 1.00 60.09 ? 142 THR B O   1 
ATOM   620  C  CB  . THR B 2 30 ? 8.965   10.937  -16.538 1.00 59.00 ? 142 THR B CB  1 
ATOM   621  O  OG1 . THR B 2 30 ? 9.328   11.696  -15.372 1.00 59.14 ? 142 THR B OG1 1 
ATOM   622  C  CG2 . THR B 2 30 ? 7.704   10.132  -16.267 1.00 57.99 ? 142 THR B CG2 1 
ATOM   623  N  N   . GLY B 2 31 ? 12.300  11.060  -16.499 1.00 59.25 ? 143 GLY B N   1 
ATOM   624  C  CA  . GLY B 2 31 ? 13.412  11.929  -16.832 1.00 59.67 ? 143 GLY B CA  1 
ATOM   625  C  C   . GLY B 2 31 ? 12.954  13.349  -16.569 1.00 59.76 ? 143 GLY B C   1 
ATOM   626  O  O   . GLY B 2 31 ? 13.581  14.074  -15.788 1.00 60.47 ? 143 GLY B O   1 
ATOM   627  N  N   . THR B 2 32 ? 11.852  13.749  -17.208 1.00 59.31 ? 144 THR B N   1 
ATOM   628  C  CA  . THR B 2 32 ? 11.297  15.094  -17.011 1.00 59.11 ? 144 THR B CA  1 
ATOM   629  C  C   . THR B 2 32 ? 10.840  15.202  -15.559 1.00 58.27 ? 144 THR B C   1 
ATOM   630  O  O   . THR B 2 32 ? 10.700  14.182  -14.875 1.00 58.27 ? 144 THR B O   1 
ATOM   631  C  CB  . THR B 2 32 ? 10.023  15.351  -17.864 1.00 59.51 ? 144 THR B CB  1 
ATOM   632  O  OG1 . THR B 2 32 ? 8.980   14.457  -17.438 1.00 59.94 ? 144 THR B OG1 1 
ATOM   633  C  CG2 . THR B 2 32 ? 10.304  15.160  -19.348 1.00 59.19 ? 144 THR B CG2 1 
ATOM   634  N  N   . SER B 2 33 ? 10.599  16.428  -15.094 1.00 57.18 ? 145 SER B N   1 
ATOM   635  C  CA  . SER B 2 33 ? 10.111  16.624  -13.734 1.00 55.28 ? 145 SER B CA  1 
ATOM   636  C  C   . SER B 2 33 ? 8.606   16.394  -13.868 1.00 54.20 ? 145 SER B C   1 
ATOM   637  O  O   . SER B 2 33 ? 8.110   16.156  -14.975 1.00 53.14 ? 145 SER B O   1 
ATOM   638  C  CB  . SER B 2 33 ? 10.331  18.052  -13.248 1.00 55.75 ? 145 SER B CB  1 
ATOM   639  O  OG  . SER B 2 33 ? 9.314   18.902  -13.762 1.00 57.00 ? 145 SER B OG  1 
ATOM   640  N  N   . VAL B 2 34 ? 7.888   16.507  -12.753 1.00 52.15 ? 146 VAL B N   1 
ATOM   641  C  CA  . VAL B 2 34 ? 6.448   16.293  -12.736 1.00 47.96 ? 146 VAL B CA  1 
ATOM   642  C  C   . VAL B 2 34 ? 5.722   17.279  -11.815 1.00 46.98 ? 146 VAL B C   1 
ATOM   643  O  O   . VAL B 2 34 ? 6.330   17.931  -10.977 1.00 45.30 ? 146 VAL B O   1 
ATOM   644  C  CB  . VAL B 2 34 ? 6.172   14.836  -12.354 1.00 46.93 ? 146 VAL B CB  1 
ATOM   645  C  CG1 . VAL B 2 34 ? 4.750   14.635  -11.998 1.00 46.88 ? 146 VAL B CG1 1 
ATOM   646  C  CG2 . VAL B 2 34 ? 6.520   13.957  -13.529 1.00 46.50 ? 146 VAL B CG2 1 
ATOM   647  N  N   . SER B 2 35 ? 4.414   17.389  -11.983 1.00 47.18 ? 147 SER B N   1 
ATOM   648  C  CA  . SER B 2 35 ? 3.628   18.336  -11.208 1.00 48.62 ? 147 SER B CA  1 
ATOM   649  C  C   . SER B 2 35 ? 3.149   17.893  -9.837  1.00 48.92 ? 147 SER B C   1 
ATOM   650  O  O   . SER B 2 35 ? 3.125   16.712  -9.501  1.00 48.39 ? 147 SER B O   1 
ATOM   651  C  CB  . SER B 2 35 ? 2.405   18.784  -12.015 1.00 48.62 ? 147 SER B CB  1 
ATOM   652  O  OG  . SER B 2 35 ? 1.493   17.710  -12.188 1.00 49.25 ? 147 SER B OG  1 
ATOM   653  N  N   . GLN B 2 36 ? 2.759   18.896  -9.061  1.00 49.45 ? 148 GLN B N   1 
ATOM   654  C  CA  . GLN B 2 36 ? 2.224   18.735  -7.720  1.00 50.52 ? 148 GLN B CA  1 
ATOM   655  C  C   . GLN B 2 36 ? 1.085   17.702  -7.846  1.00 49.85 ? 148 GLN B C   1 
ATOM   656  O  O   . GLN B 2 36 ? 1.108   16.639  -7.225  1.00 48.67 ? 148 GLN B O   1 
ATOM   657  C  CB  . GLN B 2 36 ? 1.691   20.108  -7.278  1.00 52.48 ? 148 GLN B CB  1 
ATOM   658  C  CG  . GLN B 2 36 ? 1.290   20.290  -5.825  1.00 57.14 ? 148 GLN B CG  1 
ATOM   659  C  CD  . GLN B 2 36 ? 0.700   21.703  -5.565  1.00 60.36 ? 148 GLN B CD  1 
ATOM   660  O  OE1 . GLN B 2 36 ? 1.313   22.729  -5.931  1.00 60.66 ? 148 GLN B OE1 1 
ATOM   661  N  NE2 . GLN B 2 36 ? -0.485  21.756  -4.927  1.00 59.99 ? 148 GLN B NE2 1 
ATOM   662  N  N   . ASN B 2 37 ? 0.106   18.029  -8.685  1.00 49.33 ? 149 ASN B N   1 
ATOM   663  C  CA  . ASN B 2 37 ? -1.048  17.179  -8.938  1.00 48.24 ? 149 ASN B CA  1 
ATOM   664  C  C   . ASN B 2 37 ? -0.726  15.720  -9.254  1.00 47.54 ? 149 ASN B C   1 
ATOM   665  O  O   . ASN B 2 37 ? -1.343  14.809  -8.696  1.00 47.75 ? 149 ASN B O   1 
ATOM   666  C  CB  . ASN B 2 37 ? -1.878  17.797  -10.056 1.00 49.43 ? 149 ASN B CB  1 
ATOM   667  C  CG  . ASN B 2 37 ? -2.536  19.100  -9.623  1.00 51.52 ? 149 ASN B CG  1 
ATOM   668  O  OD1 . ASN B 2 37 ? -1.900  19.931  -8.986  1.00 54.30 ? 149 ASN B OD1 1 
ATOM   669  N  ND2 . ASN B 2 37 ? -3.807  19.286  -9.970  1.00 52.03 ? 149 ASN B ND2 1 
ATOM   670  N  N   . VAL B 2 38 ? 0.224   15.484  -10.152 1.00 45.71 ? 150 VAL B N   1 
ATOM   671  C  CA  . VAL B 2 38 ? 0.598   14.108  -10.478 1.00 43.40 ? 150 VAL B CA  1 
ATOM   672  C  C   . VAL B 2 38 ? 1.034   13.353  -9.212  1.00 41.89 ? 150 VAL B C   1 
ATOM   673  O  O   . VAL B 2 38 ? 0.617   12.227  -8.994  1.00 42.32 ? 150 VAL B O   1 
ATOM   674  C  CB  . VAL B 2 38 ? 1.733   14.070  -11.527 1.00 42.44 ? 150 VAL B CB  1 
ATOM   675  C  CG1 . VAL B 2 38 ? 2.272   12.667  -11.683 1.00 41.20 ? 150 VAL B CG1 1 
ATOM   676  C  CG2 . VAL B 2 38 ? 1.211   14.550  -12.847 1.00 43.88 ? 150 VAL B CG2 1 
ATOM   677  N  N   . VAL B 2 39 ? 1.862   13.974  -8.381  1.00 39.68 ? 151 VAL B N   1 
ATOM   678  C  CA  . VAL B 2 39 ? 2.332   13.344  -7.144  1.00 38.70 ? 151 VAL B CA  1 
ATOM   679  C  C   . VAL B 2 39 ? 1.186   13.011  -6.159  1.00 37.63 ? 151 VAL B C   1 
ATOM   680  O  O   . VAL B 2 39 ? 1.191   11.949  -5.523  1.00 37.53 ? 151 VAL B O   1 
ATOM   681  C  CB  . VAL B 2 39 ? 3.360   14.258  -6.412  1.00 40.08 ? 151 VAL B CB  1 
ATOM   682  C  CG1 . VAL B 2 39 ? 3.855   13.598  -5.130  1.00 39.86 ? 151 VAL B CG1 1 
ATOM   683  C  CG2 . VAL B 2 39 ? 4.522   14.563  -7.330  1.00 39.10 ? 151 VAL B CG2 1 
ATOM   684  N  N   . ILE B 2 40 ? 0.216   13.915  -6.036  1.00 35.25 ? 152 ILE B N   1 
ATOM   685  C  CA  . ILE B 2 40 ? -0.914  13.709  -5.134  1.00 33.96 ? 152 ILE B CA  1 
ATOM   686  C  C   . ILE B 2 40 ? -1.841  12.626  -5.666  1.00 32.84 ? 152 ILE B C   1 
ATOM   687  O  O   . ILE B 2 40 ? -2.326  11.789  -4.910  1.00 31.20 ? 152 ILE B O   1 
ATOM   688  C  CB  . ILE B 2 40 ? -1.720  15.004  -4.940  1.00 33.56 ? 152 ILE B CB  1 
ATOM   689  C  CG1 . ILE B 2 40 ? -0.828  16.080  -4.324  1.00 33.43 ? 152 ILE B CG1 1 
ATOM   690  C  CG2 . ILE B 2 40 ? -2.902  14.751  -4.026  1.00 32.12 ? 152 ILE B CG2 1 
ATOM   691  C  CD1 . ILE B 2 40 ? -1.504  17.425  -4.166  1.00 33.05 ? 152 ILE B CD1 1 
ATOM   692  N  N   . ALA B 2 41 ? -2.071  12.652  -6.970  1.00 30.94 ? 153 ALA B N   1 
ATOM   693  C  CA  . ALA B 2 41 ? -2.923  11.672  -7.620  1.00 30.98 ? 153 ALA B CA  1 
ATOM   694  C  C   . ALA B 2 41 ? -2.303  10.281  -7.497  1.00 31.82 ? 153 ALA B C   1 
ATOM   695  O  O   . ALA B 2 41 ? -2.987  9.308   -7.205  1.00 32.28 ? 153 ALA B O   1 
ATOM   696  C  CB  . ALA B 2 41 ? -3.104  12.040  -9.076  1.00 28.99 ? 153 ALA B CB  1 
ATOM   697  N  N   . MET B 2 42 ? -0.996  10.202  -7.722  1.00 32.28 ? 154 MET B N   1 
ATOM   698  C  CA  . MET B 2 42 ? -0.259  8.953   -7.625  1.00 32.30 ? 154 MET B CA  1 
ATOM   699  C  C   . MET B 2 42 ? -0.304  8.439   -6.181  1.00 33.44 ? 154 MET B C   1 
ATOM   700  O  O   . MET B 2 42 ? -0.368  7.238   -5.962  1.00 35.32 ? 154 MET B O   1 
ATOM   701  C  CB  . MET B 2 42 ? 1.190   9.168   -8.072  1.00 31.64 ? 154 MET B CB  1 
ATOM   702  C  CG  . MET B 2 42 ? 2.015   7.907   -8.177  1.00 33.24 ? 154 MET B CG  1 
ATOM   703  S  SD  . MET B 2 42 ? 1.436   6.736   -9.448  1.00 38.55 ? 154 MET B SD  1 
ATOM   704  C  CE  . MET B 2 42 ? 1.853   7.561   -10.976 1.00 33.52 ? 154 MET B CE  1 
ATOM   705  N  N   . SER B 2 43 ? -0.272  9.341   -5.201  1.00 32.74 ? 155 SER B N   1 
ATOM   706  C  CA  . SER B 2 43 ? -0.332  8.945   -3.794  1.00 32.54 ? 155 SER B CA  1 
ATOM   707  C  C   . SER B 2 43 ? -1.709  8.426   -3.422  1.00 31.72 ? 155 SER B C   1 
ATOM   708  O  O   . SER B 2 43 ? -1.837  7.515   -2.623  1.00 32.10 ? 155 SER B O   1 
ATOM   709  C  CB  . SER B 2 43 ? 0.002   10.121  -2.870  1.00 33.60 ? 155 SER B CB  1 
ATOM   710  O  OG  . SER B 2 43 ? 1.325   10.570  -3.071  1.00 35.55 ? 155 SER B OG  1 
ATOM   711  N  N   . GLY B 2 44 ? -2.744  9.031   -3.986  1.00 32.44 ? 156 GLY B N   1 
ATOM   712  C  CA  . GLY B 2 44 ? -4.096  8.592   -3.704  1.00 32.08 ? 156 GLY B CA  1 
ATOM   713  C  C   . GLY B 2 44 ? -4.357  7.208   -4.270  1.00 32.30 ? 156 GLY B C   1 
ATOM   714  O  O   . GLY B 2 44 ? -4.968  6.375   -3.603  1.00 32.48 ? 156 GLY B O   1 
ATOM   715  N  N   . ILE B 2 45 ? -3.892  6.965   -5.494  1.00 29.98 ? 157 ILE B N   1 
ATOM   716  C  CA  . ILE B 2 45 ? -4.062  5.678   -6.164  1.00 29.79 ? 157 ILE B CA  1 
ATOM   717  C  C   . ILE B 2 45 ? -3.252  4.570   -5.487  1.00 29.40 ? 157 ILE B C   1 
ATOM   718  O  O   . ILE B 2 45 ? -3.683  3.420   -5.416  1.00 30.84 ? 157 ILE B O   1 
ATOM   719  C  CB  . ILE B 2 45 ? -3.654  5.789   -7.651  1.00 30.34 ? 157 ILE B CB  1 
ATOM   720  C  CG1 . ILE B 2 45 ? -4.628  6.715   -8.376  1.00 30.70 ? 157 ILE B CG1 1 
ATOM   721  C  CG2 . ILE B 2 45 ? -3.637  4.426   -8.308  1.00 30.77 ? 157 ILE B CG2 1 
ATOM   722  C  CD1 . ILE B 2 45 ? -4.121  7.234   -9.718  1.00 31.93 ? 157 ILE B CD1 1 
ATOM   723  N  N   . SER B 2 46 ? -2.084  4.922   -4.970  1.00 28.75 ? 158 SER B N   1 
ATOM   724  C  CA  . SER B 2 46 ? -1.230  3.950   -4.313  1.00 27.05 ? 158 SER B CA  1 
ATOM   725  C  C   . SER B 2 46 ? -1.786  3.608   -2.949  1.00 27.61 ? 158 SER B C   1 
ATOM   726  O  O   . SER B 2 46 ? -1.615  2.494   -2.466  1.00 29.81 ? 158 SER B O   1 
ATOM   727  C  CB  . SER B 2 46 ? 0.181   4.494   -4.190  1.00 24.54 ? 158 SER B CB  1 
ATOM   728  O  OG  . SER B 2 46 ? 0.696   4.814   -5.463  1.00 24.83 ? 158 SER B OG  1 
ATOM   729  N  N   . LYS B 2 47 ? -2.460  4.558   -2.321  1.00 26.68 ? 159 LYS B N   1 
ATOM   730  C  CA  . LYS B 2 47 ? -3.040  4.277   -1.023  1.00 26.74 ? 159 LYS B CA  1 
ATOM   731  C  C   . LYS B 2 47 ? -4.147  3.246   -1.236  1.00 26.11 ? 159 LYS B C   1 
ATOM   732  O  O   . LYS B 2 47 ? -4.238  2.277   -0.500  1.00 27.72 ? 159 LYS B O   1 
ATOM   733  C  CB  . LYS B 2 47 ? -3.586  5.555   -0.376  1.00 26.04 ? 159 LYS B CB  1 
ATOM   734  C  CG  . LYS B 2 47 ? -4.111  5.333   1.018   1.00 27.63 ? 159 LYS B CG  1 
ATOM   735  C  CD  . LYS B 2 47 ? -4.464  6.629   1.720   1.00 29.88 ? 159 LYS B CD  1 
ATOM   736  C  CE  . LYS B 2 47 ? -5.000  6.358   3.115   1.00 30.66 ? 159 LYS B CE  1 
ATOM   737  N  NZ  . LYS B 2 47 ? -5.153  7.590   3.920   1.00 33.68 ? 159 LYS B NZ  1 
ATOM   738  N  N   . VAL B 2 48 ? -4.970  3.444   -2.259  1.00 24.68 ? 160 VAL B N   1 
ATOM   739  C  CA  . VAL B 2 48 ? -6.040  2.501   -2.568  1.00 25.57 ? 160 VAL B CA  1 
ATOM   740  C  C   . VAL B 2 48 ? -5.488  1.096   -2.848  1.00 27.18 ? 160 VAL B C   1 
ATOM   741  O  O   . VAL B 2 48 ? -6.059  0.098   -2.410  1.00 27.89 ? 160 VAL B O   1 
ATOM   742  C  CB  . VAL B 2 48 ? -6.865  2.976   -3.773  1.00 24.88 ? 160 VAL B CB  1 
ATOM   743  C  CG1 . VAL B 2 48 ? -7.823  1.893   -4.213  1.00 24.98 ? 160 VAL B CG1 1 
ATOM   744  C  CG2 . VAL B 2 48 ? -7.649  4.200   -3.392  1.00 22.01 ? 160 VAL B CG2 1 
ATOM   745  N  N   . PHE B 2 49 ? -4.383  1.033   -3.586  1.00 26.56 ? 161 PHE B N   1 
ATOM   746  C  CA  . PHE B 2 49 ? -3.706  -0.224  -3.896  1.00 27.55 ? 161 PHE B CA  1 
ATOM   747  C  C   . PHE B 2 49 ? -3.329  -0.895  -2.578  1.00 27.06 ? 161 PHE B C   1 
ATOM   748  O  O   . PHE B 2 49 ? -3.661  -2.062  -2.347  1.00 27.74 ? 161 PHE B O   1 
ATOM   749  C  CB  . PHE B 2 49 ? -2.437  0.053   -4.724  1.00 28.95 ? 161 PHE B CB  1 
ATOM   750  C  CG  . PHE B 2 49 ? -1.526  -1.139  -4.890  1.00 25.87 ? 161 PHE B CG  1 
ATOM   751  C  CD1 . PHE B 2 49 ? -1.844  -2.167  -5.759  1.00 25.56 ? 161 PHE B CD1 1 
ATOM   752  C  CD2 . PHE B 2 49 ? -0.342  -1.224  -4.161  1.00 24.11 ? 161 PHE B CD2 1 
ATOM   753  C  CE1 . PHE B 2 49 ? -0.991  -3.267  -5.912  1.00 26.56 ? 161 PHE B CE1 1 
ATOM   754  C  CE2 . PHE B 2 49 ? 0.510   -2.303  -4.298  1.00 25.18 ? 161 PHE B CE2 1 
ATOM   755  C  CZ  . PHE B 2 49 ? 0.185   -3.333  -5.177  1.00 26.47 ? 161 PHE B CZ  1 
ATOM   756  N  N   . VAL B 2 50 ? -2.622  -0.151  -1.728  1.00 25.82 ? 162 VAL B N   1 
ATOM   757  C  CA  . VAL B 2 50 ? -2.215  -0.663  -0.431  1.00 26.09 ? 162 VAL B CA  1 
ATOM   758  C  C   . VAL B 2 50 ? -3.450  -1.193  0.263   1.00 27.08 ? 162 VAL B C   1 
ATOM   759  O  O   . VAL B 2 50 ? -3.440  -2.295  0.796   1.00 29.05 ? 162 VAL B O   1 
ATOM   760  C  CB  . VAL B 2 50 ? -1.545  0.440   0.443   1.00 26.41 ? 162 VAL B CB  1 
ATOM   761  C  CG1 . VAL B 2 50 ? -1.562  0.051   1.909   1.00 23.75 ? 162 VAL B CG1 1 
ATOM   762  C  CG2 . VAL B 2 50 ? -0.103  0.634   0.007   1.00 23.95 ? 162 VAL B CG2 1 
ATOM   763  N  N   . GLY B 2 51 ? -4.521  -0.408  0.227   1.00 27.34 ? 163 GLY B N   1 
ATOM   764  C  CA  . GLY B 2 51 ? -5.768  -0.796  0.860   1.00 26.79 ? 163 GLY B CA  1 
ATOM   765  C  C   . GLY B 2 51 ? -6.337  -2.110  0.387   1.00 26.86 ? 163 GLY B C   1 
ATOM   766  O  O   . GLY B 2 51 ? -6.832  -2.899  1.179   1.00 24.70 ? 163 GLY B O   1 
ATOM   767  N  N   . GLU B 2 52 ? -6.268  -2.342  -0.916  1.00 27.35 ? 164 GLU B N   1 
ATOM   768  C  CA  . GLU B 2 52 ? -6.780  -3.567  -1.490  1.00 28.36 ? 164 GLU B CA  1 
ATOM   769  C  C   . GLU B 2 52 ? -5.905  -4.771  -1.155  1.00 27.68 ? 164 GLU B C   1 
ATOM   770  O  O   . GLU B 2 52 ? -6.414  -5.874  -0.996  1.00 29.99 ? 164 GLU B O   1 
ATOM   771  C  CB  . GLU B 2 52 ? -6.946  -3.384  -3.000  1.00 29.28 ? 164 GLU B CB  1 
ATOM   772  C  CG  . GLU B 2 52 ? -8.085  -2.437  -3.347  1.00 36.09 ? 164 GLU B CG  1 
ATOM   773  C  CD  . GLU B 2 52 ? -8.210  -2.128  -4.837  1.00 39.44 ? 164 GLU B CD  1 
ATOM   774  O  OE1 . GLU B 2 52 ? -7.232  -2.347  -5.576  1.00 41.15 ? 164 GLU B OE1 1 
ATOM   775  O  OE2 . GLU B 2 52 ? -9.287  -1.647  -5.264  1.00 40.33 ? 164 GLU B OE2 1 
ATOM   776  N  N   . VAL B 2 53 ? -4.600  -4.569  -1.023  1.00 25.53 ? 165 VAL B N   1 
ATOM   777  C  CA  . VAL B 2 53 ? -3.711  -5.673  -0.693  1.00 26.33 ? 165 VAL B CA  1 
ATOM   778  C  C   . VAL B 2 53 ? -3.872  -6.087  0.775   1.00 26.82 ? 165 VAL B C   1 
ATOM   779  O  O   . VAL B 2 53 ? -3.984  -7.270  1.076   1.00 26.64 ? 165 VAL B O   1 
ATOM   780  C  CB  . VAL B 2 53 ? -2.221  -5.318  -0.975  1.00 26.93 ? 165 VAL B CB  1 
ATOM   781  C  CG1 . VAL B 2 53 ? -1.353  -6.545  -0.834  1.00 23.96 ? 165 VAL B CG1 1 
ATOM   782  C  CG2 . VAL B 2 53 ? -2.076  -4.745  -2.365  1.00 28.58 ? 165 VAL B CG2 1 
ATOM   783  N  N   . VAL B 2 54 ? -3.886  -5.116  1.687   1.00 27.43 ? 166 VAL B N   1 
ATOM   784  C  CA  . VAL B 2 54 ? -4.049  -5.421  3.108   1.00 28.13 ? 166 VAL B CA  1 
ATOM   785  C  C   . VAL B 2 54 ? -5.424  -6.038  3.347   1.00 29.10 ? 166 VAL B C   1 
ATOM   786  O  O   . VAL B 2 54 ? -5.552  -7.023  4.061   1.00 27.72 ? 166 VAL B O   1 
ATOM   787  C  CB  . VAL B 2 54 ? -3.883  -4.155  4.006   1.00 26.91 ? 166 VAL B CB  1 
ATOM   788  C  CG1 . VAL B 2 54 ? -4.195  -4.487  5.456   1.00 24.21 ? 166 VAL B CG1 1 
ATOM   789  C  CG2 . VAL B 2 54 ? -2.469  -3.632  3.903   1.00 23.53 ? 166 VAL B CG2 1 
ATOM   790  N  N   . GLU B 2 55 ? -6.453  -5.469  2.735   1.00 32.15 ? 167 GLU B N   1 
ATOM   791  C  CA  . GLU B 2 55 ? -7.804  -6.000  2.889   1.00 35.83 ? 167 GLU B CA  1 
ATOM   792  C  C   . GLU B 2 55 ? -7.922  -7.420  2.340   1.00 36.60 ? 167 GLU B C   1 
ATOM   793  O  O   . GLU B 2 55 ? -8.656  -8.240  2.894   1.00 37.63 ? 167 GLU B O   1 
ATOM   794  C  CB  . GLU B 2 55 ? -8.803  -5.078  2.200   1.00 39.10 ? 167 GLU B CB  1 
ATOM   795  C  CG  . GLU B 2 55 ? -10.118 -5.720  1.813   1.00 43.79 ? 167 GLU B CG  1 
ATOM   796  C  CD  . GLU B 2 55 ? -11.076 -4.716  1.201   1.00 46.55 ? 167 GLU B CD  1 
ATOM   797  O  OE1 . GLU B 2 55 ? -10.626 -3.903  0.360   1.00 46.91 ? 167 GLU B OE1 1 
ATOM   798  O  OE2 . GLU B 2 55 ? -12.282 -4.752  1.554   1.00 49.50 ? 167 GLU B OE2 1 
ATOM   799  N  N   . GLU B 2 56 ? -7.191  -7.717  1.267   1.00 36.24 ? 168 GLU B N   1 
ATOM   800  C  CA  . GLU B 2 56 ? -7.219  -9.052  0.682   1.00 36.47 ? 168 GLU B CA  1 
ATOM   801  C  C   . GLU B 2 56 ? -6.383  -10.040 1.504   1.00 36.94 ? 168 GLU B C   1 
ATOM   802  O  O   . GLU B 2 56 ? -6.770  -11.193 1.674   1.00 36.34 ? 168 GLU B O   1 
ATOM   803  C  CB  . GLU B 2 56 ? -6.697  -9.014  -0.750  1.00 38.09 ? 168 GLU B CB  1 
ATOM   804  C  CG  . GLU B 2 56 ? -6.847  -10.326 -1.474  1.00 39.36 ? 168 GLU B CG  1 
ATOM   805  C  CD  . GLU B 2 56 ? -8.291  -10.708 -1.681  1.00 42.42 ? 168 GLU B CD  1 
ATOM   806  O  OE1 . GLU B 2 56 ? -9.013  -9.975  -2.399  1.00 43.92 ? 168 GLU B OE1 1 
ATOM   807  O  OE2 . GLU B 2 56 ? -8.707  -11.743 -1.124  1.00 43.84 ? 168 GLU B OE2 1 
ATOM   808  N  N   . ALA B 2 57 ? -5.239  -9.588  2.012   1.00 35.37 ? 169 ALA B N   1 
ATOM   809  C  CA  . ALA B 2 57 ? -4.383  -10.443 2.828   1.00 35.40 ? 169 ALA B CA  1 
ATOM   810  C  C   . ALA B 2 57 ? -5.066  -10.770 4.165   1.00 35.29 ? 169 ALA B C   1 
ATOM   811  O  O   . ALA B 2 57 ? -4.965  -11.881 4.678   1.00 33.62 ? 169 ALA B O   1 
ATOM   812  C  CB  . ALA B 2 57 ? -3.047  -9.759  3.072   1.00 34.01 ? 169 ALA B CB  1 
ATOM   813  N  N   . LEU B 2 58 ? -5.763  -9.790  4.722   1.00 35.34 ? 170 LEU B N   1 
ATOM   814  C  CA  . LEU B 2 58 ? -6.469  -9.965  5.982   1.00 35.95 ? 170 LEU B CA  1 
ATOM   815  C  C   . LEU B 2 58 ? -7.448  -11.117 5.813   1.00 37.24 ? 170 LEU B C   1 
ATOM   816  O  O   . LEU B 2 58 ? -7.668  -11.902 6.733   1.00 37.35 ? 170 LEU B O   1 
ATOM   817  C  CB  . LEU B 2 58 ? -7.210  -8.670  6.316   1.00 35.20 ? 170 LEU B CB  1 
ATOM   818  C  CG  . LEU B 2 58 ? -6.916  -7.943  7.626   1.00 36.36 ? 170 LEU B CG  1 
ATOM   819  C  CD1 . LEU B 2 58 ? -5.494  -8.148  8.057   1.00 35.18 ? 170 LEU B CD1 1 
ATOM   820  C  CD2 . LEU B 2 58 ? -7.229  -6.462  7.439   1.00 35.14 ? 170 LEU B CD2 1 
ATOM   821  N  N   . ASP B 2 59 ? -8.017  -11.217 4.617   1.00 38.27 ? 171 ASP B N   1 
ATOM   822  C  CA  . ASP B 2 59 ? -8.967  -12.263 4.298   1.00 39.73 ? 171 ASP B CA  1 
ATOM   823  C  C   . ASP B 2 59 ? -8.304  -13.634 4.250   1.00 40.14 ? 171 ASP B C   1 
ATOM   824  O  O   . ASP B 2 59 ? -8.879  -14.610 4.733   1.00 41.42 ? 171 ASP B O   1 
ATOM   825  C  CB  . ASP B 2 59 ? -9.644  -11.956 2.959   1.00 43.56 ? 171 ASP B CB  1 
ATOM   826  C  CG  . ASP B 2 59 ? -10.751 -12.955 2.610   1.00 47.22 ? 171 ASP B CG  1 
ATOM   827  O  OD1 . ASP B 2 59 ? -11.670 -13.169 3.448   1.00 49.96 ? 171 ASP B OD1 1 
ATOM   828  O  OD2 . ASP B 2 59 ? -10.707 -13.511 1.487   1.00 48.62 ? 171 ASP B OD2 1 
ATOM   829  N  N   . VAL B 2 60 ? -7.107  -13.709 3.663   1.00 39.05 ? 172 VAL B N   1 
ATOM   830  C  CA  . VAL B 2 60 ? -6.347  -14.962 3.561   1.00 38.36 ? 172 VAL B CA  1 
ATOM   831  C  C   . VAL B 2 60 ? -5.948  -15.446 4.962   1.00 37.59 ? 172 VAL B C   1 
ATOM   832  O  O   . VAL B 2 60 ? -6.122  -16.618 5.309   1.00 35.55 ? 172 VAL B O   1 
ATOM   833  C  CB  . VAL B 2 60 ? -5.058  -14.771 2.712   1.00 38.92 ? 172 VAL B CB  1 
ATOM   834  C  CG1 . VAL B 2 60 ? -4.207  -16.026 2.733   1.00 39.56 ? 172 VAL B CG1 1 
ATOM   835  C  CG2 . VAL B 2 60 ? -5.423  -14.444 1.295   1.00 39.58 ? 172 VAL B CG2 1 
ATOM   836  N  N   . CYS B 2 61 ? -5.417  -14.519 5.752   1.00 38.07 ? 173 CYS B N   1 
ATOM   837  C  CA  . CYS B 2 61 ? -5.002  -14.782 7.125   1.00 37.65 ? 173 CYS B CA  1 
ATOM   838  C  C   . CYS B 2 61 ? -6.207  -15.265 7.938   1.00 37.51 ? 173 CYS B C   1 
ATOM   839  O  O   . CYS B 2 61 ? -6.076  -16.127 8.797   1.00 37.95 ? 173 CYS B O   1 
ATOM   840  C  CB  . CYS B 2 61 ? -4.424  -13.507 7.733   1.00 37.50 ? 173 CYS B CB  1 
ATOM   841  S  SG  . CYS B 2 61 ? -3.762  -13.685 9.415   1.00 42.13 ? 173 CYS B SG  1 
ATOM   842  N  N   . GLU B 2 62 ? -7.378  -14.714 7.651   1.00 37.64 ? 174 GLU B N   1 
ATOM   843  C  CA  . GLU B 2 62 ? -8.607  -15.112 8.330   1.00 40.80 ? 174 GLU B CA  1 
ATOM   844  C  C   . GLU B 2 62 ? -9.017  -16.545 7.905   1.00 41.60 ? 174 GLU B C   1 
ATOM   845  O  O   . GLU B 2 62 ? -9.358  -17.375 8.747   1.00 40.38 ? 174 GLU B O   1 
ATOM   846  C  CB  . GLU B 2 62 ? -9.728  -14.124 7.980   1.00 43.41 ? 174 GLU B CB  1 
ATOM   847  C  CG  . GLU B 2 62 ? -10.965 -14.135 8.882   1.00 47.06 ? 174 GLU B CG  1 
ATOM   848  C  CD  . GLU B 2 62 ? -11.731 -15.448 8.869   1.00 52.21 ? 174 GLU B CD  1 
ATOM   849  O  OE1 . GLU B 2 62 ? -12.168 -15.895 7.782   1.00 54.58 ? 174 GLU B OE1 1 
ATOM   850  O  OE2 . GLU B 2 62 ? -11.907 -16.037 9.958   1.00 56.02 ? 174 GLU B OE2 1 
ATOM   851  N  N   . LYS B 2 63 ? -8.965  -16.837 6.604   1.00 41.85 ? 175 LYS B N   1 
ATOM   852  C  CA  . LYS B 2 63 ? -9.341  -18.163 6.105   1.00 42.59 ? 175 LYS B CA  1 
ATOM   853  C  C   . LYS B 2 63 ? -8.331  -19.285 6.388   1.00 43.07 ? 175 LYS B C   1 
ATOM   854  O  O   . LYS B 2 63 ? -8.699  -20.458 6.382   1.00 43.37 ? 175 LYS B O   1 
ATOM   855  C  CB  . LYS B 2 63 ? -9.640  -18.092 4.599   1.00 42.26 ? 175 LYS B CB  1 
ATOM   856  C  CG  . LYS B 2 63 ? -10.872 -17.246 4.282   1.00 44.36 ? 175 LYS B CG  1 
ATOM   857  C  CD  . LYS B 2 63 ? -11.085 -17.027 2.797   1.00 45.20 ? 175 LYS B CD  1 
ATOM   858  C  CE  . LYS B 2 63 ? -12.285 -16.103 2.565   1.00 47.37 ? 175 LYS B CE  1 
ATOM   859  N  NZ  . LYS B 2 63 ? -12.494 -15.751 1.126   1.00 47.03 ? 175 LYS B NZ  1 
ATOM   860  N  N   . TRP B 2 64 ? -7.062  -18.945 6.623   1.00 42.15 ? 176 TRP B N   1 
ATOM   861  C  CA  . TRP B 2 64 ? -6.072  -19.977 6.927   1.00 40.95 ? 176 TRP B CA  1 
ATOM   862  C  C   . TRP B 2 64 ? -6.054  -20.222 8.433   1.00 41.14 ? 176 TRP B C   1 
ATOM   863  O  O   . TRP B 2 64 ? -5.116  -20.795 8.987   1.00 40.36 ? 176 TRP B O   1 
ATOM   864  C  CB  . TRP B 2 64 ? -4.677  -19.581 6.429   1.00 39.95 ? 176 TRP B CB  1 
ATOM   865  C  CG  . TRP B 2 64 ? -4.500  -19.684 4.920   1.00 39.07 ? 176 TRP B CG  1 
ATOM   866  C  CD1 . TRP B 2 64 ? -5.399  -20.190 4.012   1.00 38.64 ? 176 TRP B CD1 1 
ATOM   867  C  CD2 . TRP B 2 64 ? -3.350  -19.287 4.162   1.00 38.21 ? 176 TRP B CD2 1 
ATOM   868  N  NE1 . TRP B 2 64 ? -4.879  -20.127 2.747   1.00 39.53 ? 176 TRP B NE1 1 
ATOM   869  C  CE2 . TRP B 2 64 ? -3.626  -19.577 2.806   1.00 39.39 ? 176 TRP B CE2 1 
ATOM   870  C  CE3 . TRP B 2 64 ? -2.115  -18.712 4.496   1.00 38.19 ? 176 TRP B CE3 1 
ATOM   871  C  CZ2 . TRP B 2 64 ? -2.705  -19.313 1.782   1.00 38.41 ? 176 TRP B CZ2 1 
ATOM   872  C  CZ3 . TRP B 2 64 ? -1.203  -18.452 3.482   1.00 37.93 ? 176 TRP B CZ3 1 
ATOM   873  C  CH2 . TRP B 2 64 ? -1.506  -18.751 2.138   1.00 37.85 ? 176 TRP B CH2 1 
ATOM   874  N  N   . GLY B 2 65 ? -7.124  -19.772 9.081   1.00 41.09 ? 177 GLY B N   1 
ATOM   875  C  CA  . GLY B 2 65 ? -7.263  -19.940 10.510  1.00 40.11 ? 177 GLY B CA  1 
ATOM   876  C  C   . GLY B 2 65 ? -6.249  -19.213 11.364  1.00 39.29 ? 177 GLY B C   1 
ATOM   877  O  O   . GLY B 2 65 ? -6.036  -19.587 12.517  1.00 40.82 ? 177 GLY B O   1 
ATOM   878  N  N   . GLU B 2 66 ? -5.630  -18.169 10.827  1.00 37.43 ? 178 GLU B N   1 
ATOM   879  C  CA  . GLU B 2 66 ? -4.643  -17.439 11.595  1.00 36.02 ? 178 GLU B CA  1 
ATOM   880  C  C   . GLU B 2 66 ? -5.151  -16.085 12.063  1.00 34.47 ? 178 GLU B C   1 
ATOM   881  O  O   . GLU B 2 66 ? -6.269  -15.699 11.759  1.00 32.14 ? 178 GLU B O   1 
ATOM   882  C  CB  . GLU B 2 66 ? -3.363  -17.306 10.776  1.00 36.51 ? 178 GLU B CB  1 
ATOM   883  C  CG  . GLU B 2 66 ? -2.760  -18.674 10.447  1.00 38.76 ? 178 GLU B CG  1 
ATOM   884  C  CD  . GLU B 2 66 ? -1.537  -18.613 9.549   1.00 40.41 ? 178 GLU B CD  1 
ATOM   885  O  OE1 . GLU B 2 66 ? -1.657  -18.164 8.387   1.00 40.06 ? 178 GLU B OE1 1 
ATOM   886  O  OE2 . GLU B 2 66 ? -0.450  -19.025 10.009  1.00 41.56 ? 178 GLU B OE2 1 
ATOM   887  N  N   . MET B 2 67 ? -4.321  -15.395 12.834  1.00 35.20 ? 179 MET B N   1 
ATOM   888  C  CA  . MET B 2 67 ? -4.624  -14.071 13.382  1.00 35.07 ? 179 MET B CA  1 
ATOM   889  C  C   . MET B 2 67 ? -3.577  -13.045 12.921  1.00 34.53 ? 179 MET B C   1 
ATOM   890  O  O   . MET B 2 67 ? -2.452  -13.394 12.561  1.00 33.04 ? 179 MET B O   1 
ATOM   891  C  CB  . MET B 2 67 ? -4.563  -14.090 14.926  1.00 38.02 ? 179 MET B CB  1 
ATOM   892  C  CG  . MET B 2 67 ? -5.647  -14.835 15.721  1.00 39.31 ? 179 MET B CG  1 
ATOM   893  S  SD  . MET B 2 67 ? -7.311  -14.143 15.611  1.00 41.98 ? 179 MET B SD  1 
ATOM   894  C  CE  . MET B 2 67 ? -8.032  -15.231 14.310  1.00 40.01 ? 179 MET B CE  1 
ATOM   895  N  N   . PRO B 2 68 ? -3.939  -11.760 12.918  1.00 34.21 ? 180 PRO B N   1 
ATOM   896  C  CA  . PRO B 2 68 ? -2.971  -10.743 12.512  1.00 34.75 ? 180 PRO B CA  1 
ATOM   897  C  C   . PRO B 2 68 ? -1.837  -10.823 13.556  1.00 34.92 ? 180 PRO B C   1 
ATOM   898  O  O   . PRO B 2 68 ? -1.965  -11.539 14.547  1.00 36.84 ? 180 PRO B O   1 
ATOM   899  C  CB  . PRO B 2 68 ? -3.789  -9.461  12.626  1.00 34.16 ? 180 PRO B CB  1 
ATOM   900  C  CG  . PRO B 2 68 ? -5.189  -9.949  12.307  1.00 32.79 ? 180 PRO B CG  1 
ATOM   901  C  CD  . PRO B 2 68 ? -5.225  -11.124 13.233  1.00 33.50 ? 180 PRO B CD  1 
ATOM   902  N  N   . PRO B 2 69 ? -0.723  -10.109 13.359  1.00 34.17 ? 181 PRO B N   1 
ATOM   903  C  CA  . PRO B 2 69 ? -0.343  -9.214  12.269  1.00 33.45 ? 181 PRO B CA  1 
ATOM   904  C  C   . PRO B 2 69 ? -0.229  -10.006 10.983  1.00 34.39 ? 181 PRO B C   1 
ATOM   905  O  O   . PRO B 2 69 ? -0.020  -11.217 11.016  1.00 35.55 ? 181 PRO B O   1 
ATOM   906  C  CB  . PRO B 2 69 ? 1.025   -8.702  12.721  1.00 35.05 ? 181 PRO B CB  1 
ATOM   907  C  CG  . PRO B 2 69 ? 0.990   -8.903  14.245  1.00 33.45 ? 181 PRO B CG  1 
ATOM   908  C  CD  . PRO B 2 69 ? 0.403   -10.255 14.295  1.00 32.09 ? 181 PRO B CD  1 
ATOM   909  N  N   . LEU B 2 70 ? -0.364  -9.330  9.850   1.00 34.28 ? 182 LEU B N   1 
ATOM   910  C  CA  . LEU B 2 70 ? -0.235  -9.987  8.560   1.00 33.14 ? 182 LEU B CA  1 
ATOM   911  C  C   . LEU B 2 70 ? 1.209   -10.443 8.364   1.00 33.36 ? 182 LEU B C   1 
ATOM   912  O  O   . LEU B 2 70 ? 2.146   -9.703  8.662   1.00 31.97 ? 182 LEU B O   1 
ATOM   913  C  CB  . LEU B 2 70 ? -0.621  -9.023  7.448   1.00 33.13 ? 182 LEU B CB  1 
ATOM   914  C  CG  . LEU B 2 70 ? -2.095  -8.658  7.352   1.00 32.68 ? 182 LEU B CG  1 
ATOM   915  C  CD1 . LEU B 2 70 ? -2.275  -7.412  6.494   1.00 33.75 ? 182 LEU B CD1 1 
ATOM   916  C  CD2 . LEU B 2 70 ? -2.858  -9.835  6.795   1.00 31.09 ? 182 LEU B CD2 1 
ATOM   917  N  N   . GLN B 2 71 ? 1.379   -11.667 7.875   1.00 33.76 ? 183 GLN B N   1 
ATOM   918  C  CA  . GLN B 2 71 ? 2.704   -12.224 7.622   1.00 34.25 ? 183 GLN B CA  1 
ATOM   919  C  C   . GLN B 2 71 ? 2.973   -12.151 6.124   1.00 35.70 ? 183 GLN B C   1 
ATOM   920  O  O   . GLN B 2 71 ? 2.047   -12.029 5.323   1.00 35.96 ? 183 GLN B O   1 
ATOM   921  C  CB  . GLN B 2 71 ? 2.785   -13.697 8.041   1.00 33.49 ? 183 GLN B CB  1 
ATOM   922  C  CG  . GLN B 2 71 ? 2.393   -14.002 9.467   1.00 35.91 ? 183 GLN B CG  1 
ATOM   923  C  CD  . GLN B 2 71 ? 2.517   -15.488 9.823   1.00 36.37 ? 183 GLN B CD  1 
ATOM   924  O  OE1 . GLN B 2 71 ? 1.891   -15.957 10.766  1.00 37.67 ? 183 GLN B OE1 1 
ATOM   925  N  NE2 . GLN B 2 71 ? 3.336   -16.221 9.078   1.00 36.16 ? 183 GLN B NE2 1 
ATOM   926  N  N   . PRO B 2 72 ? 4.253   -12.228 5.728   1.00 35.57 ? 184 PRO B N   1 
ATOM   927  C  CA  . PRO B 2 72 ? 4.670   -12.184 4.329   1.00 35.56 ? 184 PRO B CA  1 
ATOM   928  C  C   . PRO B 2 72 ? 3.880   -13.154 3.445   1.00 36.20 ? 184 PRO B C   1 
ATOM   929  O  O   . PRO B 2 72 ? 3.483   -12.815 2.333   1.00 35.51 ? 184 PRO B O   1 
ATOM   930  C  CB  . PRO B 2 72 ? 6.141   -12.560 4.425   1.00 36.56 ? 184 PRO B CB  1 
ATOM   931  C  CG  . PRO B 2 72 ? 6.535   -11.866 5.697   1.00 36.50 ? 184 PRO B CG  1 
ATOM   932  C  CD  . PRO B 2 72 ? 5.433   -12.379 6.594   1.00 35.54 ? 184 PRO B CD  1 
ATOM   933  N  N   . LYS B 2 73 ? 3.656   -14.363 3.947   1.00 36.54 ? 185 LYS B N   1 
ATOM   934  C  CA  . LYS B 2 73 ? 2.929   -15.368 3.185   1.00 36.77 ? 185 LYS B CA  1 
ATOM   935  C  C   . LYS B 2 73 ? 1.512   -14.916 2.870   1.00 37.19 ? 185 LYS B C   1 
ATOM   936  O  O   . LYS B 2 73 ? 0.904   -15.407 1.919   1.00 38.33 ? 185 LYS B O   1 
ATOM   937  C  CB  . LYS B 2 73 ? 2.884   -16.713 3.934   1.00 37.45 ? 185 LYS B CB  1 
ATOM   938  C  CG  . LYS B 2 73 ? 2.120   -16.697 5.238   1.00 39.84 ? 185 LYS B CG  1 
ATOM   939  C  CD  . LYS B 2 73 ? 1.899   -18.090 5.791   1.00 40.61 ? 185 LYS B CD  1 
ATOM   940  C  CE  . LYS B 2 73 ? 1.097   -18.031 7.082   1.00 41.40 ? 185 LYS B CE  1 
ATOM   941  N  NZ  . LYS B 2 73 ? 0.897   -19.391 7.683   1.00 42.95 ? 185 LYS B NZ  1 
ATOM   942  N  N   . HIS B 2 74 ? 0.989   -13.986 3.666   1.00 35.63 ? 186 HIS B N   1 
ATOM   943  C  CA  . HIS B 2 74 ? -0.366  -13.480 3.463   1.00 34.08 ? 186 HIS B CA  1 
ATOM   944  C  C   . HIS B 2 74 ? -0.417  -12.454 2.344   1.00 34.72 ? 186 HIS B C   1 
ATOM   945  O  O   . HIS B 2 74 ? -1.380  -12.410 1.580   1.00 33.46 ? 186 HIS B O   1 
ATOM   946  C  CB  . HIS B 2 74 ? -0.900  -12.829 4.744   1.00 32.23 ? 186 HIS B CB  1 
ATOM   947  C  CG  . HIS B 2 74 ? -1.017  -13.769 5.895   1.00 31.26 ? 186 HIS B CG  1 
ATOM   948  N  ND1 . HIS B 2 74 ? -0.773  -13.382 7.194   1.00 32.86 ? 186 HIS B ND1 1 
ATOM   949  C  CD2 . HIS B 2 74 ? -1.323  -15.082 5.944   1.00 30.76 ? 186 HIS B CD2 1 
ATOM   950  C  CE1 . HIS B 2 74 ? -0.919  -14.421 7.994   1.00 31.71 ? 186 HIS B CE1 1 
ATOM   951  N  NE2 . HIS B 2 74 ? -1.254  -15.465 7.260   1.00 31.59 ? 186 HIS B NE2 1 
ATOM   952  N  N   . MET B 2 75 ? 0.624   -11.625 2.280   1.00 34.80 ? 187 MET B N   1 
ATOM   953  C  CA  . MET B 2 75 ? 0.732   -10.556 1.298   1.00 35.83 ? 187 MET B CA  1 
ATOM   954  C  C   . MET B 2 75 ? 0.904   -11.128 -0.099  1.00 36.76 ? 187 MET B C   1 
ATOM   955  O  O   . MET B 2 75 ? 0.234   -10.729 -1.050  1.00 35.42 ? 187 MET B O   1 
ATOM   956  C  CB  . MET B 2 75 ? 1.941   -9.683  1.616   1.00 36.59 ? 187 MET B CB  1 
ATOM   957  C  CG  . MET B 2 75 ? 1.969   -9.126  3.019   1.00 38.89 ? 187 MET B CG  1 
ATOM   958  S  SD  . MET B 2 75 ? 0.758   -7.838  3.284   1.00 41.82 ? 187 MET B SD  1 
ATOM   959  C  CE  . MET B 2 75 ? 1.492   -6.498  2.354   1.00 40.20 ? 187 MET B CE  1 
ATOM   960  N  N   . ARG B 2 76 ? 1.828   -12.063 -0.220  1.00 36.67 ? 188 ARG B N   1 
ATOM   961  C  CA  . ARG B 2 76 ? 2.077   -12.648 -1.500  1.00 37.10 ? 188 ARG B CA  1 
ATOM   962  C  C   . ARG B 2 76 ? 0.915   -13.475 -1.978  1.00 37.28 ? 188 ARG B C   1 
ATOM   963  O  O   . ARG B 2 76 ? 0.604   -13.447 -3.156  1.00 37.84 ? 188 ARG B O   1 
ATOM   964  C  CB  . ARG B 2 76 ? 3.371   -13.433 -1.450  1.00 37.17 ? 188 ARG B CB  1 
ATOM   965  C  CG  . ARG B 2 76 ? 4.534   -12.489 -1.228  1.00 41.55 ? 188 ARG B CG  1 
ATOM   966  C  CD  . ARG B 2 76 ? 5.834   -13.223 -1.067  1.00 45.55 ? 188 ARG B CD  1 
ATOM   967  N  NE  . ARG B 2 76 ? 5.734   -14.208 0.005   1.00 47.02 ? 188 ARG B NE  1 
ATOM   968  C  CZ  . ARG B 2 76 ? 6.691   -14.443 0.893   1.00 46.99 ? 188 ARG B CZ  1 
ATOM   969  N  NH1 . ARG B 2 76 ? 7.833   -13.767 0.833   1.00 46.07 ? 188 ARG B NH1 1 
ATOM   970  N  NH2 . ARG B 2 76 ? 6.502   -15.357 1.839   1.00 47.80 ? 188 ARG B NH2 1 
ATOM   971  N  N   . GLU B 2 77 ? 0.245   -14.187 -1.077  1.00 37.35 ? 189 GLU B N   1 
ATOM   972  C  CA  . GLU B 2 77 ? -0.908  -14.985 -1.493  1.00 36.93 ? 189 GLU B CA  1 
ATOM   973  C  C   . GLU B 2 77 ? -2.023  -14.065 -1.961  1.00 36.63 ? 189 GLU B C   1 
ATOM   974  O  O   . GLU B 2 77 ? -2.709  -14.353 -2.944  1.00 37.17 ? 189 GLU B O   1 
ATOM   975  C  CB  . GLU B 2 77 ? -1.412  -15.840 -0.344  1.00 38.21 ? 189 GLU B CB  1 
ATOM   976  C  CG  . GLU B 2 77 ? -2.600  -16.707 -0.682  1.00 39.15 ? 189 GLU B CG  1 
ATOM   977  C  CD  . GLU B 2 77 ? -2.403  -17.499 -1.966  1.00 41.90 ? 189 GLU B CD  1 
ATOM   978  O  OE1 . GLU B 2 77 ? -1.237  -17.790 -2.320  1.00 42.09 ? 189 GLU B OE1 1 
ATOM   979  O  OE2 . GLU B 2 77 ? -3.422  -17.852 -2.608  1.00 40.25 ? 189 GLU B OE2 1 
ATOM   980  N  N   . ALA B 2 78 ? -2.189  -12.952 -1.252  1.00 35.23 ? 190 ALA B N   1 
ATOM   981  C  CA  . ALA B 2 78 ? -3.206  -11.962 -1.580  1.00 34.06 ? 190 ALA B CA  1 
ATOM   982  C  C   . ALA B 2 78 ? -2.965  -11.403 -2.964  1.00 33.94 ? 190 ALA B C   1 
ATOM   983  O  O   . ALA B 2 78 ? -3.895  -11.215 -3.740  1.00 34.15 ? 190 ALA B O   1 
ATOM   984  C  CB  . ALA B 2 78 ? -3.174  -10.838 -0.576  1.00 34.36 ? 190 ALA B CB  1 
ATOM   985  N  N   . VAL B 2 79 ? -1.700  -11.131 -3.254  1.00 33.68 ? 191 VAL B N   1 
ATOM   986  C  CA  . VAL B 2 79 ? -1.302  -10.586 -4.529  1.00 33.65 ? 191 VAL B CA  1 
ATOM   987  C  C   . VAL B 2 79 ? -1.638  -11.533 -5.667  1.00 34.64 ? 191 VAL B C   1 
ATOM   988  O  O   . VAL B 2 79 ? -2.015  -11.091 -6.742  1.00 34.02 ? 191 VAL B O   1 
ATOM   989  C  CB  . VAL B 2 79 ? 0.190   -10.253 -4.522  1.00 33.99 ? 191 VAL B CB  1 
ATOM   990  C  CG1 . VAL B 2 79 ? 0.661   -9.867  -5.912  1.00 33.13 ? 191 VAL B CG1 1 
ATOM   991  C  CG2 . VAL B 2 79 ? 0.428   -9.101  -3.554  1.00 34.02 ? 191 VAL B CG2 1 
ATOM   992  N  N   . ARG B 2 80 ? -1.522  -12.832 -5.426  1.00 36.15 ? 192 ARG B N   1 
ATOM   993  C  CA  . ARG B 2 80 ? -1.846  -13.812 -6.453  1.00 38.02 ? 192 ARG B CA  1 
ATOM   994  C  C   . ARG B 2 80 ? -3.340  -13.852 -6.737  1.00 40.10 ? 192 ARG B C   1 
ATOM   995  O  O   . ARG B 2 80 ? -3.738  -14.033 -7.888  1.00 40.32 ? 192 ARG B O   1 
ATOM   996  C  CB  . ARG B 2 80 ? -1.378  -15.206 -6.051  1.00 37.33 ? 192 ARG B CB  1 
ATOM   997  C  CG  . ARG B 2 80 ? 0.118   -15.346 -5.970  1.00 37.31 ? 192 ARG B CG  1 
ATOM   998  C  CD  . ARG B 2 80 ? 0.523   -16.774 -5.681  1.00 37.44 ? 192 ARG B CD  1 
ATOM   999  N  NE  . ARG B 2 80 ? 1.967   -16.946 -5.770  1.00 35.57 ? 192 ARG B NE  1 
ATOM   1000 C  CZ  . ARG B 2 80 ? 2.579   -18.122 -5.754  1.00 35.90 ? 192 ARG B CZ  1 
ATOM   1001 N  NH1 . ARG B 2 80 ? 1.867   -19.237 -5.651  1.00 35.04 ? 192 ARG B NH1 1 
ATOM   1002 N  NH2 . ARG B 2 80 ? 3.900   -18.179 -5.863  1.00 35.76 ? 192 ARG B NH2 1 
ATOM   1003 N  N   . ARG B 2 81 ? -4.161  -13.683 -5.697  1.00 41.17 ? 193 ARG B N   1 
ATOM   1004 C  CA  . ARG B 2 81 ? -5.616  -13.703 -5.859  1.00 42.17 ? 193 ARG B CA  1 
ATOM   1005 C  C   . ARG B 2 81 ? -6.089  -12.439 -6.563  1.00 42.79 ? 193 ARG B C   1 
ATOM   1006 O  O   . ARG B 2 81 ? -6.945  -12.497 -7.451  1.00 43.61 ? 193 ARG B O   1 
ATOM   1007 C  CB  . ARG B 2 81 ? -6.332  -13.846 -4.505  1.00 42.31 ? 193 ARG B CB  1 
ATOM   1008 C  CG  . ARG B 2 81 ? -6.131  -15.187 -3.844  1.00 42.12 ? 193 ARG B CG  1 
ATOM   1009 C  CD  . ARG B 2 81 ? -6.888  -15.333 -2.541  1.00 44.07 ? 193 ARG B CD  1 
ATOM   1010 N  NE  . ARG B 2 81 ? -6.416  -16.532 -1.846  1.00 48.14 ? 193 ARG B NE  1 
ATOM   1011 C  CZ  . ARG B 2 81 ? -6.855  -16.985 -0.672  1.00 48.68 ? 193 ARG B CZ  1 
ATOM   1012 N  NH1 . ARG B 2 81 ? -7.807  -16.345 -0.004  1.00 50.44 ? 193 ARG B NH1 1 
ATOM   1013 N  NH2 . ARG B 2 81 ? -6.328  -18.091 -0.160  1.00 47.06 ? 193 ARG B NH2 1 
ATOM   1014 N  N   . LEU B 2 82 ? -5.535  -11.297 -6.165  1.00 42.10 ? 194 LEU B N   1 
ATOM   1015 C  CA  . LEU B 2 82 ? -5.899  -10.038 -6.796  1.00 41.89 ? 194 LEU B CA  1 
ATOM   1016 C  C   . LEU B 2 82 ? -5.592  -10.106 -8.293  1.00 41.43 ? 194 LEU B C   1 
ATOM   1017 O  O   . LEU B 2 82 ? -6.395  -9.661  -9.104  1.00 41.11 ? 194 LEU B O   1 
ATOM   1018 C  CB  . LEU B 2 82 ? -5.157  -8.862  -6.142  1.00 40.67 ? 194 LEU B CB  1 
ATOM   1019 C  CG  . LEU B 2 82 ? -5.648  -8.589  -4.721  1.00 43.41 ? 194 LEU B CG  1 
ATOM   1020 C  CD1 . LEU B 2 82 ? -4.899  -7.412  -4.087  1.00 41.86 ? 194 LEU B CD1 1 
ATOM   1021 C  CD2 . LEU B 2 82 ? -7.148  -8.299  -4.776  1.00 43.14 ? 194 LEU B CD2 1 
ATOM   1022 N  N   . LYS B 2 83 ? -4.437  -10.661 -8.658  1.00 41.39 ? 195 LYS B N   1 
ATOM   1023 C  CA  . LYS B 2 83 ? -4.077  -10.787 -10.068 1.00 41.95 ? 195 LYS B CA  1 
ATOM   1024 C  C   . LYS B 2 83 ? -5.052  -11.714 -10.789 1.00 42.84 ? 195 LYS B C   1 
ATOM   1025 O  O   . LYS B 2 83 ? -5.439  -11.447 -11.915 1.00 43.63 ? 195 LYS B O   1 
ATOM   1026 C  CB  . LYS B 2 83 ? -2.636  -11.289 -10.228 1.00 41.58 ? 195 LYS B CB  1 
ATOM   1027 C  CG  . LYS B 2 83 ? -1.583  -10.230 -9.879  1.00 42.38 ? 195 LYS B CG  1 
ATOM   1028 C  CD  . LYS B 2 83 ? -0.139  -10.730 -10.049 1.00 41.75 ? 195 LYS B CD  1 
ATOM   1029 C  CE  . LYS B 2 83 ? 0.880   -9.623  -9.733  1.00 41.51 ? 195 LYS B CE  1 
ATOM   1030 N  NZ  . LYS B 2 83 ? 2.310   -10.042 -9.779  1.00 40.52 ? 195 LYS B NZ  1 
ATOM   1031 N  N   . SER B 2 84 ? -5.466  -12.799 -10.144 1.00 44.02 ? 196 SER B N   1 
ATOM   1032 C  CA  . SER B 2 84 ? -6.433  -13.689 -10.776 1.00 45.39 ? 196 SER B CA  1 
ATOM   1033 C  C   . SER B 2 84 ? -7.726  -12.934 -11.035 1.00 45.27 ? 196 SER B C   1 
ATOM   1034 O  O   . SER B 2 84 ? -8.232  -12.944 -12.155 1.00 45.94 ? 196 SER B O   1 
ATOM   1035 C  CB  . SER B 2 84 ? -6.708  -14.905 -9.901  1.00 45.07 ? 196 SER B CB  1 
ATOM   1036 O  OG  . SER B 2 84 ? -5.549  -15.717 -9.844  1.00 48.99 ? 196 SER B OG  1 
ATOM   1037 N  N   . LYS B 2 85 ? -8.257  -12.284 -10.002 1.00 44.20 ? 197 LYS B N   1 
ATOM   1038 C  CA  . LYS B 2 85 ? -9.477  -11.502 -10.147 1.00 44.50 ? 197 LYS B CA  1 
ATOM   1039 C  C   . LYS B 2 85 ? -9.210  -10.363 -11.123 1.00 45.18 ? 197 LYS B C   1 
ATOM   1040 O  O   . LYS B 2 85 ? -10.119 -9.635  -11.515 1.00 45.90 ? 197 LYS B O   1 
ATOM   1041 C  CB  . LYS B 2 85 ? -9.895  -10.916 -8.801  1.00 44.50 ? 197 LYS B CB  1 
ATOM   1042 C  CG  . LYS B 2 85 ? -10.231 -11.936 -7.760  1.00 44.28 ? 197 LYS B CG  1 
ATOM   1043 C  CD  . LYS B 2 85 ? -10.456 -11.256 -6.430  1.00 46.92 ? 197 LYS B CD  1 
ATOM   1044 C  CE  . LYS B 2 85 ? -10.787 -12.264 -5.346  1.00 49.41 ? 197 LYS B CE  1 
ATOM   1045 N  NZ  . LYS B 2 85 ? -9.734  -13.328 -5.235  1.00 51.46 ? 197 LYS B NZ  1 
ATOM   1046 N  N   . GLY B 2 86 ? -7.946  -10.208 -11.498 1.00 45.71 ? 198 GLY B N   1 
ATOM   1047 C  CA  . GLY B 2 86 ? -7.559  -9.160  -12.420 1.00 45.85 ? 198 GLY B CA  1 
ATOM   1048 C  C   . GLY B 2 86 ? -7.846  -7.763  -11.909 1.00 47.88 ? 198 GLY B C   1 
ATOM   1049 O  O   . GLY B 2 86 ? -7.986  -6.834  -12.711 1.00 48.33 ? 198 GLY B O   1 
ATOM   1050 N  N   . GLN B 2 87 ? -7.926  -7.588  -10.585 1.00 48.18 ? 199 GLN B N   1 
ATOM   1051 C  CA  . GLN B 2 87 ? -8.210  -6.266  -10.052 1.00 47.71 ? 199 GLN B CA  1 
ATOM   1052 C  C   . GLN B 2 87 ? -7.001  -5.403  -9.721  1.00 46.43 ? 199 GLN B C   1 
ATOM   1053 O  O   . GLN B 2 87 ? -7.156  -4.223  -9.407  1.00 46.02 ? 199 GLN B O   1 
ATOM   1054 C  CB  . GLN B 2 87 ? -9.167  -6.351  -8.864  1.00 49.68 ? 199 GLN B CB  1 
ATOM   1055 C  CG  . GLN B 2 87 ? -8.704  -7.094  -7.644  1.00 52.88 ? 199 GLN B CG  1 
ATOM   1056 C  CD  . GLN B 2 87 ? -9.830  -7.172  -6.606  1.00 54.85 ? 199 GLN B CD  1 
ATOM   1057 O  OE1 . GLN B 2 87 ? -10.889 -7.766  -6.869  1.00 54.63 ? 199 GLN B OE1 1 
ATOM   1058 N  NE2 . GLN B 2 87 ? -9.619  -6.553  -5.436  1.00 55.58 ? 199 GLN B NE2 1 
ATOM   1059 N  N   . ILE B 2 88 ? -5.801  -5.978  -9.769  1.00 45.59 ? 200 ILE B N   1 
ATOM   1060 C  CA  . ILE B 2 88 ? -4.593  -5.188  -9.564  1.00 46.22 ? 200 ILE B CA  1 
ATOM   1061 C  C   . ILE B 2 88 ? -3.733  -5.516  -10.755 1.00 46.20 ? 200 ILE B C   1 
ATOM   1062 O  O   . ILE B 2 88 ? -3.852  -6.588  -11.325 1.00 45.03 ? 200 ILE B O   1 
ATOM   1063 C  CB  . ILE B 2 88 ? -3.757  -5.545  -8.289  1.00 46.42 ? 200 ILE B CB  1 
ATOM   1064 C  CG1 . ILE B 2 88 ? -3.354  -7.017  -8.322  1.00 47.46 ? 200 ILE B CG1 1 
ATOM   1065 C  CG2 . ILE B 2 88 ? -4.500  -5.154  -7.031  1.00 44.77 ? 200 ILE B CG2 1 
ATOM   1066 C  CD1 . ILE B 2 88 ? -2.379  -7.432  -7.217  1.00 46.64 ? 200 ILE B CD1 1 
ATOM   1067 N  N   . PRO B 2 89 ? -2.892  -4.571  -11.186 1.00 48.24 ? 201 PRO B N   1 
ATOM   1068 C  CA  . PRO B 2 89 ? -2.019  -4.818  -12.328 1.00 50.38 ? 201 PRO B CA  1 
ATOM   1069 C  C   . PRO B 2 89 ? -1.002  -5.926  -12.011 1.00 52.55 ? 201 PRO B C   1 
ATOM   1070 O  O   . PRO B 2 89 ? -1.154  -6.604  -10.964 1.00 54.23 ? 201 PRO B O   1 
ATOM   1071 C  CB  . PRO B 2 89 ? -1.372  -3.449  -12.549 1.00 49.08 ? 201 PRO B CB  1 
ATOM   1072 C  CG  . PRO B 2 89 ? -1.319  -2.893  -11.160 1.00 48.04 ? 201 PRO B CG  1 
ATOM   1073 C  CD  . PRO B 2 89 ? -2.725  -3.182  -10.725 1.00 48.57 ? 201 PRO B CD  1 
ATOM   1074 O  OXT . PRO B 2 89 ? -0.066  -6.116  -12.815 1.00 54.50 ? 201 PRO B OXT 1 
HETATM 1075 C  C1  . PMB C 3 .  ? -10.437 -11.513 11.528  1.00 52.10 ? 300 PMB B C1  1 
HETATM 1076 C  C2  . PMB C 3 .  ? -9.598  -10.805 10.636  1.00 50.45 ? 300 PMB B C2  1 
HETATM 1077 C  C3  . PMB C 3 .  ? -8.331  -11.322 10.268  1.00 50.26 ? 300 PMB B C3  1 
HETATM 1078 C  C4  . PMB C 3 .  ? -7.913  -12.554 10.788  1.00 50.62 ? 300 PMB B C4  1 
HETATM 1079 C  C5  . PMB C 3 .  ? -8.739  -13.272 11.689  1.00 50.32 ? 300 PMB B C5  1 
HETATM 1080 C  C6  . PMB C 3 .  ? -9.997  -12.750 12.065  1.00 51.22 ? 300 PMB B C6  1 
HETATM 1081 S  S1  . PMB C 3 .  ? -12.038 -10.831 12.007  1.00 54.64 ? 300 PMB B S1  1 
HETATM 1082 O  O1  . PMB C 3 .  ? -12.809 -10.746 10.765  1.00 53.01 ? 300 PMB B O1  1 
HETATM 1083 O  O2  . PMB C 3 .  ? -11.755 -9.511  12.636  1.00 51.53 ? 300 PMB B O2  1 
HETATM 1084 O  O3  . PMB C 3 .  ? -12.618 -11.776 12.957  1.00 53.66 ? 300 PMB B O3  1 
HETATM 1085 HG HG  . PMB C 3 .  ? -6.227  -13.045 10.185  1.00 50.26 ? 300 PMB B HG  1 
HETATM 1086 O  O   . HOH D 4 .  ? 0.086   4.227   13.488  1.00 46.85 ? 350 HOH A O   1 
HETATM 1087 O  O   . HOH D 4 .  ? 7.690   4.035   -20.054 1.00 35.41 ? 400 HOH A O   1 
HETATM 1088 O  O   . HOH D 4 .  ? 7.567   -12.810 8.999   1.00 47.70 ? 404 HOH A O   1 
HETATM 1089 O  O   . HOH D 4 .  ? 2.531   -0.658  14.157  1.00 48.77 ? 415 HOH A O   1 
HETATM 1090 O  O   . HOH D 4 .  ? 5.069   -12.958 16.975  1.00 47.85 ? 417 HOH A O   1 
HETATM 1091 O  O   . HOH D 4 .  ? 9.833   -9.768  12.995  1.00 53.38 ? 418 HOH A O   1 
HETATM 1092 O  O   . HOH D 4 .  ? 3.505   -8.134  -7.891  1.00 54.58 ? 419 HOH A O   1 
HETATM 1093 O  O   . HOH D 4 .  ? 11.491  1.434   -10.359 1.00 53.54 ? 420 HOH A O   1 
HETATM 1094 O  O   . HOH D 4 .  ? 8.492   6.277   5.873   1.00 55.86 ? 436 HOH A O   1 
HETATM 1095 O  O   . HOH D 4 .  ? 14.405  3.054   2.500   1.00 48.15 ? 442 HOH A O   1 
HETATM 1096 O  O   . HOH D 4 .  ? 3.284   -4.160  -7.132  1.00 51.35 ? 444 HOH A O   1 
HETATM 1097 O  O   . HOH D 4 .  ? 8.792   -2.542  10.134  1.00 41.55 ? 447 HOH A O   1 
HETATM 1098 O  O   . HOH D 4 .  ? 12.267  -3.465  1.149   1.00 48.18 ? 451 HOH A O   1 
HETATM 1099 O  O   . HOH D 4 .  ? 10.564  -4.832  -5.675  1.00 48.50 ? 452 HOH A O   1 
HETATM 1100 O  O   . HOH D 4 .  ? 3.199   -4.386  -18.428 1.00 49.95 ? 453 HOH A O   1 
HETATM 1101 O  O   . HOH E 4 .  ? 0.567   8.185   10.472  1.00 23.43 ? 351 HOH B O   1 
HETATM 1102 O  O   . HOH E 4 .  ? -6.788  7.134   -1.115  1.00 36.44 ? 401 HOH B O   1 
HETATM 1103 O  O   . HOH E 4 .  ? 0.176   -13.336 11.629  1.00 41.84 ? 402 HOH B O   1 
HETATM 1104 O  O   . HOH E 4 .  ? 5.362   -15.786 5.942   1.00 32.07 ? 403 HOH B O   1 
HETATM 1105 O  O   . HOH E 4 .  ? 15.494  13.505  -13.725 1.00 55.63 ? 405 HOH B O   1 
HETATM 1106 O  O   . HOH E 4 .  ? -2.882  12.070  -2.099  1.00 51.70 ? 406 HOH B O   1 
HETATM 1107 O  O   . HOH E 4 .  ? -9.986  -1.507  1.023   1.00 39.27 ? 407 HOH B O   1 
HETATM 1108 O  O   . HOH E 4 .  ? 0.831   -18.594 -1.464  1.00 39.26 ? 408 HOH B O   1 
HETATM 1109 O  O   . HOH E 4 .  ? -4.952  9.513   18.729  1.00 61.95 ? 409 HOH B O   1 
HETATM 1110 O  O   . HOH E 4 .  ? -1.548  -19.622 -5.364  1.00 48.98 ? 410 HOH B O   1 
HETATM 1111 O  O   . HOH E 4 .  ? -7.079  9.225   2.014   1.00 44.60 ? 411 HOH B O   1 
HETATM 1112 O  O   . HOH E 4 .  ? 0.920   -18.723 12.076  1.00 46.53 ? 412 HOH B O   1 
HETATM 1113 O  O   . HOH E 4 .  ? -2.816  4.482   24.344  1.00 47.84 ? 413 HOH B O   1 
HETATM 1114 O  O   . HOH E 4 .  ? -14.624 -14.853 8.399   1.00 42.84 ? 414 HOH B O   1 
HETATM 1115 O  O   . HOH E 4 .  ? -5.330  -4.672  16.446  1.00 40.84 ? 416 HOH B O   1 
HETATM 1116 O  O   . HOH E 4 .  ? -13.785 11.630  8.157   1.00 52.12 ? 421 HOH B O   1 
HETATM 1117 O  O   . HOH E 4 .  ? 18.757  9.852   -3.864  1.00 49.83 ? 422 HOH B O   1 
HETATM 1118 O  O   . HOH E 4 .  ? -0.335  8.452   0.341   1.00 53.89 ? 423 HOH B O   1 
HETATM 1119 O  O   . HOH E 4 .  ? -0.014  -21.068 6.116   1.00 54.47 ? 424 HOH B O   1 
HETATM 1120 O  O   . HOH E 4 .  ? -14.287 -17.179 6.980   1.00 54.04 ? 425 HOH B O   1 
HETATM 1121 O  O   . HOH E 4 .  ? -11.233 -7.481  8.496   1.00 43.56 ? 426 HOH B O   1 
HETATM 1122 O  O   . HOH E 4 .  ? -7.751  5.038   0.577   1.00 44.53 ? 427 HOH B O   1 
HETATM 1123 O  O   . HOH E 4 .  ? -1.147  -15.043 -10.494 1.00 47.20 ? 428 HOH B O   1 
HETATM 1124 O  O   . HOH E 4 .  ? -4.914  9.621   0.510   1.00 40.23 ? 429 HOH B O   1 
HETATM 1125 O  O   . HOH E 4 .  ? -9.178  -0.116  -1.382  1.00 39.27 ? 430 HOH B O   1 
HETATM 1126 O  O   . HOH E 4 .  ? -3.513  9.974   16.751  1.00 42.24 ? 431 HOH B O   1 
HETATM 1127 O  O   . HOH E 4 .  ? -2.487  9.708   0.108   1.00 44.74 ? 432 HOH B O   1 
HETATM 1128 O  O   . HOH E 4 .  ? -5.045  14.616  13.675  1.00 49.11 ? 433 HOH B O   1 
HETATM 1129 O  O   . HOH E 4 .  ? -9.074  -14.648 -0.880  1.00 48.76 ? 434 HOH B O   1 
HETATM 1130 O  O   . HOH E 4 .  ? -8.576  -17.433 11.244  1.00 37.30 ? 435 HOH B O   1 
HETATM 1131 O  O   . HOH E 4 .  ? 2.091   -7.143  9.490   1.00 54.87 ? 437 HOH B O   1 
HETATM 1132 O  O   . HOH E 4 .  ? -14.613 3.509   25.095  1.00 40.63 ? 438 HOH B O   1 
HETATM 1133 O  O   . HOH E 4 .  ? -3.822  -11.087 17.089  1.00 46.02 ? 439 HOH B O   1 
HETATM 1134 O  O   . HOH E 4 .  ? -8.707  7.219   2.214   1.00 57.85 ? 440 HOH B O   1 
HETATM 1135 O  O   . HOH E 4 .  ? -10.697 -2.348  -1.606  1.00 53.27 ? 441 HOH B O   1 
HETATM 1136 O  O   . HOH E 4 .  ? 3.074   -5.310  -12.606 1.00 41.40 ? 443 HOH B O   1 
HETATM 1137 O  O   . HOH E 4 .  ? -13.976 -3.018  18.458  1.00 37.97 ? 445 HOH B O   1 
HETATM 1138 O  O   . HOH E 4 .  ? -7.039  15.946  13.511  1.00 54.69 ? 446 HOH B O   1 
HETATM 1139 O  O   . HOH E 4 .  ? -10.221 2.066   25.561  1.00 44.66 ? 448 HOH B O   1 
HETATM 1140 O  O   . HOH E 4 .  ? -5.423  7.550   24.285  1.00 47.56 ? 449 HOH B O   1 
HETATM 1141 O  O   . HOH E 4 .  ? -12.063 -2.749  16.346  1.00 52.56 ? 450 HOH B O   1 
HETATM 1142 O  O   . HOH E 4 .  ? -9.257  -2.330  -7.995  1.00 56.29 ? 454 HOH B O   1 
HETATM 1143 O  O   . HOH E 4 .  ? -10.953 -8.963  -4.607  1.00 56.24 ? 455 HOH B O   1 
HETATM 1144 O  O   . HOH E 4 .  ? -15.731 -16.455 10.790  1.00 58.28 ? 456 HOH B O   1 
HETATM 1145 O  O   . HOH E 4 .  ? -1.061  -20.706 12.981  1.00 55.73 ? 457 HOH B O   1 
HETATM 1146 O  O   . HOH E 4 .  ? 6.989   -16.915 4.346   1.00 57.25 ? 458 HOH B O   1 
HETATM 1147 O  O   . HOH E 4 .  ? 2.207   -17.526 0.454   1.00 47.04 ? 459 HOH B O   1 
HETATM 1148 O  O   . HOH E 4 .  ? -1.296  -14.916 10.475  1.00 58.62 ? 460 HOH B O   1 
HETATM 1149 O  O   . HOH E 4 .  ? -3.820  -14.563 -11.874 1.00 59.92 ? 461 HOH B O   1 
# 
